data_7NGR
# 
_entry.id   7NGR 
# 
_audit_conform.dict_name       mmcif_pdbx.dic 
_audit_conform.dict_version    5.384 
_audit_conform.dict_location   http://mmcif.pdb.org/dictionaries/ascii/mmcif_pdbx.dic 
# 
loop_
_database_2.database_id 
_database_2.database_code 
_database_2.pdbx_database_accession 
_database_2.pdbx_DOI 
PDB   7NGR         pdb_00007ngr 10.2210/pdb7ngr/pdb 
WWPDB D_1292113953 ?            ?                   
# 
loop_
_pdbx_audit_revision_history.ordinal 
_pdbx_audit_revision_history.data_content_type 
_pdbx_audit_revision_history.major_revision 
_pdbx_audit_revision_history.minor_revision 
_pdbx_audit_revision_history.revision_date 
1 'Structure model' 1 0 2022-02-23 
2 'Structure model' 1 1 2024-01-31 
# 
_pdbx_audit_revision_details.ordinal             1 
_pdbx_audit_revision_details.revision_ordinal    1 
_pdbx_audit_revision_details.data_content_type   'Structure model' 
_pdbx_audit_revision_details.provider            repository 
_pdbx_audit_revision_details.type                'Initial release' 
_pdbx_audit_revision_details.description         ? 
_pdbx_audit_revision_details.details             ? 
# 
loop_
_pdbx_audit_revision_group.ordinal 
_pdbx_audit_revision_group.revision_ordinal 
_pdbx_audit_revision_group.data_content_type 
_pdbx_audit_revision_group.group 
1 2 'Structure model' 'Data collection'        
2 2 'Structure model' 'Refinement description' 
# 
loop_
_pdbx_audit_revision_category.ordinal 
_pdbx_audit_revision_category.revision_ordinal 
_pdbx_audit_revision_category.data_content_type 
_pdbx_audit_revision_category.category 
1 2 'Structure model' chem_comp_atom                
2 2 'Structure model' chem_comp_bond                
3 2 'Structure model' pdbx_initial_refinement_model 
# 
_pdbx_database_status.status_code                     REL 
_pdbx_database_status.status_code_sf                  REL 
_pdbx_database_status.status_code_mr                  ? 
_pdbx_database_status.entry_id                        7NGR 
_pdbx_database_status.recvd_initial_deposition_date   2021-02-09 
_pdbx_database_status.SG_entry                        N 
_pdbx_database_status.deposit_site                    PDBE 
_pdbx_database_status.process_site                    PDBE 
_pdbx_database_status.status_code_cs                  ? 
_pdbx_database_status.status_code_nmr_data            ? 
_pdbx_database_status.methods_development_category    ? 
_pdbx_database_status.pdb_format_compatible           Y 
# 
loop_
_pdbx_database_related.db_name 
_pdbx_database_related.details 
_pdbx_database_related.db_id 
_pdbx_database_related.content_type 
PDB 'related ligands' 5NGD unspecified 
PDB 'related ligands' 5NGG unspecified 
PDB 'related ligands' 5NGI unspecified 
PDB 'related ligands' 5NGJ unspecified 
PDB 'related ligands' 5NGK unspecified 
PDB 'related ligands' 5NGM unspecified 
PDB 'related ligands' 5NGN unspecified 
PDB 'related ligands' 5NGO unspecified 
# 
loop_
_audit_author.name 
_audit_author.pdbx_ordinal 
_audit_author.identifier_ORCID 
'Tomlinson, C.W.E.' 1 0000-0002-1845-6028 
'Tatum, N.J.'       2 0000-0003-3878-9265 
'Pohl, E.'          3 0000-0002-9949-4471 
# 
_citation.abstract                  ? 
_citation.abstract_id_CAS           ? 
_citation.book_id_ISBN              ? 
_citation.book_publisher            ? 
_citation.book_publisher_city       ? 
_citation.book_title                ? 
_citation.coordinate_linkage        ? 
_citation.country                   ? 
_citation.database_id_Medline       ? 
_citation.details                   ? 
_citation.id                        primary 
_citation.journal_abbrev            'To Be Published' 
_citation.journal_id_ASTM           ? 
_citation.journal_id_CSD            0353 
_citation.journal_id_ISSN           ? 
_citation.journal_full              ? 
_citation.journal_issue             ? 
_citation.journal_volume            ? 
_citation.language                  ? 
_citation.page_first                ? 
_citation.page_last                 ? 
_citation.title                     
'Systematic exploration of the hydrophobic capacity of the EthR binding site for lead compound optimization' 
_citation.year                      ? 
_citation.database_id_CSD           ? 
_citation.pdbx_database_id_DOI      ? 
_citation.pdbx_database_id_PubMed   ? 
_citation.unpublished_flag          ? 
# 
loop_
_citation_author.citation_id 
_citation_author.name 
_citation_author.ordinal 
_citation_author.identifier_ORCID 
primary 'Tatum, N.J.'       1 ? 
primary 'Tomlinson, C.W.E.' 2 ? 
primary 'Frita, R.'         3 ? 
primary 'Bennett, R.'       4 ? 
primary 'Baulard, A.R.'     5 ? 
primary 'Pohl, E.'          6 ? 
primary 'Kitching, M.O.'    7 ? 
# 
loop_
_entity.id 
_entity.type 
_entity.src_method 
_entity.pdbx_description 
_entity.formula_weight 
_entity.pdbx_number_of_molecules 
_entity.pdbx_ec 
_entity.pdbx_mutation 
_entity.pdbx_fragment 
_entity.details 
1 polymer     man 'HTH-type transcriptional regulator EthR'                           23781.705 1  ? ? ? ? 
2 non-polymer syn '4-methyl-~{N}-[4-(trifluoromethyl)phenyl]piperidine-1-carboxamide' 286.293   1  ? ? ? ? 
3 water       nat water                                                               18.015    43 ? ? ? ? 
# 
_entity_poly.entity_id                      1 
_entity_poly.type                           'polypeptide(L)' 
_entity_poly.nstd_linkage                   no 
_entity_poly.nstd_monomer                   no 
_entity_poly.pdbx_seq_one_letter_code       
;MTTSAASQASLPRGRRTARPSGDDRELAILATAENLLEDRPLADISVDDLAKGAGISRPTFYFYFPSKEAVLLTLLDRVV
NQADMALQTLAENPADTDRENMWRTGINVFFETFGSHKAVTRAGQAARATSVEVAELWSTFMQKWIAYTAAVIDAERDRG
AAPRTLPAHELATALNLMNERTLFASFAGEQPSVPEARVLDTLVHIWVTSIYGENR
;
_entity_poly.pdbx_seq_one_letter_code_can   
;MTTSAASQASLPRGRRTARPSGDDRELAILATAENLLEDRPLADISVDDLAKGAGISRPTFYFYFPSKEAVLLTLLDRVV
NQADMALQTLAENPADTDRENMWRTGINVFFETFGSHKAVTRAGQAARATSVEVAELWSTFMQKWIAYTAAVIDAERDRG
AAPRTLPAHELATALNLMNERTLFASFAGEQPSVPEARVLDTLVHIWVTSIYGENR
;
_entity_poly.pdbx_strand_id                 A 
_entity_poly.pdbx_target_identifier         ? 
# 
loop_
_pdbx_entity_nonpoly.entity_id 
_pdbx_entity_nonpoly.name 
_pdbx_entity_nonpoly.comp_id 
2 '4-methyl-~{N}-[4-(trifluoromethyl)phenyl]piperidine-1-carboxamide' U9Z 
3 water                                                               HOH 
# 
loop_
_entity_poly_seq.entity_id 
_entity_poly_seq.num 
_entity_poly_seq.mon_id 
_entity_poly_seq.hetero 
1 1   MET n 
1 2   THR n 
1 3   THR n 
1 4   SER n 
1 5   ALA n 
1 6   ALA n 
1 7   SER n 
1 8   GLN n 
1 9   ALA n 
1 10  SER n 
1 11  LEU n 
1 12  PRO n 
1 13  ARG n 
1 14  GLY n 
1 15  ARG n 
1 16  ARG n 
1 17  THR n 
1 18  ALA n 
1 19  ARG n 
1 20  PRO n 
1 21  SER n 
1 22  GLY n 
1 23  ASP n 
1 24  ASP n 
1 25  ARG n 
1 26  GLU n 
1 27  LEU n 
1 28  ALA n 
1 29  ILE n 
1 30  LEU n 
1 31  ALA n 
1 32  THR n 
1 33  ALA n 
1 34  GLU n 
1 35  ASN n 
1 36  LEU n 
1 37  LEU n 
1 38  GLU n 
1 39  ASP n 
1 40  ARG n 
1 41  PRO n 
1 42  LEU n 
1 43  ALA n 
1 44  ASP n 
1 45  ILE n 
1 46  SER n 
1 47  VAL n 
1 48  ASP n 
1 49  ASP n 
1 50  LEU n 
1 51  ALA n 
1 52  LYS n 
1 53  GLY n 
1 54  ALA n 
1 55  GLY n 
1 56  ILE n 
1 57  SER n 
1 58  ARG n 
1 59  PRO n 
1 60  THR n 
1 61  PHE n 
1 62  TYR n 
1 63  PHE n 
1 64  TYR n 
1 65  PHE n 
1 66  PRO n 
1 67  SER n 
1 68  LYS n 
1 69  GLU n 
1 70  ALA n 
1 71  VAL n 
1 72  LEU n 
1 73  LEU n 
1 74  THR n 
1 75  LEU n 
1 76  LEU n 
1 77  ASP n 
1 78  ARG n 
1 79  VAL n 
1 80  VAL n 
1 81  ASN n 
1 82  GLN n 
1 83  ALA n 
1 84  ASP n 
1 85  MET n 
1 86  ALA n 
1 87  LEU n 
1 88  GLN n 
1 89  THR n 
1 90  LEU n 
1 91  ALA n 
1 92  GLU n 
1 93  ASN n 
1 94  PRO n 
1 95  ALA n 
1 96  ASP n 
1 97  THR n 
1 98  ASP n 
1 99  ARG n 
1 100 GLU n 
1 101 ASN n 
1 102 MET n 
1 103 TRP n 
1 104 ARG n 
1 105 THR n 
1 106 GLY n 
1 107 ILE n 
1 108 ASN n 
1 109 VAL n 
1 110 PHE n 
1 111 PHE n 
1 112 GLU n 
1 113 THR n 
1 114 PHE n 
1 115 GLY n 
1 116 SER n 
1 117 HIS n 
1 118 LYS n 
1 119 ALA n 
1 120 VAL n 
1 121 THR n 
1 122 ARG n 
1 123 ALA n 
1 124 GLY n 
1 125 GLN n 
1 126 ALA n 
1 127 ALA n 
1 128 ARG n 
1 129 ALA n 
1 130 THR n 
1 131 SER n 
1 132 VAL n 
1 133 GLU n 
1 134 VAL n 
1 135 ALA n 
1 136 GLU n 
1 137 LEU n 
1 138 TRP n 
1 139 SER n 
1 140 THR n 
1 141 PHE n 
1 142 MET n 
1 143 GLN n 
1 144 LYS n 
1 145 TRP n 
1 146 ILE n 
1 147 ALA n 
1 148 TYR n 
1 149 THR n 
1 150 ALA n 
1 151 ALA n 
1 152 VAL n 
1 153 ILE n 
1 154 ASP n 
1 155 ALA n 
1 156 GLU n 
1 157 ARG n 
1 158 ASP n 
1 159 ARG n 
1 160 GLY n 
1 161 ALA n 
1 162 ALA n 
1 163 PRO n 
1 164 ARG n 
1 165 THR n 
1 166 LEU n 
1 167 PRO n 
1 168 ALA n 
1 169 HIS n 
1 170 GLU n 
1 171 LEU n 
1 172 ALA n 
1 173 THR n 
1 174 ALA n 
1 175 LEU n 
1 176 ASN n 
1 177 LEU n 
1 178 MET n 
1 179 ASN n 
1 180 GLU n 
1 181 ARG n 
1 182 THR n 
1 183 LEU n 
1 184 PHE n 
1 185 ALA n 
1 186 SER n 
1 187 PHE n 
1 188 ALA n 
1 189 GLY n 
1 190 GLU n 
1 191 GLN n 
1 192 PRO n 
1 193 SER n 
1 194 VAL n 
1 195 PRO n 
1 196 GLU n 
1 197 ALA n 
1 198 ARG n 
1 199 VAL n 
1 200 LEU n 
1 201 ASP n 
1 202 THR n 
1 203 LEU n 
1 204 VAL n 
1 205 HIS n 
1 206 ILE n 
1 207 TRP n 
1 208 VAL n 
1 209 THR n 
1 210 SER n 
1 211 ILE n 
1 212 TYR n 
1 213 GLY n 
1 214 GLU n 
1 215 ASN n 
1 216 ARG n 
# 
_entity_src_gen.entity_id                          1 
_entity_src_gen.pdbx_src_id                        1 
_entity_src_gen.pdbx_alt_source_flag               sample 
_entity_src_gen.pdbx_seq_type                      'Biological sequence' 
_entity_src_gen.pdbx_beg_seq_num                   1 
_entity_src_gen.pdbx_end_seq_num                   216 
_entity_src_gen.gene_src_common_name               ? 
_entity_src_gen.gene_src_genus                     ? 
_entity_src_gen.pdbx_gene_src_gene                 'ethR, etaR, Rv3855' 
_entity_src_gen.gene_src_species                   ? 
_entity_src_gen.gene_src_strain                    ? 
_entity_src_gen.gene_src_tissue                    ? 
_entity_src_gen.gene_src_tissue_fraction           ? 
_entity_src_gen.gene_src_details                   ? 
_entity_src_gen.pdbx_gene_src_fragment             ? 
_entity_src_gen.pdbx_gene_src_scientific_name      'Mycobacterium tuberculosis' 
_entity_src_gen.pdbx_gene_src_ncbi_taxonomy_id     1773 
_entity_src_gen.pdbx_gene_src_variant              ? 
_entity_src_gen.pdbx_gene_src_cell_line            ? 
_entity_src_gen.pdbx_gene_src_atcc                 ? 
_entity_src_gen.pdbx_gene_src_organ                ? 
_entity_src_gen.pdbx_gene_src_organelle            ? 
_entity_src_gen.pdbx_gene_src_cell                 ? 
_entity_src_gen.pdbx_gene_src_cellular_location    ? 
_entity_src_gen.host_org_common_name               ? 
_entity_src_gen.pdbx_host_org_scientific_name      'Escherichia coli BL21(DE3)' 
_entity_src_gen.pdbx_host_org_ncbi_taxonomy_id     469008 
_entity_src_gen.host_org_genus                     ? 
_entity_src_gen.pdbx_host_org_gene                 ? 
_entity_src_gen.pdbx_host_org_organ                ? 
_entity_src_gen.host_org_species                   ? 
_entity_src_gen.pdbx_host_org_tissue               ? 
_entity_src_gen.pdbx_host_org_tissue_fraction      ? 
_entity_src_gen.pdbx_host_org_strain               ? 
_entity_src_gen.pdbx_host_org_variant              ? 
_entity_src_gen.pdbx_host_org_cell_line            ? 
_entity_src_gen.pdbx_host_org_atcc                 ? 
_entity_src_gen.pdbx_host_org_culture_collection   ? 
_entity_src_gen.pdbx_host_org_cell                 ? 
_entity_src_gen.pdbx_host_org_organelle            ? 
_entity_src_gen.pdbx_host_org_cellular_location    ? 
_entity_src_gen.pdbx_host_org_vector_type          ? 
_entity_src_gen.pdbx_host_org_vector               ? 
_entity_src_gen.host_org_details                   ? 
_entity_src_gen.expression_system_id               ? 
_entity_src_gen.plasmid_name                       ? 
_entity_src_gen.plasmid_details                    ? 
_entity_src_gen.pdbx_description                   ? 
# 
loop_
_chem_comp.id 
_chem_comp.type 
_chem_comp.mon_nstd_flag 
_chem_comp.name 
_chem_comp.pdbx_synonyms 
_chem_comp.formula 
_chem_comp.formula_weight 
ALA 'L-peptide linking' y ALANINE                                                             ? 'C3 H7 N O2'      89.093  
ARG 'L-peptide linking' y ARGININE                                                            ? 'C6 H15 N4 O2 1'  175.209 
ASN 'L-peptide linking' y ASPARAGINE                                                          ? 'C4 H8 N2 O3'     132.118 
ASP 'L-peptide linking' y 'ASPARTIC ACID'                                                     ? 'C4 H7 N O4'      133.103 
GLN 'L-peptide linking' y GLUTAMINE                                                           ? 'C5 H10 N2 O3'    146.144 
GLU 'L-peptide linking' y 'GLUTAMIC ACID'                                                     ? 'C5 H9 N O4'      147.129 
GLY 'peptide linking'   y GLYCINE                                                             ? 'C2 H5 N O2'      75.067  
HIS 'L-peptide linking' y HISTIDINE                                                           ? 'C6 H10 N3 O2 1'  156.162 
HOH non-polymer         . WATER                                                               ? 'H2 O'            18.015  
ILE 'L-peptide linking' y ISOLEUCINE                                                          ? 'C6 H13 N O2'     131.173 
LEU 'L-peptide linking' y LEUCINE                                                             ? 'C6 H13 N O2'     131.173 
LYS 'L-peptide linking' y LYSINE                                                              ? 'C6 H15 N2 O2 1'  147.195 
MET 'L-peptide linking' y METHIONINE                                                          ? 'C5 H11 N O2 S'   149.211 
PHE 'L-peptide linking' y PHENYLALANINE                                                       ? 'C9 H11 N O2'     165.189 
PRO 'L-peptide linking' y PROLINE                                                             ? 'C5 H9 N O2'      115.130 
SER 'L-peptide linking' y SERINE                                                              ? 'C3 H7 N O3'      105.093 
THR 'L-peptide linking' y THREONINE                                                           ? 'C4 H9 N O3'      119.119 
TRP 'L-peptide linking' y TRYPTOPHAN                                                          ? 'C11 H12 N2 O2'   204.225 
TYR 'L-peptide linking' y TYROSINE                                                            ? 'C9 H11 N O3'     181.189 
U9Z non-polymer         . '4-methyl-~{N}-[4-(trifluoromethyl)phenyl]piperidine-1-carboxamide' ? 'C14 H17 F3 N2 O' 286.293 
VAL 'L-peptide linking' y VALINE                                                              ? 'C5 H11 N O2'     117.146 
# 
loop_
_pdbx_poly_seq_scheme.asym_id 
_pdbx_poly_seq_scheme.entity_id 
_pdbx_poly_seq_scheme.seq_id 
_pdbx_poly_seq_scheme.mon_id 
_pdbx_poly_seq_scheme.ndb_seq_num 
_pdbx_poly_seq_scheme.pdb_seq_num 
_pdbx_poly_seq_scheme.auth_seq_num 
_pdbx_poly_seq_scheme.pdb_mon_id 
_pdbx_poly_seq_scheme.auth_mon_id 
_pdbx_poly_seq_scheme.pdb_strand_id 
_pdbx_poly_seq_scheme.pdb_ins_code 
_pdbx_poly_seq_scheme.hetero 
A 1 1   MET 1   1   ?   ?   ?   A . n 
A 1 2   THR 2   2   ?   ?   ?   A . n 
A 1 3   THR 3   3   ?   ?   ?   A . n 
A 1 4   SER 4   4   ?   ?   ?   A . n 
A 1 5   ALA 5   5   ?   ?   ?   A . n 
A 1 6   ALA 6   6   ?   ?   ?   A . n 
A 1 7   SER 7   7   ?   ?   ?   A . n 
A 1 8   GLN 8   8   ?   ?   ?   A . n 
A 1 9   ALA 9   9   ?   ?   ?   A . n 
A 1 10  SER 10  10  ?   ?   ?   A . n 
A 1 11  LEU 11  11  ?   ?   ?   A . n 
A 1 12  PRO 12  12  ?   ?   ?   A . n 
A 1 13  ARG 13  13  ?   ?   ?   A . n 
A 1 14  GLY 14  14  ?   ?   ?   A . n 
A 1 15  ARG 15  15  ?   ?   ?   A . n 
A 1 16  ARG 16  16  ?   ?   ?   A . n 
A 1 17  THR 17  17  ?   ?   ?   A . n 
A 1 18  ALA 18  18  ?   ?   ?   A . n 
A 1 19  ARG 19  19  ?   ?   ?   A . n 
A 1 20  PRO 20  20  ?   ?   ?   A . n 
A 1 21  SER 21  21  ?   ?   ?   A . n 
A 1 22  GLY 22  22  22  GLY GLY A . n 
A 1 23  ASP 23  23  23  ASP ASP A . n 
A 1 24  ASP 24  24  24  ASP ASP A . n 
A 1 25  ARG 25  25  25  ARG ARG A . n 
A 1 26  GLU 26  26  26  GLU GLU A . n 
A 1 27  LEU 27  27  27  LEU LEU A . n 
A 1 28  ALA 28  28  28  ALA ALA A . n 
A 1 29  ILE 29  29  29  ILE ILE A . n 
A 1 30  LEU 30  30  30  LEU LEU A . n 
A 1 31  ALA 31  31  31  ALA ALA A . n 
A 1 32  THR 32  32  32  THR THR A . n 
A 1 33  ALA 33  33  33  ALA ALA A . n 
A 1 34  GLU 34  34  34  GLU GLU A . n 
A 1 35  ASN 35  35  35  ASN ASN A . n 
A 1 36  LEU 36  36  36  LEU LEU A . n 
A 1 37  LEU 37  37  37  LEU LEU A . n 
A 1 38  GLU 38  38  38  GLU GLU A . n 
A 1 39  ASP 39  39  39  ASP ASP A . n 
A 1 40  ARG 40  40  40  ARG ARG A . n 
A 1 41  PRO 41  41  41  PRO PRO A . n 
A 1 42  LEU 42  42  42  LEU LEU A . n 
A 1 43  ALA 43  43  43  ALA ALA A . n 
A 1 44  ASP 44  44  44  ASP ASP A . n 
A 1 45  ILE 45  45  45  ILE ILE A . n 
A 1 46  SER 46  46  46  SER SER A . n 
A 1 47  VAL 47  47  47  VAL VAL A . n 
A 1 48  ASP 48  48  48  ASP ASP A . n 
A 1 49  ASP 49  49  49  ASP ASP A . n 
A 1 50  LEU 50  50  50  LEU LEU A . n 
A 1 51  ALA 51  51  51  ALA ALA A . n 
A 1 52  LYS 52  52  52  LYS LYS A . n 
A 1 53  GLY 53  53  53  GLY GLY A . n 
A 1 54  ALA 54  54  54  ALA ALA A . n 
A 1 55  GLY 55  55  55  GLY GLY A . n 
A 1 56  ILE 56  56  56  ILE ILE A . n 
A 1 57  SER 57  57  57  SER SER A . n 
A 1 58  ARG 58  58  58  ARG ARG A . n 
A 1 59  PRO 59  59  59  PRO PRO A . n 
A 1 60  THR 60  60  60  THR THR A . n 
A 1 61  PHE 61  61  61  PHE PHE A . n 
A 1 62  TYR 62  62  62  TYR TYR A . n 
A 1 63  PHE 63  63  63  PHE PHE A . n 
A 1 64  TYR 64  64  64  TYR TYR A . n 
A 1 65  PHE 65  65  65  PHE PHE A . n 
A 1 66  PRO 66  66  66  PRO PRO A . n 
A 1 67  SER 67  67  67  SER SER A . n 
A 1 68  LYS 68  68  68  LYS LYS A . n 
A 1 69  GLU 69  69  69  GLU GLU A . n 
A 1 70  ALA 70  70  70  ALA ALA A . n 
A 1 71  VAL 71  71  71  VAL VAL A . n 
A 1 72  LEU 72  72  72  LEU LEU A . n 
A 1 73  LEU 73  73  73  LEU LEU A . n 
A 1 74  THR 74  74  74  THR THR A . n 
A 1 75  LEU 75  75  75  LEU LEU A . n 
A 1 76  LEU 76  76  76  LEU LEU A . n 
A 1 77  ASP 77  77  77  ASP ASP A . n 
A 1 78  ARG 78  78  78  ARG ARG A . n 
A 1 79  VAL 79  79  79  VAL VAL A . n 
A 1 80  VAL 80  80  80  VAL VAL A . n 
A 1 81  ASN 81  81  81  ASN ASN A . n 
A 1 82  GLN 82  82  82  GLN GLN A . n 
A 1 83  ALA 83  83  83  ALA ALA A . n 
A 1 84  ASP 84  84  84  ASP ASP A . n 
A 1 85  MET 85  85  85  MET MET A . n 
A 1 86  ALA 86  86  86  ALA ALA A . n 
A 1 87  LEU 87  87  87  LEU LEU A . n 
A 1 88  GLN 88  88  88  GLN GLN A . n 
A 1 89  THR 89  89  89  THR THR A . n 
A 1 90  LEU 90  90  90  LEU LEU A . n 
A 1 91  ALA 91  91  91  ALA ALA A . n 
A 1 92  GLU 92  92  92  GLU GLU A . n 
A 1 93  ASN 93  93  93  ASN ASN A . n 
A 1 94  PRO 94  94  94  PRO PRO A . n 
A 1 95  ALA 95  95  95  ALA ALA A . n 
A 1 96  ASP 96  96  96  ASP ASP A . n 
A 1 97  THR 97  97  97  THR THR A . n 
A 1 98  ASP 98  98  98  ASP ASP A . n 
A 1 99  ARG 99  99  99  ARG ARG A . n 
A 1 100 GLU 100 100 100 GLU GLU A . n 
A 1 101 ASN 101 101 101 ASN ASN A . n 
A 1 102 MET 102 102 102 MET MET A . n 
A 1 103 TRP 103 103 103 TRP TRP A . n 
A 1 104 ARG 104 104 104 ARG ARG A . n 
A 1 105 THR 105 105 105 THR THR A . n 
A 1 106 GLY 106 106 106 GLY GLY A . n 
A 1 107 ILE 107 107 107 ILE ILE A . n 
A 1 108 ASN 108 108 108 ASN ASN A . n 
A 1 109 VAL 109 109 109 VAL VAL A . n 
A 1 110 PHE 110 110 110 PHE PHE A . n 
A 1 111 PHE 111 111 111 PHE PHE A . n 
A 1 112 GLU 112 112 112 GLU GLU A . n 
A 1 113 THR 113 113 113 THR THR A . n 
A 1 114 PHE 114 114 114 PHE PHE A . n 
A 1 115 GLY 115 115 115 GLY GLY A . n 
A 1 116 SER 116 116 116 SER SER A . n 
A 1 117 HIS 117 117 117 HIS HIS A . n 
A 1 118 LYS 118 118 118 LYS LYS A . n 
A 1 119 ALA 119 119 119 ALA ALA A . n 
A 1 120 VAL 120 120 120 VAL VAL A . n 
A 1 121 THR 121 121 121 THR THR A . n 
A 1 122 ARG 122 122 122 ARG ARG A . n 
A 1 123 ALA 123 123 123 ALA ALA A . n 
A 1 124 GLY 124 124 124 GLY GLY A . n 
A 1 125 GLN 125 125 125 GLN GLN A . n 
A 1 126 ALA 126 126 126 ALA ALA A . n 
A 1 127 ALA 127 127 127 ALA ALA A . n 
A 1 128 ARG 128 128 128 ARG ARG A . n 
A 1 129 ALA 129 129 129 ALA ALA A . n 
A 1 130 THR 130 130 130 THR THR A . n 
A 1 131 SER 131 131 131 SER SER A . n 
A 1 132 VAL 132 132 132 VAL VAL A . n 
A 1 133 GLU 133 133 133 GLU GLU A . n 
A 1 134 VAL 134 134 134 VAL VAL A . n 
A 1 135 ALA 135 135 135 ALA ALA A . n 
A 1 136 GLU 136 136 136 GLU GLU A . n 
A 1 137 LEU 137 137 137 LEU LEU A . n 
A 1 138 TRP 138 138 138 TRP TRP A . n 
A 1 139 SER 139 139 139 SER SER A . n 
A 1 140 THR 140 140 140 THR THR A . n 
A 1 141 PHE 141 141 141 PHE PHE A . n 
A 1 142 MET 142 142 142 MET MET A . n 
A 1 143 GLN 143 143 143 GLN GLN A . n 
A 1 144 LYS 144 144 144 LYS LYS A . n 
A 1 145 TRP 145 145 145 TRP TRP A . n 
A 1 146 ILE 146 146 146 ILE ILE A . n 
A 1 147 ALA 147 147 147 ALA ALA A . n 
A 1 148 TYR 148 148 148 TYR TYR A . n 
A 1 149 THR 149 149 149 THR THR A . n 
A 1 150 ALA 150 150 150 ALA ALA A . n 
A 1 151 ALA 151 151 151 ALA ALA A . n 
A 1 152 VAL 152 152 152 VAL VAL A . n 
A 1 153 ILE 153 153 153 ILE ILE A . n 
A 1 154 ASP 154 154 154 ASP ASP A . n 
A 1 155 ALA 155 155 155 ALA ALA A . n 
A 1 156 GLU 156 156 156 GLU GLU A . n 
A 1 157 ARG 157 157 157 ARG ARG A . n 
A 1 158 ASP 158 158 158 ASP ASP A . n 
A 1 159 ARG 159 159 159 ARG ARG A . n 
A 1 160 GLY 160 160 160 GLY GLY A . n 
A 1 161 ALA 161 161 161 ALA ALA A . n 
A 1 162 ALA 162 162 162 ALA ALA A . n 
A 1 163 PRO 163 163 163 PRO PRO A . n 
A 1 164 ARG 164 164 164 ARG ARG A . n 
A 1 165 THR 165 165 165 THR THR A . n 
A 1 166 LEU 166 166 166 LEU LEU A . n 
A 1 167 PRO 167 167 167 PRO PRO A . n 
A 1 168 ALA 168 168 168 ALA ALA A . n 
A 1 169 HIS 169 169 169 HIS HIS A . n 
A 1 170 GLU 170 170 170 GLU GLU A . n 
A 1 171 LEU 171 171 171 LEU LEU A . n 
A 1 172 ALA 172 172 172 ALA ALA A . n 
A 1 173 THR 173 173 173 THR THR A . n 
A 1 174 ALA 174 174 174 ALA ALA A . n 
A 1 175 LEU 175 175 175 LEU LEU A . n 
A 1 176 ASN 176 176 176 ASN ASN A . n 
A 1 177 LEU 177 177 177 LEU LEU A . n 
A 1 178 MET 178 178 178 MET MET A . n 
A 1 179 ASN 179 179 179 ASN ASN A . n 
A 1 180 GLU 180 180 180 GLU GLU A . n 
A 1 181 ARG 181 181 181 ARG ARG A . n 
A 1 182 THR 182 182 182 THR THR A . n 
A 1 183 LEU 183 183 183 LEU LEU A . n 
A 1 184 PHE 184 184 184 PHE PHE A . n 
A 1 185 ALA 185 185 185 ALA ALA A . n 
A 1 186 SER 186 186 186 SER SER A . n 
A 1 187 PHE 187 187 187 PHE PHE A . n 
A 1 188 ALA 188 188 188 ALA ALA A . n 
A 1 189 GLY 189 189 189 GLY GLY A . n 
A 1 190 GLU 190 190 190 GLU GLU A . n 
A 1 191 GLN 191 191 191 GLN GLN A . n 
A 1 192 PRO 192 192 192 PRO PRO A . n 
A 1 193 SER 193 193 193 SER SER A . n 
A 1 194 VAL 194 194 194 VAL VAL A . n 
A 1 195 PRO 195 195 195 PRO PRO A C n 
A 1 196 GLU 196 196 196 GLU GLU A . n 
A 1 197 ALA 197 197 197 ALA ALA A . n 
A 1 198 ARG 198 198 198 ARG ARG A . n 
A 1 199 VAL 199 199 199 VAL VAL A . n 
A 1 200 LEU 200 200 200 LEU LEU A . n 
A 1 201 ASP 201 201 201 ASP ASP A . n 
A 1 202 THR 202 202 202 THR THR A . n 
A 1 203 LEU 203 203 203 LEU LEU A . n 
A 1 204 VAL 204 204 204 VAL VAL A . n 
A 1 205 HIS 205 205 205 HIS HIS A . n 
A 1 206 ILE 206 206 206 ILE ILE A . n 
A 1 207 TRP 207 207 207 TRP TRP A . n 
A 1 208 VAL 208 208 208 VAL VAL A . n 
A 1 209 THR 209 209 209 THR THR A . n 
A 1 210 SER 210 210 210 SER SER A . n 
A 1 211 ILE 211 211 211 ILE ILE A . n 
A 1 212 TYR 212 212 212 TYR TYR A . n 
A 1 213 GLY 213 213 213 GLY GLY A . n 
A 1 214 GLU 214 214 214 GLU GLU A . n 
A 1 215 ASN 215 215 ?   ?   ?   A . n 
A 1 216 ARG 216 216 ?   ?   ?   A . n 
# 
loop_
_pdbx_nonpoly_scheme.asym_id 
_pdbx_nonpoly_scheme.entity_id 
_pdbx_nonpoly_scheme.mon_id 
_pdbx_nonpoly_scheme.ndb_seq_num 
_pdbx_nonpoly_scheme.pdb_seq_num 
_pdbx_nonpoly_scheme.auth_seq_num 
_pdbx_nonpoly_scheme.pdb_mon_id 
_pdbx_nonpoly_scheme.auth_mon_id 
_pdbx_nonpoly_scheme.pdb_strand_id 
_pdbx_nonpoly_scheme.pdb_ins_code 
B 2 U9Z 1  301 301 U9Z DRG A . 
C 3 HOH 1  401 34  HOH HOH A . 
C 3 HOH 2  402 24  HOH HOH A . 
C 3 HOH 3  403 21  HOH HOH A . 
C 3 HOH 4  404 11  HOH HOH A . 
C 3 HOH 5  405 12  HOH HOH A . 
C 3 HOH 6  406 9   HOH HOH A . 
C 3 HOH 7  407 23  HOH HOH A . 
C 3 HOH 8  408 30  HOH HOH A . 
C 3 HOH 9  409 18  HOH HOH A . 
C 3 HOH 10 410 25  HOH HOH A . 
C 3 HOH 11 411 40  HOH HOH A . 
C 3 HOH 12 412 32  HOH HOH A . 
C 3 HOH 13 413 6   HOH HOH A . 
C 3 HOH 14 414 2   HOH HOH A . 
C 3 HOH 15 415 13  HOH HOH A . 
C 3 HOH 16 416 19  HOH HOH A . 
C 3 HOH 17 417 15  HOH HOH A . 
C 3 HOH 18 418 14  HOH HOH A . 
C 3 HOH 19 419 10  HOH HOH A . 
C 3 HOH 20 420 16  HOH HOH A . 
C 3 HOH 21 421 17  HOH HOH A . 
C 3 HOH 22 422 33  HOH HOH A . 
C 3 HOH 23 423 22  HOH HOH A . 
C 3 HOH 24 424 41  HOH HOH A . 
C 3 HOH 25 425 26  HOH HOH A . 
C 3 HOH 26 426 4   HOH HOH A . 
C 3 HOH 27 427 42  HOH HOH A . 
C 3 HOH 28 428 5   HOH HOH A . 
C 3 HOH 29 429 8   HOH HOH A . 
C 3 HOH 30 430 3   HOH HOH A . 
C 3 HOH 31 431 1   HOH HOH A . 
C 3 HOH 32 432 31  HOH HOH A . 
C 3 HOH 33 433 43  HOH HOH A . 
C 3 HOH 34 434 37  HOH HOH A . 
C 3 HOH 35 435 38  HOH HOH A . 
C 3 HOH 36 436 35  HOH HOH A . 
C 3 HOH 37 437 28  HOH HOH A . 
C 3 HOH 38 438 29  HOH HOH A . 
C 3 HOH 39 439 27  HOH HOH A . 
C 3 HOH 40 440 20  HOH HOH A . 
C 3 HOH 41 441 7   HOH HOH A . 
C 3 HOH 42 442 39  HOH HOH A . 
C 3 HOH 43 443 36  HOH HOH A . 
# 
loop_
_pdbx_unobs_or_zero_occ_atoms.id 
_pdbx_unobs_or_zero_occ_atoms.PDB_model_num 
_pdbx_unobs_or_zero_occ_atoms.polymer_flag 
_pdbx_unobs_or_zero_occ_atoms.occupancy_flag 
_pdbx_unobs_or_zero_occ_atoms.auth_asym_id 
_pdbx_unobs_or_zero_occ_atoms.auth_comp_id 
_pdbx_unobs_or_zero_occ_atoms.auth_seq_id 
_pdbx_unobs_or_zero_occ_atoms.PDB_ins_code 
_pdbx_unobs_or_zero_occ_atoms.auth_atom_id 
_pdbx_unobs_or_zero_occ_atoms.label_alt_id 
_pdbx_unobs_or_zero_occ_atoms.label_asym_id 
_pdbx_unobs_or_zero_occ_atoms.label_comp_id 
_pdbx_unobs_or_zero_occ_atoms.label_seq_id 
_pdbx_unobs_or_zero_occ_atoms.label_atom_id 
1 1 Y 1 A ARG 25 ? CG  ? A ARG 25 CG  
2 1 Y 1 A ARG 25 ? CD  ? A ARG 25 CD  
3 1 Y 1 A ARG 25 ? NE  ? A ARG 25 NE  
4 1 Y 1 A ARG 25 ? CZ  ? A ARG 25 CZ  
5 1 Y 1 A ARG 25 ? NH1 ? A ARG 25 NH1 
6 1 Y 1 A ARG 25 ? NH2 ? A ARG 25 NH2 
# 
loop_
_software.citation_id 
_software.classification 
_software.compiler_name 
_software.compiler_version 
_software.contact_author 
_software.contact_author_email 
_software.date 
_software.description 
_software.dependencies 
_software.hardware 
_software.language 
_software.location 
_software.mods 
_software.name 
_software.os 
_software.os_version 
_software.type 
_software.version 
_software.pdbx_ordinal 
? refinement        ? ? ? ? ? ? ? ? ? ? ? REFMAC      ? ? ? 5.8.0238 1 
? 'data extraction' ? ? ? ? ? ? ? ? ? ? ? PDB_EXTRACT ? ? ? 3.22     2 
? 'data reduction'  ? ? ? ? ? ? ? ? ? ? ? Aimless     ? ? ? .        3 
? 'data scaling'    ? ? ? ? ? ? ? ? ? ? ? pointless   ? ? ? .        4 
? phasing           ? ? ? ? ? ? ? ? ? ? ? PHASER      ? ? ? .        5 
# 
_cell.angle_alpha                  90.000 
_cell.angle_alpha_esd              ? 
_cell.angle_beta                   90.000 
_cell.angle_beta_esd               ? 
_cell.angle_gamma                  90.000 
_cell.angle_gamma_esd              ? 
_cell.entry_id                     7NGR 
_cell.details                      ? 
_cell.formula_units_Z              ? 
_cell.length_a                     121.610 
_cell.length_a_esd                 ? 
_cell.length_b                     121.610 
_cell.length_b_esd                 ? 
_cell.length_c                     33.740 
_cell.length_c_esd                 ? 
_cell.volume                       ? 
_cell.volume_esd                   ? 
_cell.Z_PDB                        8 
_cell.reciprocal_angle_alpha       ? 
_cell.reciprocal_angle_beta        ? 
_cell.reciprocal_angle_gamma       ? 
_cell.reciprocal_angle_alpha_esd   ? 
_cell.reciprocal_angle_beta_esd    ? 
_cell.reciprocal_angle_gamma_esd   ? 
_cell.reciprocal_length_a          ? 
_cell.reciprocal_length_b          ? 
_cell.reciprocal_length_c          ? 
_cell.reciprocal_length_a_esd      ? 
_cell.reciprocal_length_b_esd      ? 
_cell.reciprocal_length_c_esd      ? 
_cell.pdbx_unique_axis             ? 
# 
_symmetry.entry_id                         7NGR 
_symmetry.cell_setting                     ? 
_symmetry.Int_Tables_number                92 
_symmetry.space_group_name_Hall            ? 
_symmetry.space_group_name_H-M             'P 41 21 2' 
_symmetry.pdbx_full_space_group_name_H-M   ? 
# 
_exptl.absorpt_coefficient_mu     ? 
_exptl.absorpt_correction_T_max   ? 
_exptl.absorpt_correction_T_min   ? 
_exptl.absorpt_correction_type    ? 
_exptl.absorpt_process_details    ? 
_exptl.entry_id                   7NGR 
_exptl.crystals_number            1 
_exptl.details                    ? 
_exptl.method                     'X-RAY DIFFRACTION' 
_exptl.method_details             ? 
# 
_exptl_crystal.colour                      ? 
_exptl_crystal.density_diffrn              ? 
_exptl_crystal.density_Matthews            2.62 
_exptl_crystal.density_method              ? 
_exptl_crystal.density_percent_sol         53.10 
_exptl_crystal.description                 ? 
_exptl_crystal.F_000                       ? 
_exptl_crystal.id                          1 
_exptl_crystal.preparation                 ? 
_exptl_crystal.size_max                    ? 
_exptl_crystal.size_mid                    ? 
_exptl_crystal.size_min                    ? 
_exptl_crystal.size_rad                    ? 
_exptl_crystal.colour_lustre               ? 
_exptl_crystal.colour_modifier             ? 
_exptl_crystal.colour_primary              ? 
_exptl_crystal.density_meas                ? 
_exptl_crystal.density_meas_esd            ? 
_exptl_crystal.density_meas_gt             ? 
_exptl_crystal.density_meas_lt             ? 
_exptl_crystal.density_meas_temp           ? 
_exptl_crystal.density_meas_temp_esd       ? 
_exptl_crystal.density_meas_temp_gt        ? 
_exptl_crystal.density_meas_temp_lt        ? 
_exptl_crystal.pdbx_crystal_image_url      ? 
_exptl_crystal.pdbx_crystal_image_format   ? 
_exptl_crystal.pdbx_mosaicity              ? 
_exptl_crystal.pdbx_mosaicity_esd          ? 
# 
_exptl_crystal_grow.apparatus       ? 
_exptl_crystal_grow.atmosphere      ? 
_exptl_crystal_grow.crystal_id      1 
_exptl_crystal_grow.details         ? 
_exptl_crystal_grow.method          'VAPOR DIFFUSION, SITTING DROP' 
_exptl_crystal_grow.method_ref      ? 
_exptl_crystal_grow.pH              ? 
_exptl_crystal_grow.pressure        ? 
_exptl_crystal_grow.pressure_esd    ? 
_exptl_crystal_grow.seeding         ? 
_exptl_crystal_grow.seeding_ref     ? 
_exptl_crystal_grow.temp            300 
_exptl_crystal_grow.temp_details    ? 
_exptl_crystal_grow.temp_esd        ? 
_exptl_crystal_grow.time            ? 
_exptl_crystal_grow.pdbx_details    'PEG based' 
_exptl_crystal_grow.pdbx_pH_range   ? 
# 
_diffrn.ambient_environment              ? 
_diffrn.ambient_temp                     100 
_diffrn.ambient_temp_details             ? 
_diffrn.ambient_temp_esd                 ? 
_diffrn.crystal_id                       1 
_diffrn.crystal_support                  ? 
_diffrn.crystal_treatment                ? 
_diffrn.details                          ? 
_diffrn.id                               1 
_diffrn.ambient_pressure                 ? 
_diffrn.ambient_pressure_esd             ? 
_diffrn.ambient_pressure_gt              ? 
_diffrn.ambient_pressure_lt              ? 
_diffrn.ambient_temp_gt                  ? 
_diffrn.ambient_temp_lt                  ? 
_diffrn.pdbx_serial_crystal_experiment   N 
# 
_diffrn_detector.details                      ? 
_diffrn_detector.detector                     PIXEL 
_diffrn_detector.diffrn_id                    1 
_diffrn_detector.type                         'DECTRIS PILATUS 6M' 
_diffrn_detector.area_resol_mean              ? 
_diffrn_detector.dtime                        ? 
_diffrn_detector.pdbx_frames_total            ? 
_diffrn_detector.pdbx_collection_time_total   ? 
_diffrn_detector.pdbx_collection_date         2018-05-03 
_diffrn_detector.pdbx_frequency               ? 
# 
_diffrn_radiation.collimation                      ? 
_diffrn_radiation.diffrn_id                        1 
_diffrn_radiation.filter_edge                      ? 
_diffrn_radiation.inhomogeneity                    ? 
_diffrn_radiation.monochromator                    ? 
_diffrn_radiation.polarisn_norm                    ? 
_diffrn_radiation.polarisn_ratio                   ? 
_diffrn_radiation.probe                            ? 
_diffrn_radiation.type                             ? 
_diffrn_radiation.xray_symbol                      ? 
_diffrn_radiation.wavelength_id                    1 
_diffrn_radiation.pdbx_monochromatic_or_laue_m_l   M 
_diffrn_radiation.pdbx_wavelength_list             ? 
_diffrn_radiation.pdbx_wavelength                  ? 
_diffrn_radiation.pdbx_diffrn_protocol             'SINGLE WAVELENGTH' 
_diffrn_radiation.pdbx_analyzer                    ? 
_diffrn_radiation.pdbx_scattering_type             x-ray 
# 
_diffrn_radiation_wavelength.id           1 
_diffrn_radiation_wavelength.wavelength   0.9795 
_diffrn_radiation_wavelength.wt           1.0 
# 
_diffrn_source.current                     ? 
_diffrn_source.details                     ? 
_diffrn_source.diffrn_id                   1 
_diffrn_source.power                       ? 
_diffrn_source.size                        ? 
_diffrn_source.source                      SYNCHROTRON 
_diffrn_source.target                      ? 
_diffrn_source.type                        'DIAMOND BEAMLINE I04' 
_diffrn_source.voltage                     ? 
_diffrn_source.take-off_angle              ? 
_diffrn_source.pdbx_wavelength_list        0.9795 
_diffrn_source.pdbx_wavelength             ? 
_diffrn_source.pdbx_synchrotron_beamline   I04 
_diffrn_source.pdbx_synchrotron_site       Diamond 
# 
_reflns.B_iso_Wilson_estimate            ? 
_reflns.entry_id                         7NGR 
_reflns.data_reduction_details           ? 
_reflns.data_reduction_method            ? 
_reflns.d_resolution_high                1.92 
_reflns.d_resolution_low                 121.61 
_reflns.details                          ? 
_reflns.limit_h_max                      ? 
_reflns.limit_h_min                      ? 
_reflns.limit_k_max                      ? 
_reflns.limit_k_min                      ? 
_reflns.limit_l_max                      ? 
_reflns.limit_l_min                      ? 
_reflns.number_all                       ? 
_reflns.number_obs                       20021 
_reflns.observed_criterion               ? 
_reflns.observed_criterion_F_max         ? 
_reflns.observed_criterion_F_min         ? 
_reflns.observed_criterion_I_max         ? 
_reflns.observed_criterion_I_min         ? 
_reflns.observed_criterion_sigma_F       ? 
_reflns.observed_criterion_sigma_I       ? 
_reflns.percent_possible_obs             100 
_reflns.R_free_details                   ? 
_reflns.Rmerge_F_all                     ? 
_reflns.Rmerge_F_obs                     ? 
_reflns.Friedel_coverage                 ? 
_reflns.number_gt                        ? 
_reflns.threshold_expression             ? 
_reflns.pdbx_redundancy                  12.4 
_reflns.pdbx_Rmerge_I_obs                ? 
_reflns.pdbx_Rmerge_I_all                ? 
_reflns.pdbx_Rsym_value                  ? 
_reflns.pdbx_netI_over_av_sigmaI         ? 
_reflns.pdbx_netI_over_sigmaI            8.9 
_reflns.pdbx_res_netI_over_av_sigmaI_2   ? 
_reflns.pdbx_res_netI_over_sigmaI_2      ? 
_reflns.pdbx_chi_squared                 ? 
_reflns.pdbx_scaling_rejects             ? 
_reflns.pdbx_d_res_high_opt              ? 
_reflns.pdbx_d_res_low_opt               ? 
_reflns.pdbx_d_res_opt_method            ? 
_reflns.phase_calculation_details        ? 
_reflns.pdbx_Rrim_I_all                  ? 
_reflns.pdbx_Rpim_I_all                  ? 
_reflns.pdbx_d_opt                       ? 
_reflns.pdbx_number_measured_all         ? 
_reflns.pdbx_diffrn_id                   1 
_reflns.pdbx_ordinal                     1 
_reflns.pdbx_CC_half                     0.998 
_reflns.pdbx_CC_star                     ? 
_reflns.pdbx_R_split                     ? 
# 
_reflns_shell.d_res_high                  1.92 
_reflns_shell.d_res_low                   1.95 
_reflns_shell.meanI_over_sigI_all         ? 
_reflns_shell.meanI_over_sigI_obs         0.88 
_reflns_shell.number_measured_all         ? 
_reflns_shell.number_measured_obs         ? 
_reflns_shell.number_possible             ? 
_reflns_shell.number_unique_all           ? 
_reflns_shell.number_unique_obs           1794 
_reflns_shell.percent_possible_all        ? 
_reflns_shell.percent_possible_obs        ? 
_reflns_shell.Rmerge_F_all                ? 
_reflns_shell.Rmerge_F_obs                ? 
_reflns_shell.Rmerge_I_all                ? 
_reflns_shell.Rmerge_I_obs                ? 
_reflns_shell.meanI_over_sigI_gt          ? 
_reflns_shell.meanI_over_uI_all           ? 
_reflns_shell.meanI_over_uI_gt            ? 
_reflns_shell.number_measured_gt          ? 
_reflns_shell.number_unique_gt            ? 
_reflns_shell.percent_possible_gt         ? 
_reflns_shell.Rmerge_F_gt                 ? 
_reflns_shell.Rmerge_I_gt                 ? 
_reflns_shell.pdbx_redundancy             ? 
_reflns_shell.pdbx_Rsym_value             ? 
_reflns_shell.pdbx_chi_squared            ? 
_reflns_shell.pdbx_netI_over_sigmaI_all   ? 
_reflns_shell.pdbx_netI_over_sigmaI_obs   ? 
_reflns_shell.pdbx_Rrim_I_all             ? 
_reflns_shell.pdbx_Rpim_I_all             ? 
_reflns_shell.pdbx_rejects                ? 
_reflns_shell.pdbx_ordinal                1 
_reflns_shell.pdbx_diffrn_id              1 
_reflns_shell.pdbx_CC_half                0.461 
_reflns_shell.pdbx_CC_star                ? 
_reflns_shell.pdbx_R_split                ? 
# 
_refine.aniso_B[1][1]                            1.1500 
_refine.aniso_B[1][2]                            -0.0000 
_refine.aniso_B[1][3]                            -0.0000 
_refine.aniso_B[2][2]                            1.1500 
_refine.aniso_B[2][3]                            -0.0000 
_refine.aniso_B[3][3]                            -2.3000 
_refine.B_iso_max                                431.460 
_refine.B_iso_mean                               32.8350 
_refine.B_iso_min                                18.080 
_refine.correlation_coeff_Fo_to_Fc               0.9550 
_refine.correlation_coeff_Fo_to_Fc_free          0.9340 
_refine.details                                  
'HYDROGENS HAVE BEEN ADDED IN THE RIDING POSITIONS U VALUES      : REFINED INDIVIDUALLY' 
_refine.diff_density_max                         ? 
_refine.diff_density_max_esd                     ? 
_refine.diff_density_min                         ? 
_refine.diff_density_min_esd                     ? 
_refine.diff_density_rms                         ? 
_refine.diff_density_rms_esd                     ? 
_refine.entry_id                                 7NGR 
_refine.pdbx_refine_id                           'X-RAY DIFFRACTION' 
_refine.ls_abs_structure_details                 ? 
_refine.ls_abs_structure_Flack                   ? 
_refine.ls_abs_structure_Flack_esd               ? 
_refine.ls_abs_structure_Rogers                  ? 
_refine.ls_abs_structure_Rogers_esd              ? 
_refine.ls_d_res_high                            1.9200 
_refine.ls_d_res_low                             86.1400 
_refine.ls_extinction_coef                       ? 
_refine.ls_extinction_coef_esd                   ? 
_refine.ls_extinction_expression                 ? 
_refine.ls_extinction_method                     ? 
_refine.ls_goodness_of_fit_all                   ? 
_refine.ls_goodness_of_fit_all_esd               ? 
_refine.ls_goodness_of_fit_obs                   ? 
_refine.ls_goodness_of_fit_obs_esd               ? 
_refine.ls_hydrogen_treatment                    ? 
_refine.ls_matrix_type                           ? 
_refine.ls_number_constraints                    ? 
_refine.ls_number_parameters                     ? 
_refine.ls_number_reflns_all                     ? 
_refine.ls_number_reflns_obs                     18962 
_refine.ls_number_reflns_R_free                  1015 
_refine.ls_number_reflns_R_work                  ? 
_refine.ls_number_restraints                     ? 
_refine.ls_percent_reflns_obs                    99.9500 
_refine.ls_percent_reflns_R_free                 5.1000 
_refine.ls_R_factor_all                          ? 
_refine.ls_R_factor_obs                          0.2103 
_refine.ls_R_factor_R_free                       0.2501 
_refine.ls_R_factor_R_free_error                 ? 
_refine.ls_R_factor_R_free_error_details         ? 
_refine.ls_R_factor_R_work                       0.2082 
_refine.ls_R_Fsqd_factor_obs                     ? 
_refine.ls_R_I_factor_obs                        ? 
_refine.ls_redundancy_reflns_all                 ? 
_refine.ls_redundancy_reflns_obs                 ? 
_refine.ls_restrained_S_all                      ? 
_refine.ls_restrained_S_obs                      ? 
_refine.ls_shift_over_esd_max                    ? 
_refine.ls_shift_over_esd_mean                   ? 
_refine.ls_structure_factor_coef                 ? 
_refine.ls_weighting_details                     ? 
_refine.ls_weighting_scheme                      ? 
_refine.ls_wR_factor_all                         ? 
_refine.ls_wR_factor_obs                         ? 
_refine.ls_wR_factor_R_free                      ? 
_refine.ls_wR_factor_R_work                      ? 
_refine.occupancy_max                            ? 
_refine.occupancy_min                            ? 
_refine.solvent_model_details                    MASK 
_refine.solvent_model_param_bsol                 ? 
_refine.solvent_model_param_ksol                 ? 
_refine.pdbx_R_complete                          ? 
_refine.ls_R_factor_gt                           ? 
_refine.ls_goodness_of_fit_gt                    ? 
_refine.ls_goodness_of_fit_ref                   ? 
_refine.ls_shift_over_su_max                     ? 
_refine.ls_shift_over_su_max_lt                  ? 
_refine.ls_shift_over_su_mean                    ? 
_refine.ls_shift_over_su_mean_lt                 ? 
_refine.pdbx_ls_sigma_I                          ? 
_refine.pdbx_ls_sigma_F                          0.000 
_refine.pdbx_ls_sigma_Fsqd                       ? 
_refine.pdbx_data_cutoff_high_absF               ? 
_refine.pdbx_data_cutoff_high_rms_absF           ? 
_refine.pdbx_data_cutoff_low_absF                ? 
_refine.pdbx_isotropic_thermal_model             ? 
_refine.pdbx_ls_cross_valid_method               THROUGHOUT 
_refine.pdbx_method_to_determine_struct          'MOLECULAR REPLACEMENT' 
_refine.pdbx_starting_model                      5NIO 
_refine.pdbx_stereochemistry_target_values       'MAXIMUM LIKELIHOOD' 
_refine.pdbx_R_Free_selection_details            RANDOM 
_refine.pdbx_stereochem_target_val_spec_case     ? 
_refine.pdbx_overall_ESU_R                       0.1430 
_refine.pdbx_overall_ESU_R_Free                  0.1410 
_refine.pdbx_solvent_vdw_probe_radii             1.2000 
_refine.pdbx_solvent_ion_probe_radii             0.8000 
_refine.pdbx_solvent_shrinkage_radii             0.8000 
_refine.pdbx_real_space_R                        ? 
_refine.pdbx_density_correlation                 ? 
_refine.pdbx_pd_number_of_powder_patterns        ? 
_refine.pdbx_pd_number_of_points                 ? 
_refine.pdbx_pd_meas_number_of_points            ? 
_refine.pdbx_pd_proc_ls_prof_R_factor            ? 
_refine.pdbx_pd_proc_ls_prof_wR_factor           ? 
_refine.pdbx_pd_Marquardt_correlation_coeff      ? 
_refine.pdbx_pd_Fsqrd_R_factor                   ? 
_refine.pdbx_pd_ls_matrix_band_width             ? 
_refine.pdbx_overall_phase_error                 ? 
_refine.pdbx_overall_SU_R_free_Cruickshank_DPI   ? 
_refine.pdbx_overall_SU_R_free_Blow_DPI          ? 
_refine.pdbx_overall_SU_R_Blow_DPI               ? 
_refine.pdbx_TLS_residual_ADP_flag               ? 
_refine.pdbx_diffrn_id                           1 
_refine.overall_SU_B                             ? 
_refine.overall_SU_ML                            ? 
_refine.overall_SU_R_Cruickshank_DPI             ? 
_refine.overall_SU_R_free                        ? 
_refine.overall_FOM_free_R_set                   ? 
_refine.overall_FOM_work_R_set                   ? 
_refine.pdbx_average_fsc_overall                 ? 
_refine.pdbx_average_fsc_work                    ? 
_refine.pdbx_average_fsc_free                    ? 
# 
_refine_hist.pdbx_refine_id                   'X-RAY DIFFRACTION' 
_refine_hist.cycle_id                         final 
_refine_hist.details                          ? 
_refine_hist.d_res_high                       1.9200 
_refine_hist.d_res_low                        86.1400 
_refine_hist.number_atoms_solvent             43 
_refine_hist.number_atoms_total               1559 
_refine_hist.number_reflns_all                ? 
_refine_hist.number_reflns_obs                ? 
_refine_hist.number_reflns_R_free             ? 
_refine_hist.number_reflns_R_work             ? 
_refine_hist.R_factor_all                     ? 
_refine_hist.R_factor_obs                     ? 
_refine_hist.R_factor_R_free                  ? 
_refine_hist.R_factor_R_work                  ? 
_refine_hist.pdbx_number_residues_total       193 
_refine_hist.pdbx_B_iso_mean_ligand           41.03 
_refine_hist.pdbx_B_iso_mean_solvent          36.24 
_refine_hist.pdbx_number_atoms_protein        1496 
_refine_hist.pdbx_number_atoms_nucleic_acid   0 
_refine_hist.pdbx_number_atoms_ligand         20 
_refine_hist.pdbx_number_atoms_lipid          ? 
_refine_hist.pdbx_number_atoms_carb           ? 
_refine_hist.pdbx_pseudo_atom_details         ? 
# 
loop_
_refine_ls_restr.pdbx_refine_id 
_refine_ls_restr.criterion 
_refine_ls_restr.dev_ideal 
_refine_ls_restr.dev_ideal_target 
_refine_ls_restr.number 
_refine_ls_restr.rejects 
_refine_ls_restr.type 
_refine_ls_restr.weight 
_refine_ls_restr.pdbx_restraint_function 
'X-RAY DIFFRACTION' ? 0.016  0.013  1565 ? r_bond_refined_d       ? ? 
'X-RAY DIFFRACTION' ? 0.036  0.017  1432 ? r_bond_other_d         ? ? 
'X-RAY DIFFRACTION' ? 1.637  1.640  2139 ? r_angle_refined_deg    ? ? 
'X-RAY DIFFRACTION' ? 2.317  1.568  3298 ? r_angle_other_deg      ? ? 
'X-RAY DIFFRACTION' ? 5.248  5.000  194  ? r_dihedral_angle_1_deg ? ? 
'X-RAY DIFFRACTION' ? 38.192 21.744 86   ? r_dihedral_angle_2_deg ? ? 
'X-RAY DIFFRACTION' ? 13.489 15.000 239  ? r_dihedral_angle_3_deg ? ? 
'X-RAY DIFFRACTION' ? 22.329 15.000 12   ? r_dihedral_angle_4_deg ? ? 
'X-RAY DIFFRACTION' ? 0.100  0.200  209  ? r_chiral_restr         ? ? 
'X-RAY DIFFRACTION' ? 0.028  0.020  1780 ? r_gen_planes_refined   ? ? 
'X-RAY DIFFRACTION' ? 0.063  0.020  348  ? r_gen_planes_other     ? ? 
'X-RAY DIFFRACTION' ? 2.646  3.300  776  ? r_mcbond_it            ? ? 
'X-RAY DIFFRACTION' ? 2.644  3.298  775  ? r_mcbond_other         ? ? 
'X-RAY DIFFRACTION' ? 3.688  4.933  970  ? r_mcangle_it           ? ? 
# 
_refine_ls_shell.pdbx_refine_id                   'X-RAY DIFFRACTION' 
_refine_ls_shell.d_res_high                       1.9200 
_refine_ls_shell.d_res_low                        1.9700 
_refine_ls_shell.number_reflns_all                1451 
_refine_ls_shell.number_reflns_obs                ? 
_refine_ls_shell.number_reflns_R_free             83 
_refine_ls_shell.number_reflns_R_work             1368 
_refine_ls_shell.percent_reflns_obs               100.0000 
_refine_ls_shell.percent_reflns_R_free            ? 
_refine_ls_shell.R_factor_all                     ? 
_refine_ls_shell.R_factor_obs                     ? 
_refine_ls_shell.R_factor_R_free                  0.3830 
_refine_ls_shell.R_factor_R_free_error            ? 
_refine_ls_shell.R_factor_R_work                  0.3590 
_refine_ls_shell.redundancy_reflns_all            ? 
_refine_ls_shell.redundancy_reflns_obs            ? 
_refine_ls_shell.wR_factor_all                    ? 
_refine_ls_shell.wR_factor_obs                    ? 
_refine_ls_shell.wR_factor_R_free                 ? 
_refine_ls_shell.wR_factor_R_work                 ? 
_refine_ls_shell.pdbx_R_complete                  ? 
_refine_ls_shell.pdbx_total_number_of_bins_used   20 
_refine_ls_shell.pdbx_phase_error                 ? 
_refine_ls_shell.pdbx_fsc_work                    ? 
_refine_ls_shell.pdbx_fsc_free                    ? 
# 
_struct.entry_id                     7NGR 
_struct.title                        'Mycobacterium tuberculosis transcriptional regulator EthR with bound inhibitory compound' 
_struct.pdbx_model_details           ? 
_struct.pdbx_formula_weight          ? 
_struct.pdbx_formula_weight_method   ? 
_struct.pdbx_model_type_details      ? 
_struct.pdbx_CASP_flag               N 
# 
_struct_keywords.entry_id        7NGR 
_struct_keywords.text            'ETHR, Tuberculosis, Inhibition, TRANSCRIPTION' 
_struct_keywords.pdbx_keywords   TRANSCRIPTION 
# 
loop_
_struct_asym.id 
_struct_asym.pdbx_blank_PDB_chainid_flag 
_struct_asym.pdbx_modified 
_struct_asym.entity_id 
_struct_asym.details 
A N N 1 ? 
B N N 2 ? 
C N N 3 ? 
# 
_struct_ref.id                         1 
_struct_ref.db_name                    UNP 
_struct_ref.db_code                    ETHR_MYCTU 
_struct_ref.pdbx_db_accession          P9WMC1 
_struct_ref.pdbx_db_isoform            ? 
_struct_ref.entity_id                  1 
_struct_ref.pdbx_seq_one_letter_code   
;MTTSAASQASLPRGRRTARPSGDDRELAILATAENLLEDRPLADISVDDLAKGAGISRPTFYFYFPSKEAVLLTLLDRVV
NQADMALQTLAENPADTDRENMWRTGINVFFETFGSHKAVTRAGQAARATSVEVAELWSTFMQKWIAYTAAVIDAERDRG
AAPRTLPAHELATALNLMNERTLFASFAGEQPSVPEARVLDTLVHIWVTSIYGENR
;
_struct_ref.pdbx_align_begin           1 
# 
_struct_ref_seq.align_id                      1 
_struct_ref_seq.ref_id                        1 
_struct_ref_seq.pdbx_PDB_id_code              7NGR 
_struct_ref_seq.pdbx_strand_id                A 
_struct_ref_seq.seq_align_beg                 1 
_struct_ref_seq.pdbx_seq_align_beg_ins_code   ? 
_struct_ref_seq.seq_align_end                 216 
_struct_ref_seq.pdbx_seq_align_end_ins_code   ? 
_struct_ref_seq.pdbx_db_accession             P9WMC1 
_struct_ref_seq.db_align_beg                  1 
_struct_ref_seq.pdbx_db_align_beg_ins_code    ? 
_struct_ref_seq.db_align_end                  216 
_struct_ref_seq.pdbx_db_align_end_ins_code    ? 
_struct_ref_seq.pdbx_auth_seq_align_beg       1 
_struct_ref_seq.pdbx_auth_seq_align_end       216 
# 
_pdbx_struct_assembly.id                   1 
_pdbx_struct_assembly.details              author_and_software_defined_assembly 
_pdbx_struct_assembly.method_details       PISA 
_pdbx_struct_assembly.oligomeric_details   dimeric 
_pdbx_struct_assembly.oligomeric_count     2 
# 
loop_
_pdbx_struct_assembly_prop.biol_id 
_pdbx_struct_assembly_prop.type 
_pdbx_struct_assembly_prop.value 
_pdbx_struct_assembly_prop.details 
1 'ABSA (A^2)' 2730  ? 
1 MORE         -22   ? 
1 'SSA (A^2)'  17480 ? 
# 
_pdbx_struct_assembly_gen.assembly_id       1 
_pdbx_struct_assembly_gen.oper_expression   1,2 
_pdbx_struct_assembly_gen.asym_id_list      A,B,C 
# 
_pdbx_struct_assembly_auth_evidence.id                     1 
_pdbx_struct_assembly_auth_evidence.assembly_id            1 
_pdbx_struct_assembly_auth_evidence.experimental_support   none 
_pdbx_struct_assembly_auth_evidence.details                ? 
# 
loop_
_pdbx_struct_oper_list.id 
_pdbx_struct_oper_list.type 
_pdbx_struct_oper_list.name 
_pdbx_struct_oper_list.symmetry_operation 
_pdbx_struct_oper_list.matrix[1][1] 
_pdbx_struct_oper_list.matrix[1][2] 
_pdbx_struct_oper_list.matrix[1][3] 
_pdbx_struct_oper_list.vector[1] 
_pdbx_struct_oper_list.matrix[2][1] 
_pdbx_struct_oper_list.matrix[2][2] 
_pdbx_struct_oper_list.matrix[2][3] 
_pdbx_struct_oper_list.vector[2] 
_pdbx_struct_oper_list.matrix[3][1] 
_pdbx_struct_oper_list.matrix[3][2] 
_pdbx_struct_oper_list.matrix[3][3] 
_pdbx_struct_oper_list.vector[3] 
1 'identity operation'         1_555 x,y,z  1.0000000000  0.0000000000 0.0000000000  0.0000000000  0.0000000000 1.0000000000 0.0000000000  0.0000000000  0.0000000000  0.0000000000  1.0000000000  0.0000000000   
2 'crystal symmetry operation' 7_555 y,x,-z -0.5818575938 0.7962881161 -0.1654296730 -7.2782700795 0.7962881161 0.5164086551 -0.3150354537 -1.2081089346 -0.1654296730 -0.3150354537 -0.9345510613 -24.2118362425 
# 
loop_
_struct_conf.conf_type_id 
_struct_conf.id 
_struct_conf.pdbx_PDB_helix_id 
_struct_conf.beg_label_comp_id 
_struct_conf.beg_label_asym_id 
_struct_conf.beg_label_seq_id 
_struct_conf.pdbx_beg_PDB_ins_code 
_struct_conf.end_label_comp_id 
_struct_conf.end_label_asym_id 
_struct_conf.end_label_seq_id 
_struct_conf.pdbx_end_PDB_ins_code 
_struct_conf.beg_auth_comp_id 
_struct_conf.beg_auth_asym_id 
_struct_conf.beg_auth_seq_id 
_struct_conf.end_auth_comp_id 
_struct_conf.end_auth_asym_id 
_struct_conf.end_auth_seq_id 
_struct_conf.pdbx_PDB_helix_class 
_struct_conf.details 
_struct_conf.pdbx_PDB_helix_length 
HELX_P HELX_P1  AA1 GLY A 22  ? ARG A 40  ? GLY A 22  ARG A 40  1 ? 19 
HELX_P HELX_P2  AA2 PRO A 41  ? ILE A 45  ? PRO A 41  ILE A 45  5 ? 5  
HELX_P HELX_P3  AA3 SER A 46  ? GLY A 55  ? SER A 46  GLY A 55  1 ? 10 
HELX_P HELX_P4  AA4 SER A 57  ? PHE A 65  ? SER A 57  PHE A 65  1 ? 9  
HELX_P HELX_P5  AA5 SER A 67  ? ASN A 93  ? SER A 67  ASN A 93  1 ? 27 
HELX_P HELX_P6  AA6 ASP A 98  ? SER A 116 ? ASP A 98  SER A 116 1 ? 19 
HELX_P HELX_P7  AA7 HIS A 117 ? ARG A 128 ? HIS A 117 ARG A 128 1 ? 12 
HELX_P HELX_P8  AA8 SER A 131 ? ARG A 159 ? SER A 131 ARG A 159 1 ? 29 
HELX_P HELX_P9  AA9 PRO A 167 ? ALA A 188 ? PRO A 167 ALA A 188 1 ? 22 
HELX_P HELX_P10 AB1 PRO A 195 C GLY A 213 ? PRO A 195 GLY A 213 1 ? 19 
# 
_struct_conf_type.id          HELX_P 
_struct_conf_type.criteria    ? 
_struct_conf_type.reference   ? 
# 
_struct_mon_prot_cis.pdbx_id                1 
_struct_mon_prot_cis.label_comp_id          GLN 
_struct_mon_prot_cis.label_seq_id           191 
_struct_mon_prot_cis.label_asym_id          A 
_struct_mon_prot_cis.label_alt_id           . 
_struct_mon_prot_cis.pdbx_PDB_ins_code      ? 
_struct_mon_prot_cis.auth_comp_id           GLN 
_struct_mon_prot_cis.auth_seq_id            191 
_struct_mon_prot_cis.auth_asym_id           A 
_struct_mon_prot_cis.pdbx_label_comp_id_2   PRO 
_struct_mon_prot_cis.pdbx_label_seq_id_2    192 
_struct_mon_prot_cis.pdbx_label_asym_id_2   A 
_struct_mon_prot_cis.pdbx_PDB_ins_code_2    ? 
_struct_mon_prot_cis.pdbx_auth_comp_id_2    PRO 
_struct_mon_prot_cis.pdbx_auth_seq_id_2     192 
_struct_mon_prot_cis.pdbx_auth_asym_id_2    A 
_struct_mon_prot_cis.pdbx_PDB_model_num     1 
_struct_mon_prot_cis.pdbx_omega_angle       4.97 
# 
_struct_site.id                   AC1 
_struct_site.pdbx_evidence_code   Software 
_struct_site.pdbx_auth_asym_id    A 
_struct_site.pdbx_auth_comp_id    U9Z 
_struct_site.pdbx_auth_seq_id     301 
_struct_site.pdbx_auth_ins_code   ? 
_struct_site.pdbx_num_residues    14 
_struct_site.details              'binding site for residue U9Z A 301' 
# 
loop_
_struct_site_gen.id 
_struct_site_gen.site_id 
_struct_site_gen.pdbx_num_res 
_struct_site_gen.label_comp_id 
_struct_site_gen.label_asym_id 
_struct_site_gen.label_seq_id 
_struct_site_gen.pdbx_auth_ins_code 
_struct_site_gen.auth_comp_id 
_struct_site_gen.auth_asym_id 
_struct_site_gen.auth_seq_id 
_struct_site_gen.label_atom_id 
_struct_site_gen.label_alt_id 
_struct_site_gen.symmetry 
_struct_site_gen.details 
1  AC1 14 LEU A 87  ? LEU A 87  . ? 1_555 ? 
2  AC1 14 TRP A 103 ? TRP A 103 . ? 1_555 ? 
3  AC1 14 ILE A 107 ? ILE A 107 . ? 1_555 ? 
4  AC1 14 PHE A 110 ? PHE A 110 . ? 1_555 ? 
5  AC1 14 PHE A 114 ? PHE A 114 . ? 1_555 ? 
6  AC1 14 TRP A 138 ? TRP A 138 . ? 1_555 ? 
7  AC1 14 MET A 142 ? MET A 142 . ? 1_555 ? 
8  AC1 14 TRP A 145 ? TRP A 145 . ? 1_555 ? 
9  AC1 14 THR A 149 ? THR A 149 . ? 1_555 ? 
10 AC1 14 ASN A 176 ? ASN A 176 . ? 1_555 ? 
11 AC1 14 ASN A 179 ? ASN A 179 . ? 1_555 ? 
12 AC1 14 GLU A 180 ? GLU A 180 . ? 1_555 ? 
13 AC1 14 PHE A 184 ? PHE A 184 . ? 1_555 ? 
14 AC1 14 TRP A 207 ? TRP A 207 . ? 1_555 ? 
# 
loop_
_pdbx_validate_close_contact.id 
_pdbx_validate_close_contact.PDB_model_num 
_pdbx_validate_close_contact.auth_atom_id_1 
_pdbx_validate_close_contact.auth_asym_id_1 
_pdbx_validate_close_contact.auth_comp_id_1 
_pdbx_validate_close_contact.auth_seq_id_1 
_pdbx_validate_close_contact.PDB_ins_code_1 
_pdbx_validate_close_contact.label_alt_id_1 
_pdbx_validate_close_contact.auth_atom_id_2 
_pdbx_validate_close_contact.auth_asym_id_2 
_pdbx_validate_close_contact.auth_comp_id_2 
_pdbx_validate_close_contact.auth_seq_id_2 
_pdbx_validate_close_contact.PDB_ins_code_2 
_pdbx_validate_close_contact.label_alt_id_2 
_pdbx_validate_close_contact.dist 
1 1 OE2 A GLU 156 ? ? NH1 A ARG 159 ? ? 1.97 
2 1 NH1 A ARG 122 ? ? O   A HOH 401 ? ? 2.04 
3 1 NH2 A ARG 128 ? ? CD1 A TRP 138 ? B 2.19 
# 
loop_
_pdbx_validate_symm_contact.id 
_pdbx_validate_symm_contact.PDB_model_num 
_pdbx_validate_symm_contact.auth_atom_id_1 
_pdbx_validate_symm_contact.auth_asym_id_1 
_pdbx_validate_symm_contact.auth_comp_id_1 
_pdbx_validate_symm_contact.auth_seq_id_1 
_pdbx_validate_symm_contact.PDB_ins_code_1 
_pdbx_validate_symm_contact.label_alt_id_1 
_pdbx_validate_symm_contact.site_symmetry_1 
_pdbx_validate_symm_contact.auth_atom_id_2 
_pdbx_validate_symm_contact.auth_asym_id_2 
_pdbx_validate_symm_contact.auth_comp_id_2 
_pdbx_validate_symm_contact.auth_seq_id_2 
_pdbx_validate_symm_contact.PDB_ins_code_2 
_pdbx_validate_symm_contact.label_alt_id_2 
_pdbx_validate_symm_contact.site_symmetry_2 
_pdbx_validate_symm_contact.dist 
1 1 NH1 A ARG 164 ? ? 1_555 NH1 A ARG 164 ? ? 7_556 0.54 
2 1 CZ  A ARG 164 ? ? 1_555 CZ  A ARG 164 ? ? 7_556 1.04 
3 1 CZ  A ARG 164 ? ? 1_555 NH1 A ARG 164 ? ? 7_556 1.41 
4 1 NE  A ARG 164 ? ? 1_555 CZ  A ARG 164 ? ? 7_556 1.44 
5 1 NE  A ARG 164 ? ? 1_555 NH2 A ARG 164 ? ? 7_556 1.55 
6 1 NE  A ARG 164 ? ? 1_555 NH1 A ARG 164 ? ? 7_556 2.14 
7 1 NE  A ARG 164 ? ? 1_555 NE  A ARG 164 ? ? 7_556 2.16 
8 1 CZ  A ARG 164 ? ? 1_555 NH2 A ARG 164 ? ? 7_556 2.17 
# 
_pdbx_validate_torsion.id              1 
_pdbx_validate_torsion.PDB_model_num   1 
_pdbx_validate_torsion.auth_comp_id    THR 
_pdbx_validate_torsion.auth_asym_id    A 
_pdbx_validate_torsion.auth_seq_id     165 
_pdbx_validate_torsion.PDB_ins_code    ? 
_pdbx_validate_torsion.label_alt_id    ? 
_pdbx_validate_torsion.phi             -114.83 
_pdbx_validate_torsion.psi             -104.84 
# 
loop_
_pdbx_validate_planes.id 
_pdbx_validate_planes.PDB_model_num 
_pdbx_validate_planes.auth_comp_id 
_pdbx_validate_planes.auth_asym_id 
_pdbx_validate_planes.auth_seq_id 
_pdbx_validate_planes.PDB_ins_code 
_pdbx_validate_planes.label_alt_id 
_pdbx_validate_planes.rmsd 
_pdbx_validate_planes.type 
1 1 ARG A 128 ? ? 0.109 'SIDE CHAIN' 
2 1 ARG A 164 ? ? 0.291 'SIDE CHAIN' 
3 1 ARG A 198 ? ? 0.107 'SIDE CHAIN' 
# 
_pdbx_struct_special_symmetry.id              1 
_pdbx_struct_special_symmetry.PDB_model_num   1 
_pdbx_struct_special_symmetry.auth_asym_id    A 
_pdbx_struct_special_symmetry.auth_comp_id    HOH 
_pdbx_struct_special_symmetry.auth_seq_id     415 
_pdbx_struct_special_symmetry.PDB_ins_code    ? 
_pdbx_struct_special_symmetry.label_asym_id   C 
_pdbx_struct_special_symmetry.label_comp_id   HOH 
_pdbx_struct_special_symmetry.label_seq_id    . 
# 
_pdbx_entry_details.entry_id                 7NGR 
_pdbx_entry_details.has_ligand_of_interest   Y 
_pdbx_entry_details.compound_details         ? 
_pdbx_entry_details.source_details           ? 
_pdbx_entry_details.nonpolymer_details       ? 
_pdbx_entry_details.sequence_details         ? 
# 
loop_
_pdbx_unobs_or_zero_occ_residues.id 
_pdbx_unobs_or_zero_occ_residues.PDB_model_num 
_pdbx_unobs_or_zero_occ_residues.polymer_flag 
_pdbx_unobs_or_zero_occ_residues.occupancy_flag 
_pdbx_unobs_or_zero_occ_residues.auth_asym_id 
_pdbx_unobs_or_zero_occ_residues.auth_comp_id 
_pdbx_unobs_or_zero_occ_residues.auth_seq_id 
_pdbx_unobs_or_zero_occ_residues.PDB_ins_code 
_pdbx_unobs_or_zero_occ_residues.label_asym_id 
_pdbx_unobs_or_zero_occ_residues.label_comp_id 
_pdbx_unobs_or_zero_occ_residues.label_seq_id 
1  1 Y 1 A MET 1   ? A MET 1   
2  1 Y 1 A THR 2   ? A THR 2   
3  1 Y 1 A THR 3   ? A THR 3   
4  1 Y 1 A SER 4   ? A SER 4   
5  1 Y 1 A ALA 5   ? A ALA 5   
6  1 Y 1 A ALA 6   ? A ALA 6   
7  1 Y 1 A SER 7   ? A SER 7   
8  1 Y 1 A GLN 8   ? A GLN 8   
9  1 Y 1 A ALA 9   ? A ALA 9   
10 1 Y 1 A SER 10  ? A SER 10  
11 1 Y 1 A LEU 11  ? A LEU 11  
12 1 Y 1 A PRO 12  ? A PRO 12  
13 1 Y 1 A ARG 13  ? A ARG 13  
14 1 Y 1 A GLY 14  ? A GLY 14  
15 1 Y 1 A ARG 15  ? A ARG 15  
16 1 Y 1 A ARG 16  ? A ARG 16  
17 1 Y 1 A THR 17  ? A THR 17  
18 1 Y 1 A ALA 18  ? A ALA 18  
19 1 Y 1 A ARG 19  ? A ARG 19  
20 1 Y 1 A PRO 20  ? A PRO 20  
21 1 Y 1 A SER 21  ? A SER 21  
22 1 Y 1 A ASN 215 ? A ASN 215 
23 1 Y 1 A ARG 216 ? A ARG 216 
# 
loop_
_chem_comp_atom.comp_id 
_chem_comp_atom.atom_id 
_chem_comp_atom.type_symbol 
_chem_comp_atom.pdbx_aromatic_flag 
_chem_comp_atom.pdbx_stereo_config 
_chem_comp_atom.pdbx_ordinal 
ALA N    N N N 1   
ALA CA   C N S 2   
ALA C    C N N 3   
ALA O    O N N 4   
ALA CB   C N N 5   
ALA OXT  O N N 6   
ALA H    H N N 7   
ALA H2   H N N 8   
ALA HA   H N N 9   
ALA HB1  H N N 10  
ALA HB2  H N N 11  
ALA HB3  H N N 12  
ALA HXT  H N N 13  
ARG N    N N N 14  
ARG CA   C N S 15  
ARG C    C N N 16  
ARG O    O N N 17  
ARG CB   C N N 18  
ARG CG   C N N 19  
ARG CD   C N N 20  
ARG NE   N N N 21  
ARG CZ   C N N 22  
ARG NH1  N N N 23  
ARG NH2  N N N 24  
ARG OXT  O N N 25  
ARG H    H N N 26  
ARG H2   H N N 27  
ARG HA   H N N 28  
ARG HB2  H N N 29  
ARG HB3  H N N 30  
ARG HG2  H N N 31  
ARG HG3  H N N 32  
ARG HD2  H N N 33  
ARG HD3  H N N 34  
ARG HE   H N N 35  
ARG HH11 H N N 36  
ARG HH12 H N N 37  
ARG HH21 H N N 38  
ARG HH22 H N N 39  
ARG HXT  H N N 40  
ASN N    N N N 41  
ASN CA   C N S 42  
ASN C    C N N 43  
ASN O    O N N 44  
ASN CB   C N N 45  
ASN CG   C N N 46  
ASN OD1  O N N 47  
ASN ND2  N N N 48  
ASN OXT  O N N 49  
ASN H    H N N 50  
ASN H2   H N N 51  
ASN HA   H N N 52  
ASN HB2  H N N 53  
ASN HB3  H N N 54  
ASN HD21 H N N 55  
ASN HD22 H N N 56  
ASN HXT  H N N 57  
ASP N    N N N 58  
ASP CA   C N S 59  
ASP C    C N N 60  
ASP O    O N N 61  
ASP CB   C N N 62  
ASP CG   C N N 63  
ASP OD1  O N N 64  
ASP OD2  O N N 65  
ASP OXT  O N N 66  
ASP H    H N N 67  
ASP H2   H N N 68  
ASP HA   H N N 69  
ASP HB2  H N N 70  
ASP HB3  H N N 71  
ASP HD2  H N N 72  
ASP HXT  H N N 73  
GLN N    N N N 74  
GLN CA   C N S 75  
GLN C    C N N 76  
GLN O    O N N 77  
GLN CB   C N N 78  
GLN CG   C N N 79  
GLN CD   C N N 80  
GLN OE1  O N N 81  
GLN NE2  N N N 82  
GLN OXT  O N N 83  
GLN H    H N N 84  
GLN H2   H N N 85  
GLN HA   H N N 86  
GLN HB2  H N N 87  
GLN HB3  H N N 88  
GLN HG2  H N N 89  
GLN HG3  H N N 90  
GLN HE21 H N N 91  
GLN HE22 H N N 92  
GLN HXT  H N N 93  
GLU N    N N N 94  
GLU CA   C N S 95  
GLU C    C N N 96  
GLU O    O N N 97  
GLU CB   C N N 98  
GLU CG   C N N 99  
GLU CD   C N N 100 
GLU OE1  O N N 101 
GLU OE2  O N N 102 
GLU OXT  O N N 103 
GLU H    H N N 104 
GLU H2   H N N 105 
GLU HA   H N N 106 
GLU HB2  H N N 107 
GLU HB3  H N N 108 
GLU HG2  H N N 109 
GLU HG3  H N N 110 
GLU HE2  H N N 111 
GLU HXT  H N N 112 
GLY N    N N N 113 
GLY CA   C N N 114 
GLY C    C N N 115 
GLY O    O N N 116 
GLY OXT  O N N 117 
GLY H    H N N 118 
GLY H2   H N N 119 
GLY HA2  H N N 120 
GLY HA3  H N N 121 
GLY HXT  H N N 122 
HIS N    N N N 123 
HIS CA   C N S 124 
HIS C    C N N 125 
HIS O    O N N 126 
HIS CB   C N N 127 
HIS CG   C Y N 128 
HIS ND1  N Y N 129 
HIS CD2  C Y N 130 
HIS CE1  C Y N 131 
HIS NE2  N Y N 132 
HIS OXT  O N N 133 
HIS H    H N N 134 
HIS H2   H N N 135 
HIS HA   H N N 136 
HIS HB2  H N N 137 
HIS HB3  H N N 138 
HIS HD1  H N N 139 
HIS HD2  H N N 140 
HIS HE1  H N N 141 
HIS HE2  H N N 142 
HIS HXT  H N N 143 
HOH O    O N N 144 
HOH H1   H N N 145 
HOH H2   H N N 146 
ILE N    N N N 147 
ILE CA   C N S 148 
ILE C    C N N 149 
ILE O    O N N 150 
ILE CB   C N S 151 
ILE CG1  C N N 152 
ILE CG2  C N N 153 
ILE CD1  C N N 154 
ILE OXT  O N N 155 
ILE H    H N N 156 
ILE H2   H N N 157 
ILE HA   H N N 158 
ILE HB   H N N 159 
ILE HG12 H N N 160 
ILE HG13 H N N 161 
ILE HG21 H N N 162 
ILE HG22 H N N 163 
ILE HG23 H N N 164 
ILE HD11 H N N 165 
ILE HD12 H N N 166 
ILE HD13 H N N 167 
ILE HXT  H N N 168 
LEU N    N N N 169 
LEU CA   C N S 170 
LEU C    C N N 171 
LEU O    O N N 172 
LEU CB   C N N 173 
LEU CG   C N N 174 
LEU CD1  C N N 175 
LEU CD2  C N N 176 
LEU OXT  O N N 177 
LEU H    H N N 178 
LEU H2   H N N 179 
LEU HA   H N N 180 
LEU HB2  H N N 181 
LEU HB3  H N N 182 
LEU HG   H N N 183 
LEU HD11 H N N 184 
LEU HD12 H N N 185 
LEU HD13 H N N 186 
LEU HD21 H N N 187 
LEU HD22 H N N 188 
LEU HD23 H N N 189 
LEU HXT  H N N 190 
LYS N    N N N 191 
LYS CA   C N S 192 
LYS C    C N N 193 
LYS O    O N N 194 
LYS CB   C N N 195 
LYS CG   C N N 196 
LYS CD   C N N 197 
LYS CE   C N N 198 
LYS NZ   N N N 199 
LYS OXT  O N N 200 
LYS H    H N N 201 
LYS H2   H N N 202 
LYS HA   H N N 203 
LYS HB2  H N N 204 
LYS HB3  H N N 205 
LYS HG2  H N N 206 
LYS HG3  H N N 207 
LYS HD2  H N N 208 
LYS HD3  H N N 209 
LYS HE2  H N N 210 
LYS HE3  H N N 211 
LYS HZ1  H N N 212 
LYS HZ2  H N N 213 
LYS HZ3  H N N 214 
LYS HXT  H N N 215 
MET N    N N N 216 
MET CA   C N S 217 
MET C    C N N 218 
MET O    O N N 219 
MET CB   C N N 220 
MET CG   C N N 221 
MET SD   S N N 222 
MET CE   C N N 223 
MET OXT  O N N 224 
MET H    H N N 225 
MET H2   H N N 226 
MET HA   H N N 227 
MET HB2  H N N 228 
MET HB3  H N N 229 
MET HG2  H N N 230 
MET HG3  H N N 231 
MET HE1  H N N 232 
MET HE2  H N N 233 
MET HE3  H N N 234 
MET HXT  H N N 235 
PHE N    N N N 236 
PHE CA   C N S 237 
PHE C    C N N 238 
PHE O    O N N 239 
PHE CB   C N N 240 
PHE CG   C Y N 241 
PHE CD1  C Y N 242 
PHE CD2  C Y N 243 
PHE CE1  C Y N 244 
PHE CE2  C Y N 245 
PHE CZ   C Y N 246 
PHE OXT  O N N 247 
PHE H    H N N 248 
PHE H2   H N N 249 
PHE HA   H N N 250 
PHE HB2  H N N 251 
PHE HB3  H N N 252 
PHE HD1  H N N 253 
PHE HD2  H N N 254 
PHE HE1  H N N 255 
PHE HE2  H N N 256 
PHE HZ   H N N 257 
PHE HXT  H N N 258 
PRO N    N N N 259 
PRO CA   C N S 260 
PRO C    C N N 261 
PRO O    O N N 262 
PRO CB   C N N 263 
PRO CG   C N N 264 
PRO CD   C N N 265 
PRO OXT  O N N 266 
PRO H    H N N 267 
PRO HA   H N N 268 
PRO HB2  H N N 269 
PRO HB3  H N N 270 
PRO HG2  H N N 271 
PRO HG3  H N N 272 
PRO HD2  H N N 273 
PRO HD3  H N N 274 
PRO HXT  H N N 275 
SER N    N N N 276 
SER CA   C N S 277 
SER C    C N N 278 
SER O    O N N 279 
SER CB   C N N 280 
SER OG   O N N 281 
SER OXT  O N N 282 
SER H    H N N 283 
SER H2   H N N 284 
SER HA   H N N 285 
SER HB2  H N N 286 
SER HB3  H N N 287 
SER HG   H N N 288 
SER HXT  H N N 289 
THR N    N N N 290 
THR CA   C N S 291 
THR C    C N N 292 
THR O    O N N 293 
THR CB   C N R 294 
THR OG1  O N N 295 
THR CG2  C N N 296 
THR OXT  O N N 297 
THR H    H N N 298 
THR H2   H N N 299 
THR HA   H N N 300 
THR HB   H N N 301 
THR HG1  H N N 302 
THR HG21 H N N 303 
THR HG22 H N N 304 
THR HG23 H N N 305 
THR HXT  H N N 306 
TRP N    N N N 307 
TRP CA   C N S 308 
TRP C    C N N 309 
TRP O    O N N 310 
TRP CB   C N N 311 
TRP CG   C Y N 312 
TRP CD1  C Y N 313 
TRP CD2  C Y N 314 
TRP NE1  N Y N 315 
TRP CE2  C Y N 316 
TRP CE3  C Y N 317 
TRP CZ2  C Y N 318 
TRP CZ3  C Y N 319 
TRP CH2  C Y N 320 
TRP OXT  O N N 321 
TRP H    H N N 322 
TRP H2   H N N 323 
TRP HA   H N N 324 
TRP HB2  H N N 325 
TRP HB3  H N N 326 
TRP HD1  H N N 327 
TRP HE1  H N N 328 
TRP HE3  H N N 329 
TRP HZ2  H N N 330 
TRP HZ3  H N N 331 
TRP HH2  H N N 332 
TRP HXT  H N N 333 
TYR N    N N N 334 
TYR CA   C N S 335 
TYR C    C N N 336 
TYR O    O N N 337 
TYR CB   C N N 338 
TYR CG   C Y N 339 
TYR CD1  C Y N 340 
TYR CD2  C Y N 341 
TYR CE1  C Y N 342 
TYR CE2  C Y N 343 
TYR CZ   C Y N 344 
TYR OH   O N N 345 
TYR OXT  O N N 346 
TYR H    H N N 347 
TYR H2   H N N 348 
TYR HA   H N N 349 
TYR HB2  H N N 350 
TYR HB3  H N N 351 
TYR HD1  H N N 352 
TYR HD2  H N N 353 
TYR HE1  H N N 354 
TYR HE2  H N N 355 
TYR HH   H N N 356 
TYR HXT  H N N 357 
U9Z C4   C N N 358 
U9Z C14  C N N 359 
U9Z C5   C N N 360 
U9Z C6   C Y N 361 
U9Z C11  C Y N 362 
U9Z C7   C Y N 363 
U9Z C8   C Y N 364 
U9Z C9   C Y N 365 
U9Z C10  C N N 366 
U9Z C12  C Y N 367 
U9Z C13  C N N 368 
U9Z N1   N N N 369 
U9Z N2   N N N 370 
U9Z C3   C N N 371 
U9Z C1   C N N 372 
U9Z C2   C N N 373 
U9Z O1   O N N 374 
U9Z F1   F N N 375 
U9Z F2   F N N 376 
U9Z F3   F N N 377 
U9Z H1   H N N 378 
U9Z H2   H N N 379 
U9Z H3   H N N 380 
U9Z H4   H N N 381 
U9Z H5   H N N 382 
U9Z H6   H N N 383 
U9Z H7   H N N 384 
U9Z H8   H N N 385 
U9Z H9   H N N 386 
U9Z H10  H N N 387 
U9Z H11  H N N 388 
U9Z H12  H N N 389 
U9Z H13  H N N 390 
U9Z H14  H N N 391 
U9Z H15  H N N 392 
U9Z H16  H N N 393 
U9Z H17  H N N 394 
VAL N    N N N 395 
VAL CA   C N S 396 
VAL C    C N N 397 
VAL O    O N N 398 
VAL CB   C N N 399 
VAL CG1  C N N 400 
VAL CG2  C N N 401 
VAL OXT  O N N 402 
VAL H    H N N 403 
VAL H2   H N N 404 
VAL HA   H N N 405 
VAL HB   H N N 406 
VAL HG11 H N N 407 
VAL HG12 H N N 408 
VAL HG13 H N N 409 
VAL HG21 H N N 410 
VAL HG22 H N N 411 
VAL HG23 H N N 412 
VAL HXT  H N N 413 
# 
loop_
_chem_comp_bond.comp_id 
_chem_comp_bond.atom_id_1 
_chem_comp_bond.atom_id_2 
_chem_comp_bond.value_order 
_chem_comp_bond.pdbx_aromatic_flag 
_chem_comp_bond.pdbx_stereo_config 
_chem_comp_bond.pdbx_ordinal 
ALA N   CA   sing N N 1   
ALA N   H    sing N N 2   
ALA N   H2   sing N N 3   
ALA CA  C    sing N N 4   
ALA CA  CB   sing N N 5   
ALA CA  HA   sing N N 6   
ALA C   O    doub N N 7   
ALA C   OXT  sing N N 8   
ALA CB  HB1  sing N N 9   
ALA CB  HB2  sing N N 10  
ALA CB  HB3  sing N N 11  
ALA OXT HXT  sing N N 12  
ARG N   CA   sing N N 13  
ARG N   H    sing N N 14  
ARG N   H2   sing N N 15  
ARG CA  C    sing N N 16  
ARG CA  CB   sing N N 17  
ARG CA  HA   sing N N 18  
ARG C   O    doub N N 19  
ARG C   OXT  sing N N 20  
ARG CB  CG   sing N N 21  
ARG CB  HB2  sing N N 22  
ARG CB  HB3  sing N N 23  
ARG CG  CD   sing N N 24  
ARG CG  HG2  sing N N 25  
ARG CG  HG3  sing N N 26  
ARG CD  NE   sing N N 27  
ARG CD  HD2  sing N N 28  
ARG CD  HD3  sing N N 29  
ARG NE  CZ   sing N N 30  
ARG NE  HE   sing N N 31  
ARG CZ  NH1  sing N N 32  
ARG CZ  NH2  doub N N 33  
ARG NH1 HH11 sing N N 34  
ARG NH1 HH12 sing N N 35  
ARG NH2 HH21 sing N N 36  
ARG NH2 HH22 sing N N 37  
ARG OXT HXT  sing N N 38  
ASN N   CA   sing N N 39  
ASN N   H    sing N N 40  
ASN N   H2   sing N N 41  
ASN CA  C    sing N N 42  
ASN CA  CB   sing N N 43  
ASN CA  HA   sing N N 44  
ASN C   O    doub N N 45  
ASN C   OXT  sing N N 46  
ASN CB  CG   sing N N 47  
ASN CB  HB2  sing N N 48  
ASN CB  HB3  sing N N 49  
ASN CG  OD1  doub N N 50  
ASN CG  ND2  sing N N 51  
ASN ND2 HD21 sing N N 52  
ASN ND2 HD22 sing N N 53  
ASN OXT HXT  sing N N 54  
ASP N   CA   sing N N 55  
ASP N   H    sing N N 56  
ASP N   H2   sing N N 57  
ASP CA  C    sing N N 58  
ASP CA  CB   sing N N 59  
ASP CA  HA   sing N N 60  
ASP C   O    doub N N 61  
ASP C   OXT  sing N N 62  
ASP CB  CG   sing N N 63  
ASP CB  HB2  sing N N 64  
ASP CB  HB3  sing N N 65  
ASP CG  OD1  doub N N 66  
ASP CG  OD2  sing N N 67  
ASP OD2 HD2  sing N N 68  
ASP OXT HXT  sing N N 69  
GLN N   CA   sing N N 70  
GLN N   H    sing N N 71  
GLN N   H2   sing N N 72  
GLN CA  C    sing N N 73  
GLN CA  CB   sing N N 74  
GLN CA  HA   sing N N 75  
GLN C   O    doub N N 76  
GLN C   OXT  sing N N 77  
GLN CB  CG   sing N N 78  
GLN CB  HB2  sing N N 79  
GLN CB  HB3  sing N N 80  
GLN CG  CD   sing N N 81  
GLN CG  HG2  sing N N 82  
GLN CG  HG3  sing N N 83  
GLN CD  OE1  doub N N 84  
GLN CD  NE2  sing N N 85  
GLN NE2 HE21 sing N N 86  
GLN NE2 HE22 sing N N 87  
GLN OXT HXT  sing N N 88  
GLU N   CA   sing N N 89  
GLU N   H    sing N N 90  
GLU N   H2   sing N N 91  
GLU CA  C    sing N N 92  
GLU CA  CB   sing N N 93  
GLU CA  HA   sing N N 94  
GLU C   O    doub N N 95  
GLU C   OXT  sing N N 96  
GLU CB  CG   sing N N 97  
GLU CB  HB2  sing N N 98  
GLU CB  HB3  sing N N 99  
GLU CG  CD   sing N N 100 
GLU CG  HG2  sing N N 101 
GLU CG  HG3  sing N N 102 
GLU CD  OE1  doub N N 103 
GLU CD  OE2  sing N N 104 
GLU OE2 HE2  sing N N 105 
GLU OXT HXT  sing N N 106 
GLY N   CA   sing N N 107 
GLY N   H    sing N N 108 
GLY N   H2   sing N N 109 
GLY CA  C    sing N N 110 
GLY CA  HA2  sing N N 111 
GLY CA  HA3  sing N N 112 
GLY C   O    doub N N 113 
GLY C   OXT  sing N N 114 
GLY OXT HXT  sing N N 115 
HIS N   CA   sing N N 116 
HIS N   H    sing N N 117 
HIS N   H2   sing N N 118 
HIS CA  C    sing N N 119 
HIS CA  CB   sing N N 120 
HIS CA  HA   sing N N 121 
HIS C   O    doub N N 122 
HIS C   OXT  sing N N 123 
HIS CB  CG   sing N N 124 
HIS CB  HB2  sing N N 125 
HIS CB  HB3  sing N N 126 
HIS CG  ND1  sing Y N 127 
HIS CG  CD2  doub Y N 128 
HIS ND1 CE1  doub Y N 129 
HIS ND1 HD1  sing N N 130 
HIS CD2 NE2  sing Y N 131 
HIS CD2 HD2  sing N N 132 
HIS CE1 NE2  sing Y N 133 
HIS CE1 HE1  sing N N 134 
HIS NE2 HE2  sing N N 135 
HIS OXT HXT  sing N N 136 
HOH O   H1   sing N N 137 
HOH O   H2   sing N N 138 
ILE N   CA   sing N N 139 
ILE N   H    sing N N 140 
ILE N   H2   sing N N 141 
ILE CA  C    sing N N 142 
ILE CA  CB   sing N N 143 
ILE CA  HA   sing N N 144 
ILE C   O    doub N N 145 
ILE C   OXT  sing N N 146 
ILE CB  CG1  sing N N 147 
ILE CB  CG2  sing N N 148 
ILE CB  HB   sing N N 149 
ILE CG1 CD1  sing N N 150 
ILE CG1 HG12 sing N N 151 
ILE CG1 HG13 sing N N 152 
ILE CG2 HG21 sing N N 153 
ILE CG2 HG22 sing N N 154 
ILE CG2 HG23 sing N N 155 
ILE CD1 HD11 sing N N 156 
ILE CD1 HD12 sing N N 157 
ILE CD1 HD13 sing N N 158 
ILE OXT HXT  sing N N 159 
LEU N   CA   sing N N 160 
LEU N   H    sing N N 161 
LEU N   H2   sing N N 162 
LEU CA  C    sing N N 163 
LEU CA  CB   sing N N 164 
LEU CA  HA   sing N N 165 
LEU C   O    doub N N 166 
LEU C   OXT  sing N N 167 
LEU CB  CG   sing N N 168 
LEU CB  HB2  sing N N 169 
LEU CB  HB3  sing N N 170 
LEU CG  CD1  sing N N 171 
LEU CG  CD2  sing N N 172 
LEU CG  HG   sing N N 173 
LEU CD1 HD11 sing N N 174 
LEU CD1 HD12 sing N N 175 
LEU CD1 HD13 sing N N 176 
LEU CD2 HD21 sing N N 177 
LEU CD2 HD22 sing N N 178 
LEU CD2 HD23 sing N N 179 
LEU OXT HXT  sing N N 180 
LYS N   CA   sing N N 181 
LYS N   H    sing N N 182 
LYS N   H2   sing N N 183 
LYS CA  C    sing N N 184 
LYS CA  CB   sing N N 185 
LYS CA  HA   sing N N 186 
LYS C   O    doub N N 187 
LYS C   OXT  sing N N 188 
LYS CB  CG   sing N N 189 
LYS CB  HB2  sing N N 190 
LYS CB  HB3  sing N N 191 
LYS CG  CD   sing N N 192 
LYS CG  HG2  sing N N 193 
LYS CG  HG3  sing N N 194 
LYS CD  CE   sing N N 195 
LYS CD  HD2  sing N N 196 
LYS CD  HD3  sing N N 197 
LYS CE  NZ   sing N N 198 
LYS CE  HE2  sing N N 199 
LYS CE  HE3  sing N N 200 
LYS NZ  HZ1  sing N N 201 
LYS NZ  HZ2  sing N N 202 
LYS NZ  HZ3  sing N N 203 
LYS OXT HXT  sing N N 204 
MET N   CA   sing N N 205 
MET N   H    sing N N 206 
MET N   H2   sing N N 207 
MET CA  C    sing N N 208 
MET CA  CB   sing N N 209 
MET CA  HA   sing N N 210 
MET C   O    doub N N 211 
MET C   OXT  sing N N 212 
MET CB  CG   sing N N 213 
MET CB  HB2  sing N N 214 
MET CB  HB3  sing N N 215 
MET CG  SD   sing N N 216 
MET CG  HG2  sing N N 217 
MET CG  HG3  sing N N 218 
MET SD  CE   sing N N 219 
MET CE  HE1  sing N N 220 
MET CE  HE2  sing N N 221 
MET CE  HE3  sing N N 222 
MET OXT HXT  sing N N 223 
PHE N   CA   sing N N 224 
PHE N   H    sing N N 225 
PHE N   H2   sing N N 226 
PHE CA  C    sing N N 227 
PHE CA  CB   sing N N 228 
PHE CA  HA   sing N N 229 
PHE C   O    doub N N 230 
PHE C   OXT  sing N N 231 
PHE CB  CG   sing N N 232 
PHE CB  HB2  sing N N 233 
PHE CB  HB3  sing N N 234 
PHE CG  CD1  doub Y N 235 
PHE CG  CD2  sing Y N 236 
PHE CD1 CE1  sing Y N 237 
PHE CD1 HD1  sing N N 238 
PHE CD2 CE2  doub Y N 239 
PHE CD2 HD2  sing N N 240 
PHE CE1 CZ   doub Y N 241 
PHE CE1 HE1  sing N N 242 
PHE CE2 CZ   sing Y N 243 
PHE CE2 HE2  sing N N 244 
PHE CZ  HZ   sing N N 245 
PHE OXT HXT  sing N N 246 
PRO N   CA   sing N N 247 
PRO N   CD   sing N N 248 
PRO N   H    sing N N 249 
PRO CA  C    sing N N 250 
PRO CA  CB   sing N N 251 
PRO CA  HA   sing N N 252 
PRO C   O    doub N N 253 
PRO C   OXT  sing N N 254 
PRO CB  CG   sing N N 255 
PRO CB  HB2  sing N N 256 
PRO CB  HB3  sing N N 257 
PRO CG  CD   sing N N 258 
PRO CG  HG2  sing N N 259 
PRO CG  HG3  sing N N 260 
PRO CD  HD2  sing N N 261 
PRO CD  HD3  sing N N 262 
PRO OXT HXT  sing N N 263 
SER N   CA   sing N N 264 
SER N   H    sing N N 265 
SER N   H2   sing N N 266 
SER CA  C    sing N N 267 
SER CA  CB   sing N N 268 
SER CA  HA   sing N N 269 
SER C   O    doub N N 270 
SER C   OXT  sing N N 271 
SER CB  OG   sing N N 272 
SER CB  HB2  sing N N 273 
SER CB  HB3  sing N N 274 
SER OG  HG   sing N N 275 
SER OXT HXT  sing N N 276 
THR N   CA   sing N N 277 
THR N   H    sing N N 278 
THR N   H2   sing N N 279 
THR CA  C    sing N N 280 
THR CA  CB   sing N N 281 
THR CA  HA   sing N N 282 
THR C   O    doub N N 283 
THR C   OXT  sing N N 284 
THR CB  OG1  sing N N 285 
THR CB  CG2  sing N N 286 
THR CB  HB   sing N N 287 
THR OG1 HG1  sing N N 288 
THR CG2 HG21 sing N N 289 
THR CG2 HG22 sing N N 290 
THR CG2 HG23 sing N N 291 
THR OXT HXT  sing N N 292 
TRP N   CA   sing N N 293 
TRP N   H    sing N N 294 
TRP N   H2   sing N N 295 
TRP CA  C    sing N N 296 
TRP CA  CB   sing N N 297 
TRP CA  HA   sing N N 298 
TRP C   O    doub N N 299 
TRP C   OXT  sing N N 300 
TRP CB  CG   sing N N 301 
TRP CB  HB2  sing N N 302 
TRP CB  HB3  sing N N 303 
TRP CG  CD1  doub Y N 304 
TRP CG  CD2  sing Y N 305 
TRP CD1 NE1  sing Y N 306 
TRP CD1 HD1  sing N N 307 
TRP CD2 CE2  doub Y N 308 
TRP CD2 CE3  sing Y N 309 
TRP NE1 CE2  sing Y N 310 
TRP NE1 HE1  sing N N 311 
TRP CE2 CZ2  sing Y N 312 
TRP CE3 CZ3  doub Y N 313 
TRP CE3 HE3  sing N N 314 
TRP CZ2 CH2  doub Y N 315 
TRP CZ2 HZ2  sing N N 316 
TRP CZ3 CH2  sing Y N 317 
TRP CZ3 HZ3  sing N N 318 
TRP CH2 HH2  sing N N 319 
TRP OXT HXT  sing N N 320 
TYR N   CA   sing N N 321 
TYR N   H    sing N N 322 
TYR N   H2   sing N N 323 
TYR CA  C    sing N N 324 
TYR CA  CB   sing N N 325 
TYR CA  HA   sing N N 326 
TYR C   O    doub N N 327 
TYR C   OXT  sing N N 328 
TYR CB  CG   sing N N 329 
TYR CB  HB2  sing N N 330 
TYR CB  HB3  sing N N 331 
TYR CG  CD1  doub Y N 332 
TYR CG  CD2  sing Y N 333 
TYR CD1 CE1  sing Y N 334 
TYR CD1 HD1  sing N N 335 
TYR CD2 CE2  doub Y N 336 
TYR CD2 HD2  sing N N 337 
TYR CE1 CZ   doub Y N 338 
TYR CE1 HE1  sing N N 339 
TYR CE2 CZ   sing Y N 340 
TYR CE2 HE2  sing N N 341 
TYR CZ  OH   sing N N 342 
TYR OH  HH   sing N N 343 
TYR OXT HXT  sing N N 344 
U9Z C13 C14  sing N N 345 
U9Z C13 N1   sing N N 346 
U9Z C14 C2   sing N N 347 
U9Z O1  C5   doub N N 348 
U9Z C1  C2   sing N N 349 
U9Z C2  C3   sing N N 350 
U9Z C5  N1   sing N N 351 
U9Z C5  N2   sing N N 352 
U9Z N1  C4   sing N N 353 
U9Z C12 C11  doub Y N 354 
U9Z C12 C6   sing Y N 355 
U9Z C11 C9   sing Y N 356 
U9Z C3  C4   sing N N 357 
U9Z N2  C6   sing N N 358 
U9Z C6  C7   doub Y N 359 
U9Z F1  C10  sing N N 360 
U9Z C9  C10  sing N N 361 
U9Z C9  C8   doub Y N 362 
U9Z C10 F3   sing N N 363 
U9Z C10 F2   sing N N 364 
U9Z C7  C8   sing Y N 365 
U9Z C4  H1   sing N N 366 
U9Z C4  H2   sing N N 367 
U9Z C14 H3   sing N N 368 
U9Z C14 H4   sing N N 369 
U9Z C11 H5   sing N N 370 
U9Z C7  H6   sing N N 371 
U9Z C8  H7   sing N N 372 
U9Z C12 H8   sing N N 373 
U9Z C13 H9   sing N N 374 
U9Z C13 H10  sing N N 375 
U9Z N2  H11  sing N N 376 
U9Z C3  H12  sing N N 377 
U9Z C3  H13  sing N N 378 
U9Z C1  H14  sing N N 379 
U9Z C1  H15  sing N N 380 
U9Z C1  H16  sing N N 381 
U9Z C2  H17  sing N N 382 
VAL N   CA   sing N N 383 
VAL N   H    sing N N 384 
VAL N   H2   sing N N 385 
VAL CA  C    sing N N 386 
VAL CA  CB   sing N N 387 
VAL CA  HA   sing N N 388 
VAL C   O    doub N N 389 
VAL C   OXT  sing N N 390 
VAL CB  CG1  sing N N 391 
VAL CB  CG2  sing N N 392 
VAL CB  HB   sing N N 393 
VAL CG1 HG11 sing N N 394 
VAL CG1 HG12 sing N N 395 
VAL CG1 HG13 sing N N 396 
VAL CG2 HG21 sing N N 397 
VAL CG2 HG22 sing N N 398 
VAL CG2 HG23 sing N N 399 
VAL OXT HXT  sing N N 400 
# 
_pdbx_entity_instance_feature.ordinal        1 
_pdbx_entity_instance_feature.comp_id        U9Z 
_pdbx_entity_instance_feature.asym_id        ? 
_pdbx_entity_instance_feature.seq_num        ? 
_pdbx_entity_instance_feature.auth_comp_id   U9Z 
_pdbx_entity_instance_feature.auth_asym_id   ? 
_pdbx_entity_instance_feature.auth_seq_num   ? 
_pdbx_entity_instance_feature.feature_type   'SUBJECT OF INVESTIGATION' 
_pdbx_entity_instance_feature.details        ? 
# 
_pdbx_initial_refinement_model.id               1 
_pdbx_initial_refinement_model.entity_id_list   ? 
_pdbx_initial_refinement_model.type             'experimental model' 
_pdbx_initial_refinement_model.source_name      PDB 
_pdbx_initial_refinement_model.accession_code   5NIO 
_pdbx_initial_refinement_model.details          ? 
# 
_atom_sites.entry_id                    7NGR 
_atom_sites.Cartn_transf_matrix[1][1]   ? 
_atom_sites.Cartn_transf_matrix[1][2]   ? 
_atom_sites.Cartn_transf_matrix[1][3]   ? 
_atom_sites.Cartn_transf_matrix[2][1]   ? 
_atom_sites.Cartn_transf_matrix[2][2]   ? 
_atom_sites.Cartn_transf_matrix[2][3]   ? 
_atom_sites.Cartn_transf_matrix[3][1]   ? 
_atom_sites.Cartn_transf_matrix[3][2]   ? 
_atom_sites.Cartn_transf_matrix[3][3]   ? 
_atom_sites.Cartn_transf_vector[1]      ? 
_atom_sites.Cartn_transf_vector[2]      ? 
_atom_sites.Cartn_transf_vector[3]      ? 
_atom_sites.fract_transf_matrix[1][1]   -0.00112984 
_atom_sites.fract_transf_matrix[1][2]   -0.00470274 
_atom_sites.fract_transf_matrix[1][3]   0.00665022 
_atom_sites.fract_transf_matrix[2][1]   -0.00418748 
_atom_sites.fract_transf_matrix[2][2]   -0.00542327 
_atom_sites.fract_transf_matrix[2][3]   -0.00454653 
_atom_sites.fract_transf_matrix[3][1]   0.02518003 
_atom_sites.fract_transf_matrix[3][2]   -0.01445766 
_atom_sites.fract_transf_matrix[3][3]   -0.00594586 
_atom_sites.fract_transf_vector[1]      -0.141704 
_atom_sites.fract_transf_vector[2]      -0.288814 
_atom_sites.fract_transf_vector[3]      0.010920 
_atom_sites.solution_primary            ? 
_atom_sites.solution_secondary          ? 
_atom_sites.solution_hydrogens          ? 
_atom_sites.special_details             ? 
# 
loop_
_atom_type.symbol 
C 
F 
N 
O 
S 
# 
loop_
_atom_site.group_PDB 
_atom_site.id 
_atom_site.type_symbol 
_atom_site.label_atom_id 
_atom_site.label_alt_id 
_atom_site.label_comp_id 
_atom_site.label_asym_id 
_atom_site.label_entity_id 
_atom_site.label_seq_id 
_atom_site.pdbx_PDB_ins_code 
_atom_site.Cartn_x 
_atom_site.Cartn_y 
_atom_site.Cartn_z 
_atom_site.occupancy 
_atom_site.B_iso_or_equiv 
_atom_site.pdbx_formal_charge 
_atom_site.auth_seq_id 
_atom_site.auth_comp_id 
_atom_site.auth_asym_id 
_atom_site.auth_atom_id 
_atom_site.pdbx_PDB_model_num 
ATOM   1    N N   . GLY A 1 22  ? 14.965  18.493  16.251  1.00 66.51  ? 22  GLY A N   1 
ATOM   2    C CA  . GLY A 1 22  ? 15.743  17.804  15.187  1.00 68.29  ? 22  GLY A CA  1 
ATOM   3    C C   . GLY A 1 22  ? 14.891  16.791  14.451  1.00 72.32  ? 22  GLY A C   1 
ATOM   4    O O   . GLY A 1 22  ? 14.445  17.030  13.340  1.00 82.81  ? 22  GLY A O   1 
ATOM   5    N N   . ASP A 1 23  ? 14.645  15.654  15.102  1.00 78.32  ? 23  ASP A N   1 
ATOM   6    C CA  . ASP A 1 23  ? 13.805  14.588  14.555  1.00 77.25  ? 23  ASP A CA  1 
ATOM   7    C C   . ASP A 1 23  ? 12.327  15.021  14.599  1.00 71.24  ? 23  ASP A C   1 
ATOM   8    O O   . ASP A 1 23  ? 11.479  14.483  13.885  1.00 59.32  ? 23  ASP A O   1 
ATOM   9    C CB  . ASP A 1 23  ? 14.060  13.278  15.309  1.00 80.44  ? 23  ASP A CB  1 
ATOM   10   C CG  . ASP A 1 23  ? 13.115  12.169  14.896  1.00 82.79  ? 23  ASP A CG  1 
ATOM   11   O OD1 . ASP A 1 23  ? 13.050  11.892  13.685  1.00 82.61  ? 23  ASP A OD1 1 
ATOM   12   O OD2 . ASP A 1 23  ? 12.412  11.642  15.775  1.00 82.68  ? 23  ASP A OD2 1 
ATOM   13   N N   . ASP A 1 24  ? 12.030  15.993  15.466  1.00 69.34  ? 24  ASP A N   1 
ATOM   14   C CA  . ASP A 1 24  ? 10.713  16.609  15.574  1.00 69.15  ? 24  ASP A CA  1 
ATOM   15   C C   . ASP A 1 24  ? 10.479  17.522  14.361  1.00 58.47  ? 24  ASP A C   1 
ATOM   16   O O   . ASP A 1 24  ? 9.386   17.535  13.787  1.00 60.49  ? 24  ASP A O   1 
ATOM   17   C CB  . ASP A 1 24  ? 10.577  17.335  16.918  1.00 70.51  ? 24  ASP A CB  1 
ATOM   18   C CG  . ASP A 1 24  ? 10.696  16.396  18.114  1.00 71.98  ? 24  ASP A CG  1 
ATOM   19   O OD1 . ASP A 1 24  ? 10.811  15.171  17.889  1.00 73.40  ? 24  ASP A OD1 1 
ATOM   20   O OD2 . ASP A 1 24  ? 10.678  16.887  19.259  1.00 71.82  ? 24  ASP A OD2 1 
ATOM   21   N N   . ARG A 1 25  ? 11.505  18.284  13.978  1.00 48.24  ? 25  ARG A N   1 
ATOM   22   C CA  . ARG A 1 25  ? 11.454  19.075  12.748  1.00 48.22  ? 25  ARG A CA  1 
ATOM   23   C C   . ARG A 1 25  ? 11.104  18.122  11.588  1.00 43.01  ? 25  ARG A C   1 
ATOM   24   O O   . ARG A 1 25  ? 10.284  18.415  10.747  1.00 39.44  ? 25  ARG A O   1 
ATOM   25   C CB  . ARG A 1 25  ? 12.767  19.837  12.533  1.00 39.48  ? 25  ARG A CB  1 
ATOM   26   N N   . GLU A 1 26  ? 11.719  16.944  11.580  1.00 44.86  ? 26  GLU A N   1 
ATOM   27   C CA  . GLU A 1 26  ? 11.531  16.006  10.494  1.00 44.20  ? 26  GLU A CA  1 
ATOM   28   C C   . GLU A 1 26  ? 10.071  15.519  10.446  1.00 40.93  ? 26  GLU A C   1 
ATOM   29   O O   . GLU A 1 26  ? 9.463   15.536  9.398   1.00 36.29  ? 26  GLU A O   1 
ATOM   30   C CB  . GLU A 1 26  ? 12.526  14.857  10.629  1.00 45.42  ? 26  GLU A CB  1 
ATOM   31   C CG  . GLU A 1 26  ? 12.581  14.011  9.379   1.00 50.14  ? 26  GLU A CG  1 
ATOM   32   C CD  . GLU A 1 26  ? 13.600  12.896  9.411   1.00 52.49  ? 26  GLU A CD  1 
ATOM   33   O OE1 . GLU A 1 26  ? 14.764  13.175  9.815   1.00 46.39  ? 26  GLU A OE1 1 
ATOM   34   O OE2 . GLU A 1 26  ? 13.217  11.761  9.021   1.00 47.71  ? 26  GLU A OE2 1 
ATOM   35   N N   . LEU A 1 27  ? 9.525   15.099  11.591  1.00 38.31  ? 27  LEU A N   1 
ATOM   36   C CA  . LEU A 1 27  ? 8.164   14.573  11.672  1.00 43.22  ? 27  LEU A CA  1 
ATOM   37   C C   . LEU A 1 27  ? 7.145   15.662  11.310  1.00 40.10  ? 27  LEU A C   1 
ATOM   38   O O   . LEU A 1 27  ? 6.111   15.392  10.669  1.00 37.01  ? 27  LEU A O   1 
ATOM   39   C CB  . LEU A 1 27  ? 7.915   14.037  13.083  1.00 42.50  ? 27  LEU A CB  1 
ATOM   40   C CG  . LEU A 1 27  ? 8.501   12.653  13.346  1.00 47.80  ? 27  LEU A CG  1 
ATOM   41   C CD1 . LEU A 1 27  ? 8.401   12.294  14.823  1.00 51.74  ? 27  LEU A CD1 1 
ATOM   42   C CD2 . LEU A 1 27  ? 7.806   11.600  12.489  1.00 45.16  ? 27  LEU A CD2 1 
ATOM   43   N N   . ALA A 1 28  ? 7.453   16.894  11.724  1.00 42.88  ? 28  ALA A N   1 
ATOM   44   C CA  . ALA A 1 28  ? 6.655   18.063  11.375  1.00 41.49  ? 28  ALA A CA  1 
ATOM   45   C C   . ALA A 1 28  ? 6.632   18.247  9.858   1.00 37.78  ? 28  ALA A C   1 
ATOM   46   O O   . ALA A 1 28  ? 5.608   18.631  9.313   1.00 43.17  ? 28  ALA A O   1 
ATOM   47   C CB  . ALA A 1 28  ? 7.200   19.308  12.042  1.00 45.64  ? 28  ALA A CB  1 
ATOM   48   N N   . ILE A 1 29  ? 7.778   18.067  9.191   1.00 34.19  ? 29  ILE A N   1 
ATOM   49   C CA  . ILE A 1 29  ? 7.817   18.264  7.736   1.00 35.00  ? 29  ILE A CA  1 
ATOM   50   C C   . ILE A 1 29  ? 6.904   17.202  7.094   1.00 32.48  ? 29  ILE A C   1 
ATOM   51   O O   . ILE A 1 29  ? 6.140   17.501  6.180   1.00 30.75  ? 29  ILE A O   1 
ATOM   52   C CB  . ILE A 1 29  ? 9.247   18.186  7.164   1.00 35.29  ? 29  ILE A CB  1 
ATOM   53   C CG1 . ILE A 1 29  ? 10.144  19.317  7.684   1.00 40.77  ? 29  ILE A CG1 1 
ATOM   54   C CG2 . ILE A 1 29  ? 9.190   18.154  5.632   1.00 34.25  ? 29  ILE A CG2 1 
ATOM   55   C CD1 . ILE A 1 29  ? 11.609  19.213  7.259   1.00 40.70  ? 29  ILE A CD1 1 
ATOM   56   N N   . LEU A 1 30  ? 7.033   15.959  7.569   1.00 32.08  ? 30  LEU A N   1 
ATOM   57   C CA  . LEU A 1 30  ? 6.278   14.827  7.028   1.00 35.54  ? 30  LEU A CA  1 
ATOM   58   C C   . LEU A 1 30  ? 4.784   15.060  7.269   1.00 35.07  ? 30  LEU A C   1 
ATOM   59   O O   . LEU A 1 30  ? 3.995   14.940  6.328   1.00 33.07  ? 30  LEU A O   1 
ATOM   60   C CB  . LEU A 1 30  ? 6.747   13.527  7.691   1.00 34.80  ? 30  LEU A CB  1 
ATOM   61   C CG  . LEU A 1 30  ? 8.130   13.047  7.262   1.00 35.53  ? 30  LEU A CG  1 
ATOM   62   C CD1 . LEU A 1 30  ? 8.589   11.925  8.166   1.00 34.29  ? 30  LEU A CD1 1 
ATOM   63   C CD2 . LEU A 1 30  ? 8.151   12.622  5.795   1.00 33.91  ? 30  LEU A CD2 1 
ATOM   64   N N   . ALA A 1 31  ? 4.419   15.405  8.515   1.00 34.19  ? 31  ALA A N   1 
ATOM   65   C CA  . ALA A 1 31  ? 3.005   15.676  8.868   1.00 33.36  ? 31  ALA A CA  1 
ATOM   66   C C   . ALA A 1 31  ? 2.461   16.826  8.011   1.00 34.23  ? 31  ALA A C   1 
ATOM   67   O O   . ALA A 1 31  ? 1.342   16.765  7.499   1.00 35.08  ? 31  ALA A O   1 
ATOM   68   C CB  . ALA A 1 31  ? 2.883   15.968  10.341  1.00 36.52  ? 31  ALA A CB  1 
ATOM   69   N N   . THR A 1 32  ? 3.276   17.858  7.783   1.00 35.20  ? 32  THR A N   1 
ATOM   70   C CA  . THR A 1 32  ? 2.808   19.008  6.998   1.00 35.49  ? 32  THR A CA  1 
ATOM   71   C C   . THR A 1 32  ? 2.519   18.550  5.573   1.00 34.31  ? 32  THR A C   1 
ATOM   72   O O   . THR A 1 32  ? 1.489   18.888  5.021   1.00 37.09  ? 32  THR A O   1 
ATOM   73   C CB  . THR A 1 32  ? 3.796   20.178  7.000   1.00 33.60  ? 32  THR A CB  1 
ATOM   74   O OG1 . THR A 1 32  ? 3.924   20.608  8.352   1.00 30.26  ? 32  THR A OG1 1 
ATOM   75   C CG2 . THR A 1 32  ? 3.362   21.338  6.140   1.00 34.17  ? 32  THR A CG2 1 
ATOM   76   N N   . ALA A 1 33  ? 3.454   17.786  4.998   1.00 32.14  ? 33  ALA A N   1 
ATOM   77   C CA  . ALA A 1 33  ? 3.342   17.322  3.636   1.00 31.10  ? 33  ALA A CA  1 
ATOM   78   C C   . ALA A 1 33  ? 2.108   16.402  3.482   1.00 30.87  ? 33  ALA A C   1 
ATOM   79   O O   . ALA A 1 33  ? 1.367   16.558  2.531   1.00 29.14  ? 33  ALA A O   1 
ATOM   80   C CB  . ALA A 1 33  ? 4.624   16.643  3.230   1.00 32.97  ? 33  ALA A CB  1 
ATOM   81   N N   . GLU A 1 34  ? 1.872   15.489  4.433   1.00 30.33  ? 34  GLU A N   1 
ATOM   82   C CA  . GLU A 1 34  ? 0.743   14.548  4.339   1.00 34.82  ? 34  GLU A CA  1 
ATOM   83   C C   . GLU A 1 34  ? -0.560  15.359  4.362   1.00 39.78  ? 34  GLU A C   1 
ATOM   84   O O   . GLU A 1 34  ? -1.473  15.118  3.582   1.00 34.22  ? 34  GLU A O   1 
ATOM   85   C CB  . GLU A 1 34  ? 0.762   13.482  5.438   1.00 37.32  ? 34  GLU A CB  1 
ATOM   86   C CG  . GLU A 1 34  ? -0.366  12.460  5.274   1.00 37.55  ? 34  GLU A CG  1 
ATOM   87   C CD  . GLU A 1 34  ? -0.233  11.128  5.987   1.00 37.97  ? 34  GLU A CD  1 
ATOM   88   O OE1 . GLU A 1 34  ? 0.553   11.036  6.917   1.00 37.32  ? 34  GLU A OE1 1 
ATOM   89   O OE2 . GLU A 1 34  ? -0.914  10.169  5.587   1.00 38.84  ? 34  GLU A OE2 1 
ATOM   90   N N   . ASN A 1 35  ? -0.567  16.388  5.211   1.00 40.26  ? 35  ASN A N   1 
ATOM   91   C CA  . ASN A 1 35  ? -1.671  17.309  5.327   1.00 43.78  ? 35  ASN A CA  1 
ATOM   92   C C   . ASN A 1 35  ? -1.966  18.007  3.994   1.00 41.21  ? 35  ASN A C   1 
ATOM   93   O O   . ASN A 1 35  ? -3.082  17.972  3.491   1.00 41.92  ? 35  ASN A O   1 
ATOM   94   C CB  . ASN A 1 35  ? -1.405  18.346  6.413   1.00 50.44  ? 35  ASN A CB  1 
ATOM   95   C CG  . ASN A 1 35  ? -2.574  18.438  7.357   1.00 57.91  ? 35  ASN A CG  1 
ATOM   96   O OD1 . ASN A 1 35  ? -3.565  19.098  7.045   1.00 61.00  ? 35  ASN A OD1 1 
ATOM   97   N ND2 . ASN A 1 35  ? -2.480  17.718  8.464   1.00 59.84  ? 35  ASN A ND2 1 
ATOM   98   N N   . LEU A 1 36  ? -0.956  18.650  3.414   1.00 38.50  ? 36  LEU A N   1 
ATOM   99   C CA  . LEU A 1 36  ? -1.177  19.425  2.223   1.00 38.83  ? 36  LEU A CA  1 
ATOM   100  C C   . LEU A 1 36  ? -1.567  18.530  1.047   1.00 37.88  ? 36  LEU A C   1 
ATOM   101  O O   . LEU A 1 36  ? -2.162  19.017  0.102   1.00 41.04  ? 36  LEU A O   1 
ATOM   102  C CB  . LEU A 1 36  ? 0.082   20.235  1.901   1.00 40.68  ? 36  LEU A CB  1 
ATOM   103  C CG  . LEU A 1 36  ? 0.448   21.313  2.921   1.00 46.12  ? 36  LEU A CG  1 
ATOM   104  C CD1 . LEU A 1 36  ? 1.633   22.131  2.416   1.00 44.04  ? 36  LEU A CD1 1 
ATOM   105  C CD2 . LEU A 1 36  ? -0.745  22.207  3.232   1.00 43.45  ? 36  LEU A CD2 1 
ATOM   106  N N   . LEU A 1 37  ? -1.191  17.248  1.086   1.00 36.52  ? 37  LEU A N   1 
ATOM   107  C CA  . LEU A 1 37  ? -1.487  16.353  -0.014  1.00 37.04  ? 37  LEU A CA  1 
ATOM   108  C C   . LEU A 1 37  ? -2.970  15.949  -0.019  1.00 38.18  ? 37  LEU A C   1 
ATOM   109  O O   . LEU A 1 37  ? -3.436  15.449  -1.024  1.00 35.72  ? 37  LEU A O   1 
ATOM   110  C CB  . LEU A 1 37  ? -0.565  15.135  0.047   1.00 38.57  ? 37  LEU A CB  1 
ATOM   111  C CG  . LEU A 1 37  ? 0.816   15.381  -0.571  1.00 39.15  ? 37  LEU A CG  1 
ATOM   112  C CD1 . LEU A 1 37  ? 1.792   14.272  -0.220  1.00 37.08  ? 37  LEU A CD1 1 
ATOM   113  C CD2 . LEU A 1 37  ? 0.707   15.543  -2.087  1.00 38.30  ? 37  LEU A CD2 1 
ATOM   114  N N   . GLU A 1 38  ? -3.688  16.160  1.094   1.00 41.47  ? 38  GLU A N   1 
ATOM   115  C CA  . GLU A 1 38  ? -5.139  15.951  1.141   1.00 45.26  ? 38  GLU A CA  1 
ATOM   116  C C   . GLU A 1 38  ? -5.845  17.001  0.270   1.00 50.41  ? 38  GLU A C   1 
ATOM   117  O O   . GLU A 1 38  ? -6.863  16.716  -0.319  1.00 52.80  ? 38  GLU A O   1 
ATOM   118  C CB  . GLU A 1 38  ? -5.619  15.945  2.593   1.00 50.34  ? 38  GLU A CB  1 
ATOM   119  C CG  . GLU A 1 38  ? -5.299  14.635  3.295   1.00 55.53  ? 38  GLU A CG  1 
ATOM   120  C CD  . GLU A 1 38  ? -5.234  14.666  4.815   1.00 61.25  ? 38  GLU A CD  1 
ATOM   121  O OE1 . GLU A 1 38  ? -6.059  15.357  5.427   1.00 63.86  ? 38  GLU A OE1 1 
ATOM   122  O OE2 . GLU A 1 38  ? -4.350  13.990  5.385   1.00 64.60  ? 38  GLU A OE2 1 
ATOM   123  N N   . ASP A 1 39  ? -5.248  18.188  0.113   1.00 57.75  ? 39  ASP A N   1 
ATOM   124  C CA  . ASP A 1 39  ? -5.891  19.315  -0.571  1.00 54.41  ? 39  ASP A CA  1 
ATOM   125  C C   . ASP A 1 39  ? -5.377  19.491  -2.003  1.00 47.81  ? 39  ASP A C   1 
ATOM   126  O O   . ASP A 1 39  ? -6.040  20.059  -2.810  1.00 47.98  ? 39  ASP A O   1 
ATOM   127  C CB  . ASP A 1 39  ? -5.717  20.595  0.247   1.00 61.32  ? 39  ASP A CB  1 
ATOM   128  C CG  . ASP A 1 39  ? -6.574  20.587  1.504   1.00 67.54  ? 39  ASP A CG  1 
ATOM   129  O OD1 . ASP A 1 39  ? -7.079  19.500  1.873   1.00 70.77  ? 39  ASP A OD1 1 
ATOM   130  O OD2 . ASP A 1 39  ? -6.743  21.662  2.103   1.00 74.12  ? 39  ASP A OD2 1 
ATOM   131  N N   . ARG A 1 40  ? -4.176  19.032  -2.331  1.00 49.57  ? 40  ARG A N   1 
ATOM   132  C CA  . ARG A 1 40  ? -3.659  19.315  -3.663  1.00 45.32  ? 40  ARG A CA  1 
ATOM   133  C C   . ARG A 1 40  ? -2.509  18.379  -3.995  1.00 43.94  ? 40  ARG A C   1 
ATOM   134  O O   . ARG A 1 40  ? -1.938  17.750  -3.106  1.00 47.40  ? 40  ARG A O   1 
ATOM   135  C CB  . ARG A 1 40  ? -3.179  20.765  -3.715  1.00 49.36  ? 40  ARG A CB  1 
ATOM   136  C CG  . ARG A 1 40  ? -2.696  21.290  -2.374  1.00 48.02  ? 40  ARG A CG  1 
ATOM   137  C CD  . ARG A 1 40  ? -2.058  22.655  -2.529  1.00 53.51  ? 40  ARG A CD  1 
ATOM   138  N NE  . ARG A 1 40  ? -1.859  23.249  -1.215  1.00 51.89  ? 40  ARG A NE  1 
ATOM   139  C CZ  . ARG A 1 40  ? -0.819  23.997  -0.880  1.00 50.88  ? 40  ARG A CZ  1 
ATOM   140  N NH1 . ARG A 1 40  ? -0.719  24.454  0.355   1.00 53.97  ? 40  ARG A NH1 1 
ATOM   141  N NH2 . ARG A 1 40  ? 0.115   24.274  -1.775  1.00 46.55  ? 40  ARG A NH2 1 
ATOM   142  N N   . PRO A 1 41  ? -2.114  18.299  -5.281  1.00 44.12  ? 41  PRO A N   1 
ATOM   143  C CA  . PRO A 1 41  ? -1.002  17.440  -5.688  1.00 45.82  ? 41  PRO A CA  1 
ATOM   144  C C   . PRO A 1 41  ? 0.359   18.050  -5.319  1.00 47.66  ? 41  PRO A C   1 
ATOM   145  O O   . PRO A 1 41  ? 0.431   19.269  -5.065  1.00 43.89  ? 41  PRO A O   1 
ATOM   146  C CB  . PRO A 1 41  ? -1.186  17.328  -7.211  1.00 47.91  ? 41  PRO A CB  1 
ATOM   147  C CG  . PRO A 1 41  ? -1.860  18.627  -7.596  1.00 46.20  ? 41  PRO A CG  1 
ATOM   148  C CD  . PRO A 1 41  ? -2.707  19.038  -6.406  1.00 45.39  ? 41  PRO A CD  1 
ATOM   149  N N   . LEU A 1 42  ? 1.401   17.198  -5.301  1.00 46.97  ? 42  LEU A N   1 
ATOM   150  C CA  . LEU A 1 42  ? 2.762   17.579  -4.923  1.00 49.96  ? 42  LEU A CA  1 
ATOM   151  C C   . LEU A 1 42  ? 3.259   18.719  -5.828  1.00 52.04  ? 42  LEU A C   1 
ATOM   152  O O   . LEU A 1 42  ? 3.826   19.677  -5.343  1.00 46.97  ? 42  LEU A O   1 
ATOM   153  C CB  . LEU A 1 42  ? 3.701   16.373  -5.013  1.00 49.63  ? 42  LEU A CB  1 
ATOM   154  C CG  . LEU A 1 42  ? 5.048   16.567  -4.303  1.00 50.29  ? 42  LEU A CG  1 
ATOM   155  C CD1 . LEU A 1 42  ? 4.870   16.640  -2.788  1.00 45.85  ? 42  LEU A CD1 1 
ATOM   156  C CD2 . LEU A 1 42  ? 6.034   15.466  -4.668  1.00 52.58  ? 42  LEU A CD2 1 
ATOM   157  N N   . ALA A 1 43  ? 3.016   18.591  -7.137  1.00 50.64  ? 43  ALA A N   1 
ATOM   158  C CA  . ALA A 1 43  ? 3.184   19.674  -8.131  1.00 50.68  ? 43  ALA A CA  1 
ATOM   159  C C   . ALA A 1 43  ? 2.665   21.028  -7.617  1.00 50.69  ? 43  ALA A C   1 
ATOM   160  O O   . ALA A 1 43  ? 3.201   22.040  -7.976  1.00 56.99  ? 43  ALA A O   1 
ATOM   161  C CB  . ALA A 1 43  ? 2.493   19.297  -9.421  1.00 49.83  ? 43  ALA A CB  1 
ATOM   162  N N   . ASP A 1 44  ? 1.611   21.057  -6.799  1.00 49.67  ? 44  ASP A N   1 
ATOM   163  C CA  . ASP A 1 44  ? 1.058   22.321  -6.362  1.00 50.11  ? 44  ASP A CA  1 
ATOM   164  C C   . ASP A 1 44  ? 1.440   22.608  -4.910  1.00 50.78  ? 44  ASP A C   1 
ATOM   165  O O   . ASP A 1 44  ? 0.837   23.480  -4.288  1.00 50.01  ? 44  ASP A O   1 
ATOM   166  C CB  . ASP A 1 44  ? -0.451  22.387  -6.616  1.00 47.68  ? 44  ASP A CB  1 
ATOM   167  C CG  . ASP A 1 44  ? -0.781  22.385  -8.101  1.00 55.38  ? 44  ASP A CG  1 
ATOM   168  O OD1 . ASP A 1 44  ? -0.017  22.984  -8.885  1.00 60.16  ? 44  ASP A OD1 1 
ATOM   169  O OD2 . ASP A 1 44  ? -1.780  21.753  -8.480  1.00 60.96  ? 44  ASP A OD2 1 
ATOM   170  N N   . ILE A 1 45  ? 2.450   21.896  -4.388  1.00 54.21  ? 45  ILE A N   1 
ATOM   171  C CA  . ILE A 1 45  ? 3.021   22.183  -3.068  1.00 51.93  ? 45  ILE A CA  1 
ATOM   172  C C   . ILE A 1 45  ? 4.503   22.551  -3.237  1.00 53.25  ? 45  ILE A C   1 
ATOM   173  O O   . ILE A 1 45  ? 5.260   21.852  -3.921  1.00 55.39  ? 45  ILE A O   1 
ATOM   174  C CB  . ILE A 1 45  ? 2.838   21.004  -2.097  1.00 49.50  ? 45  ILE A CB  1 
ATOM   175  C CG1 . ILE A 1 45  ? 1.363   20.620  -1.937  1.00 46.21  ? 45  ILE A CG1 1 
ATOM   176  C CG2 . ILE A 1 45  ? 3.485   21.341  -0.759  1.00 49.08  ? 45  ILE A CG2 1 
ATOM   177  C CD1 . ILE A 1 45  ? 1.144   19.312  -1.227  1.00 41.96  ? 45  ILE A CD1 1 
ATOM   178  N N   . SER A 1 46  ? 4.910   23.658  -2.614  1.00 50.11  ? 46  SER A N   1 
ATOM   179  C CA  . SER A 1 46  ? 6.277   24.137  -2.724  1.00 52.02  ? 46  SER A CA  1 
ATOM   180  C C   . SER A 1 46  ? 7.047   23.838  -1.432  1.00 47.52  ? 46  SER A C   1 
ATOM   181  O O   . SER A 1 46  ? 6.472   23.645  -0.358  1.00 39.12  ? 46  SER A O   1 
ATOM   182  C CB  . SER A 1 46  ? 6.316   25.603  -3.046  1.00 54.61  ? 46  SER A CB  1 
ATOM   183  O OG  . SER A 1 46  ? 5.928   26.365  -1.906  1.00 55.92  ? 46  SER A OG  1 
ATOM   184  N N   . VAL A 1 47  ? 8.378   23.808  -1.562  1.00 50.18  ? 47  VAL A N   1 
ATOM   185  C CA  . VAL A 1 47  ? 9.275   23.630  -0.426  1.00 44.24  ? 47  VAL A CA  1 
ATOM   186  C C   . VAL A 1 47  ? 8.993   24.731  0.612   1.00 42.74  ? 47  VAL A C   1 
ATOM   187  O O   . VAL A 1 47  ? 8.940   24.465  1.832   1.00 41.50  ? 47  VAL A O   1 
ATOM   188  C CB  . VAL A 1 47  ? 10.736  23.571  -0.911  1.00 41.63  ? 47  VAL A CB  1 
ATOM   189  C CG1 . VAL A 1 47  ? 11.741  23.820  0.202   1.00 42.44  ? 47  VAL A CG1 1 
ATOM   190  C CG2 . VAL A 1 47  ? 11.020  22.245  -1.600  1.00 41.28  ? 47  VAL A CG2 1 
ATOM   191  N N   . ASP A 1 48  ? 8.724   25.949  0.128   1.00 47.22  ? 48  ASP A N   1 
ATOM   192  C CA  . ASP A 1 48  ? 8.307   27.070  0.989   1.00 49.34  ? 48  ASP A CA  1 
ATOM   193  C C   . ASP A 1 48  ? 7.038   26.701  1.765   1.00 47.97  ? 48  ASP A C   1 
ATOM   194  O O   . ASP A 1 48  ? 6.977   26.923  3.000   1.00 45.25  ? 48  ASP A O   1 
ATOM   195  C CB  . ASP A 1 48  ? 8.127   28.361  0.179   1.00 56.65  ? 48  ASP A CB  1 
ATOM   196  C CG  . ASP A 1 48  ? 9.428   29.008  -0.290  1.00 58.06  ? 48  ASP A CG  1 
ATOM   197  O OD1 . ASP A 1 48  ? 10.491  28.762  0.332   1.00 51.60  ? 48  ASP A OD1 1 
ATOM   198  O OD2 . ASP A 1 48  ? 9.373   29.747  -1.282  1.00 61.52  ? 48  ASP A OD2 1 
ATOM   199  N N   . ASP A 1 49  ? 6.054   26.125  1.048   1.00 46.23  ? 49  ASP A N   1 
ATOM   200  C CA  . ASP A 1 49  ? 4.813   25.584  1.644   1.00 46.70  ? 49  ASP A CA  1 
ATOM   201  C C   . ASP A 1 49  ? 5.133   24.586  2.771   1.00 42.17  ? 49  ASP A C   1 
ATOM   202  O O   . ASP A 1 49  ? 4.543   24.654  3.843   1.00 46.10  ? 49  ASP A O   1 
ATOM   203  C CB  . ASP A 1 49  ? 3.924   24.888  0.611   1.00 53.24  ? 49  ASP A CB  1 
ATOM   204  C CG  . ASP A 1 49  ? 3.376   25.768  -0.502  1.00 56.68  ? 49  ASP A CG  1 
ATOM   205  O OD1 . ASP A 1 49  ? 3.232   26.978  -0.272  1.00 50.64  ? 49  ASP A OD1 1 
ATOM   206  O OD2 . ASP A 1 49  ? 3.089   25.216  -1.603  1.00 56.96  ? 49  ASP A OD2 1 
ATOM   207  N N   . LEU A 1 50  ? 6.069   23.658  2.541   1.00 39.34  ? 50  LEU A N   1 
ATOM   208  C CA  . LEU A 1 50  ? 6.427   22.654  3.579   1.00 36.91  ? 50  LEU A CA  1 
ATOM   209  C C   . LEU A 1 50  ? 7.202   23.261  4.756   1.00 40.29  ? 50  LEU A C   1 
ATOM   210  O O   . LEU A 1 50  ? 6.998   22.853  5.921   1.00 37.03  ? 50  LEU A O   1 
ATOM   211  C CB  . LEU A 1 50  ? 7.242   21.562  2.901   1.00 40.09  ? 50  LEU A CB  1 
ATOM   212  C CG  . LEU A 1 50  ? 6.451   20.724  1.899   1.00 37.27  ? 50  LEU A CG  1 
ATOM   213  C CD1 . LEU A 1 50  ? 7.392   19.799  1.147   1.00 40.39  ? 50  LEU A CD1 1 
ATOM   214  C CD2 . LEU A 1 50  ? 5.358   19.942  2.616   1.00 36.84  ? 50  LEU A CD2 1 
ATOM   215  N N   . ALA A 1 51  ? 8.123   24.194  4.454   1.00 40.73  ? 51  ALA A N   1 
ATOM   216  C CA  . ALA A 1 51  ? 8.880   24.896  5.514   1.00 42.51  ? 51  ALA A CA  1 
ATOM   217  C C   . ALA A 1 51  ? 7.896   25.667  6.388   1.00 37.99  ? 51  ALA A C   1 
ATOM   218  O O   . ALA A 1 51  ? 7.873   25.534  7.619   1.00 34.82  ? 51  ALA A O   1 
ATOM   219  C CB  . ALA A 1 51  ? 9.914   25.826  4.909   1.00 40.74  ? 51  ALA A CB  1 
ATOM   220  N N   . LYS A 1 52  ? 7.094   26.494  5.724   1.00 44.38  ? 52  LYS A N   1 
ATOM   221  C CA  . LYS A 1 52  ? 6.168   27.347  6.450   1.00 48.64  ? 52  LYS A CA  1 
ATOM   222  C C   . LYS A 1 52  ? 5.385   26.454  7.421   1.00 47.61  ? 52  LYS A C   1 
ATOM   223  O O   . LYS A 1 52  ? 5.479   26.630  8.631   1.00 38.20  ? 52  LYS A O   1 
ATOM   224  C CB  . LYS A 1 52  ? 5.296   28.106  5.453   1.00 54.54  ? 52  LYS A CB  1 
ATOM   225  C CG  . LYS A 1 52  ? 4.371   29.150  6.056   1.00 63.10  ? 52  LYS A CG  1 
ATOM   226  C CD  . LYS A 1 52  ? 3.602   29.920  5.006   1.00 68.87  ? 52  LYS A CD  1 
ATOM   227  C CE  . LYS A 1 52  ? 2.459   30.712  5.602   1.00 71.07  ? 52  LYS A CE  1 
ATOM   228  N NZ  . LYS A 1 52  ? 1.224   30.503  4.816   1.00 72.92  ? 52  LYS A NZ  1 
ATOM   229  N N   . GLY A 1 53  ? 4.725   25.411  6.877   1.00 44.98  ? 53  GLY A N   1 
ATOM   230  C CA  . GLY A 1 53  ? 3.841   24.520  7.666   1.00 41.26  ? 53  GLY A CA  1 
ATOM   231  C C   . GLY A 1 53  ? 4.535   23.826  8.822   1.00 37.20  ? 53  GLY A C   1 
ATOM   232  O O   . GLY A 1 53  ? 3.912   23.529  9.839   1.00 41.59  ? 53  GLY A O   1 
ATOM   233  N N   . ALA A 1 54  ? 5.825   23.529  8.687   1.00 36.15  ? 54  ALA A N   1 
ATOM   234  C CA  . ALA A 1 54  ? 6.583   22.813  9.739   1.00 41.06  ? 54  ALA A CA  1 
ATOM   235  C C   . ALA A 1 54  ? 7.235   23.794  10.713  1.00 38.60  ? 54  ALA A C   1 
ATOM   236  O O   . ALA A 1 54  ? 7.811   23.363  11.709  1.00 37.89  ? 54  ALA A O   1 
ATOM   237  C CB  . ALA A 1 54  ? 7.643   21.923  9.122   1.00 44.44  ? 54  ALA A CB  1 
ATOM   238  N N   . GLY A 1 55  ? 7.155   25.092  10.407  1.00 40.09  ? 55  GLY A N   1 
ATOM   239  C CA  . GLY A 1 55  ? 7.670   26.142  11.313  1.00 43.10  ? 55  GLY A CA  1 
ATOM   240  C C   . GLY A 1 55  ? 9.191   26.245  11.269  1.00 40.35  ? 55  GLY A C   1 
ATOM   241  O O   . GLY A 1 55  ? 9.819   26.437  12.280  1.00 39.03  ? 55  GLY A O   1 
ATOM   242  N N   . ILE A 1 56  ? 9.771   26.081  10.077  1.00 37.86  ? 56  ILE A N   1 
ATOM   243  C CA  . ILE A 1 56  ? 11.211  26.210  9.874   1.00 37.52  ? 56  ILE A CA  1 
ATOM   244  C C   . ILE A 1 56  ? 11.401  27.068  8.632   1.00 35.58  ? 56  ILE A C   1 
ATOM   245  O O   . ILE A 1 56  ? 10.442  27.275  7.880   1.00 31.06  ? 56  ILE A O   1 
ATOM   246  C CB  . ILE A 1 56  ? 11.886  24.828  9.716   1.00 36.17  ? 56  ILE A CB  1 
ATOM   247  C CG1 . ILE A 1 56  ? 11.230  24.013  8.595   1.00 36.58  ? 56  ILE A CG1 1 
ATOM   248  C CG2 . ILE A 1 56  ? 11.920  24.080  11.045  1.00 36.65  ? 56  ILE A CG2 1 
ATOM   249  C CD1 . ILE A 1 56  ? 11.828  22.640  8.395   1.00 38.71  ? 56  ILE A CD1 1 
ATOM   250  N N   . SER A 1 57  ? 12.645  27.509  8.395   1.00 37.44  ? 57  SER A N   1 
ATOM   251  C CA  . SER A 1 57  ? 13.016  28.228  7.138   1.00 33.18  ? 57  SER A CA  1 
ATOM   252  C C   . SER A 1 57  ? 13.209  27.225  5.996   1.00 32.91  ? 57  SER A C   1 
ATOM   253  O O   . SER A 1 57  ? 13.309  26.032  6.200   1.00 34.48  ? 57  SER A O   1 
ATOM   254  C CB  . SER A 1 57  ? 14.263  29.072  7.349   1.00 31.76  ? 57  SER A CB  1 
ATOM   255  O OG  . SER A 1 57  ? 15.420  28.253  7.538   1.00 27.86  ? 57  SER A OG  1 
ATOM   256  N N   . ARG A 1 58  ? 13.296  27.732  4.780   1.00 33.31  ? 58  ARG A N   1 
ATOM   257  C CA  . ARG A 1 58  ? 13.540  26.900  3.624   1.00 36.79  ? 58  ARG A CA  1 
ATOM   258  C C   . ARG A 1 58  ? 14.939  26.262  3.682   1.00 36.84  ? 58  ARG A C   1 
ATOM   259  O O   . ARG A 1 58  ? 15.062  25.068  3.397   1.00 29.91  ? 58  ARG A O   1 
ATOM   260  C CB  . ARG A 1 58  ? 13.305  27.713  2.348   1.00 38.36  ? 58  ARG A CB  1 
ATOM   261  C CG  . ARG A 1 58  ? 13.868  27.064  1.095   1.00 49.07  ? 58  ARG A CG  1 
ATOM   262  C CD  . ARG A 1 58  ? 13.359  27.669  -0.200  1.00 53.94  ? 58  ARG A CD  1 
ATOM   263  N NE  . ARG A 1 58  ? 14.285  28.622  -0.787  1.00 57.09  ? 58  ARG A NE  1 
ATOM   264  C CZ  . ARG A 1 58  ? 13.917  29.717  -1.455  1.00 64.04  ? 58  ARG A CZ  1 
ATOM   265  N NH1 . ARG A 1 58  ? 12.664  30.137  -1.410  1.00 65.29  ? 58  ARG A NH1 1 
ATOM   266  N NH2 . ARG A 1 58  ? 14.800  30.390  -2.173  1.00 62.88  ? 58  ARG A NH2 1 
ATOM   267  N N   . PRO A 1 59  ? 16.055  26.992  3.987   1.00 30.26  ? 59  PRO A N   1 
ATOM   268  C CA  . PRO A 1 59  ? 17.356  26.341  4.132   1.00 30.25  ? 59  PRO A CA  1 
ATOM   269  C C   . PRO A 1 59  ? 17.330  25.255  5.216   1.00 26.29  ? 59  PRO A C   1 
ATOM   270  O O   . PRO A 1 59  ? 18.022  24.251  5.071   1.00 28.76  ? 59  PRO A O   1 
ATOM   271  C CB  . PRO A 1 59  ? 18.348  27.467  4.470   1.00 28.31  ? 59  PRO A CB  1 
ATOM   272  C CG  . PRO A 1 59  ? 17.466  28.623  4.864   1.00 29.72  ? 59  PRO A CG  1 
ATOM   273  C CD  . PRO A 1 59  ? 16.178  28.450  4.076   1.00 29.70  ? 59  PRO A CD  1 
ATOM   274  N N   . THR A 1 60  ? 16.538  25.450  6.273   1.00 26.59  ? 60  THR A N   1 
ATOM   275  C CA  . THR A 1 60  ? 16.481  24.451  7.348   1.00 26.97  ? 60  THR A CA  1 
ATOM   276  C C   . THR A 1 60  ? 15.791  23.179  6.804   1.00 30.41  ? 60  THR A C   1 
ATOM   277  O O   . THR A 1 60  ? 16.270  22.060  7.018   1.00 31.83  ? 60  THR A O   1 
ATOM   278  C CB  . THR A 1 60  ? 15.881  25.050  8.622   1.00 27.42  ? 60  THR A CB  1 
ATOM   279  O OG1 . THR A 1 60  ? 16.738  26.044  9.206   1.00 26.03  ? 60  THR A OG1 1 
ATOM   280  C CG2 . THR A 1 60  ? 15.612  23.969  9.653   1.00 28.84  ? 60  THR A CG2 1 
ATOM   281  N N   . PHE A 1 61  ? 14.698  23.346  6.050   1.00 29.03  ? 61  PHE A N   1 
ATOM   282  C CA  . PHE A 1 61  ? 14.069  22.237  5.375   1.00 32.57  ? 61  PHE A CA  1 
ATOM   283  C C   . PHE A 1 61  ? 15.134  21.414  4.650   1.00 36.14  ? 61  PHE A C   1 
ATOM   284  O O   . PHE A 1 61  ? 15.117  20.195  4.772   1.00 33.17  ? 61  PHE A O   1 
ATOM   285  C CB  . PHE A 1 61  ? 13.034  22.693  4.347   1.00 34.76  ? 61  PHE A CB  1 
ATOM   286  C CG  . PHE A 1 61  ? 12.505  21.619  3.429   1.00 36.02  ? 61  PHE A CG  1 
ATOM   287  C CD1 . PHE A 1 61  ? 13.192  21.262  2.273   1.00 38.41  ? 61  PHE A CD1 1 
ATOM   288  C CD2 . PHE A 1 61  ? 11.295  20.986  3.699   1.00 35.38  ? 61  PHE A CD2 1 
ATOM   289  C CE1 . PHE A 1 61  ? 12.679  20.302  1.405   1.00 40.71  ? 61  PHE A CE1 1 
ATOM   290  C CE2 . PHE A 1 61  ? 10.786  20.025  2.833   1.00 38.32  ? 61  PHE A CE2 1 
ATOM   291  C CZ  . PHE A 1 61  ? 11.478  19.677  1.691   1.00 40.01  ? 61  PHE A CZ  1 
ATOM   292  N N   . TYR A 1 62  ? 16.034  22.094  3.912   1.00 35.17  ? 62  TYR A N   1 
ATOM   293  C CA  . TYR A 1 62  ? 16.930  21.411  2.986   1.00 35.02  ? 62  TYR A CA  1 
ATOM   294  C C   . TYR A 1 62  ? 17.992  20.632  3.720   1.00 33.31  ? 62  TYR A C   1 
ATOM   295  O O   . TYR A 1 62  ? 18.632  19.801  3.123   1.00 41.48  ? 62  TYR A O   1 
ATOM   296  C CB  . TYR A 1 62  ? 17.639  22.362  2.028   1.00 37.81  ? 62  TYR A CB  1 
ATOM   297  C CG  . TYR A 1 62  ? 16.805  22.644  0.820   1.00 37.92  ? 62  TYR A CG  1 
ATOM   298  C CD1 . TYR A 1 62  ? 16.346  21.604  0.029   1.00 38.03  ? 62  TYR A CD1 1 
ATOM   299  C CD2 . TYR A 1 62  ? 16.447  23.940  0.493   1.00 40.87  ? 62  TYR A CD2 1 
ATOM   300  C CE1 . TYR A 1 62  ? 15.560  21.852  -1.084  1.00 38.34  ? 62  TYR A CE1 1 
ATOM   301  C CE2 . TYR A 1 62  ? 15.673  24.199  -0.625  1.00 45.05  ? 62  TYR A CE2 1 
ATOM   302  C CZ  . TYR A 1 62  ? 15.214  23.148  -1.399  1.00 38.79  ? 62  TYR A CZ  1 
ATOM   303  O OH  . TYR A 1 62  ? 14.455  23.399  -2.497  1.00 48.40  ? 62  TYR A OH  1 
ATOM   304  N N   . PHE A 1 63  ? 18.200  20.962  4.990   1.00 35.77  ? 63  PHE A N   1 
ATOM   305  C CA  . PHE A 1 63  ? 19.038  20.175  5.821   1.00 38.27  ? 63  PHE A CA  1 
ATOM   306  C C   . PHE A 1 63  ? 18.424  18.784  6.045   1.00 42.80  ? 63  PHE A C   1 
ATOM   307  O O   . PHE A 1 63  ? 19.145  17.826  6.211   1.00 46.69  ? 63  PHE A O   1 
ATOM   308  C CB  . PHE A 1 63  ? 19.294  20.868  7.156   1.00 36.05  ? 63  PHE A CB  1 
ATOM   309  C CG  . PHE A 1 63  ? 20.163  20.052  8.068   1.00 38.52  ? 63  PHE A CG  1 
ATOM   310  C CD1 . PHE A 1 63  ? 21.545  20.107  7.961   1.00 43.35  ? 63  PHE A CD1 1 
ATOM   311  C CD2 . PHE A 1 63  ? 19.605  19.169  8.979   1.00 39.38  ? 63  PHE A CD2 1 
ATOM   312  C CE1 . PHE A 1 63  ? 22.357  19.337  8.781   1.00 42.87  ? 63  PHE A CE1 1 
ATOM   313  C CE2 . PHE A 1 63  ? 20.417  18.398  9.799   1.00 42.22  ? 63  PHE A CE2 1 
ATOM   314  C CZ  . PHE A 1 63  ? 21.787  18.475  9.694   1.00 44.28  ? 63  PHE A CZ  1 
ATOM   315  N N   . TYR A 1 64  ? 17.095  18.705  6.140   1.00 39.75  ? 64  TYR A N   1 
ATOM   316  C CA  . TYR A 1 64  ? 16.371  17.462  6.504   1.00 37.92  ? 64  TYR A CA  1 
ATOM   317  C C   . TYR A 1 64  ? 16.055  16.651  5.250   1.00 33.16  ? 64  TYR A C   1 
ATOM   318  O O   . TYR A 1 64  ? 16.029  15.461  5.320   1.00 38.03  ? 64  TYR A O   1 
ATOM   319  C CB  . TYR A 1 64  ? 15.076  17.769  7.280   1.00 37.18  ? 64  TYR A CB  1 
ATOM   320  C CG  . TYR A 1 64  ? 15.351  18.191  8.693   1.00 36.16  ? 64  TYR A CG  1 
ATOM   321  C CD1 . TYR A 1 64  ? 15.836  17.286  9.616   1.00 39.53  ? 64  TYR A CD1 1 
ATOM   322  C CD2 . TYR A 1 64  ? 15.291  19.522  9.062   1.00 38.53  ? 64  TYR A CD2 1 
ATOM   323  C CE1 . TYR A 1 64  ? 16.201  17.684  10.892  1.00 41.89  ? 64  TYR A CE1 1 
ATOM   324  C CE2 . TYR A 1 64  ? 15.642  19.936  10.336  1.00 41.71  ? 64  TYR A CE2 1 
ATOM   325  C CZ  . TYR A 1 64  ? 16.086  19.010  11.257  1.00 41.97  ? 64  TYR A CZ  1 
ATOM   326  O OH  . TYR A 1 64  ? 16.409  19.420  12.508  1.00 41.28  ? 64  TYR A OH  1 
ATOM   327  N N   . PHE A 1 65  ? 15.784  17.321  4.125   1.00 31.15  ? 65  PHE A N   1 
ATOM   328  C CA  . PHE A 1 65  ? 15.311  16.655  2.898   1.00 34.42  ? 65  PHE A CA  1 
ATOM   329  C C   . PHE A 1 65  ? 15.857  17.426  1.713   1.00 38.03  ? 65  PHE A C   1 
ATOM   330  O O   . PHE A 1 65  ? 15.903  18.669  1.752   1.00 33.53  ? 65  PHE A O   1 
ATOM   331  C CB  . PHE A 1 65  ? 13.778  16.607  2.741   1.00 33.96  ? 65  PHE A CB  1 
ATOM   332  C CG  . PHE A 1 65  ? 13.069  15.726  3.738   1.00 33.28  ? 65  PHE A CG  1 
ATOM   333  C CD1 . PHE A 1 65  ? 12.899  14.368  3.499   1.00 35.65  ? 65  PHE A CD1 1 
ATOM   334  C CD2 . PHE A 1 65  ? 12.611  16.247  4.932   1.00 33.96  ? 65  PHE A CD2 1 
ATOM   335  C CE1 . PHE A 1 65  ? 12.269  13.560  4.428   1.00 34.60  ? 65  PHE A CE1 1 
ATOM   336  C CE2 . PHE A 1 65  ? 12.005  15.434  5.876   1.00 34.67  ? 65  PHE A CE2 1 
ATOM   337  C CZ  . PHE A 1 65  ? 11.829  14.095  5.616   1.00 36.74  ? 65  PHE A CZ  1 
ATOM   338  N N   . PRO A 1 66  ? 16.318  16.683  0.677   1.00 41.36  ? 66  PRO A N   1 
ATOM   339  C CA  . PRO A 1 66  ? 16.839  17.284  -0.540  1.00 38.33  ? 66  PRO A CA  1 
ATOM   340  C C   . PRO A 1 66  ? 15.809  17.972  -1.428  1.00 42.93  ? 66  PRO A C   1 
ATOM   341  O O   . PRO A 1 66  ? 16.217  18.719  -2.300  1.00 43.24  ? 66  PRO A O   1 
ATOM   342  C CB  . PRO A 1 66  ? 17.396  16.102  -1.357  1.00 42.83  ? 66  PRO A CB  1 
ATOM   343  C CG  . PRO A 1 66  ? 17.518  14.940  -0.385  1.00 42.90  ? 66  PRO A CG  1 
ATOM   344  C CD  . PRO A 1 66  ? 16.517  15.219  0.714   1.00 43.33  ? 66  PRO A CD  1 
ATOM   345  N N   . SER A 1 67  ? 14.515  17.678  -1.216  1.00 42.71  ? 67  SER A N   1 
ATOM   346  C CA  . SER A 1 67  ? 13.450  17.989  -2.189  1.00 43.71  ? 67  SER A CA  1 
ATOM   347  C C   . SER A 1 67  ? 12.079  17.580  -1.641  1.00 38.12  ? 67  SER A C   1 
ATOM   348  O O   . SER A 1 67  ? 11.977  16.699  -0.758  1.00 32.86  ? 67  SER A O   1 
ATOM   349  C CB  . SER A 1 67  ? 13.705  17.265  -3.485  1.00 43.34  ? 67  SER A CB  1 
ATOM   350  O OG  . SER A 1 67  ? 13.729  15.873  -3.241  1.00 44.40  ? 67  SER A OG  1 
ATOM   351  N N   . LYS A 1 68  ? 11.022  18.153  -2.214  1.00 38.95  ? 68  LYS A N   1 
ATOM   352  C CA  . LYS A 1 68  ? 9.674   17.785  -1.790  1.00 40.91  ? 68  LYS A CA  1 
ATOM   353  C C   . LYS A 1 68  ? 9.410   16.341  -2.234  1.00 43.01  ? 68  LYS A C   1 
ATOM   354  O O   . LYS A 1 68  ? 8.712   15.600  -1.506  1.00 39.34  ? 68  LYS A O   1 
ATOM   355  C CB  . LYS A 1 68  ? 8.605   18.752  -2.298  1.00 39.06  ? 68  LYS A CB  1 
ATOM   356  C CG  . LYS A 1 68  ? 8.554   18.910  -3.799  1.00 43.00  ? 68  LYS A CG  1 
ATOM   357  C CD  . LYS A 1 68  ? 7.472   19.852  -4.232  1.00 43.16  ? 68  LYS A CD  1 
ATOM   358  C CE  . LYS A 1 68  ? 7.287   19.844  -5.728  1.00 46.75  ? 68  LYS A CE  1 
ATOM   359  N NZ  . LYS A 1 68  ? 6.498   21.012  -6.172  1.00 51.93  ? 68  LYS A NZ  1 
ATOM   360  N N   . GLU A 1 69  ? 10.040  15.946  -3.357  1.00 39.50  ? 69  GLU A N   1 
ATOM   361  C CA  . GLU A 1 69  ? 9.917   14.601  -3.911  1.00 41.45  ? 69  GLU A CA  1 
ATOM   362  C C   . GLU A 1 69  ? 10.396  13.601  -2.866  1.00 39.21  ? 69  GLU A C   1 
ATOM   363  O O   . GLU A 1 69  ? 9.800   12.558  -2.668  1.00 39.52  ? 69  GLU A O   1 
ATOM   364  C CB  . GLU A 1 69  ? 10.702  14.450  -5.212  1.00 40.75  ? 69  GLU A CB  1 
ATOM   365  C CG  . GLU A 1 69  ? 10.007  15.089  -6.401  1.00 44.81  ? 69  GLU A CG  1 
ATOM   366  C CD  . GLU A 1 69  ? 10.185  16.593  -6.584  1.00 49.06  ? 69  GLU A CD  1 
ATOM   367  O OE1 . GLU A 1 69  ? 10.860  17.237  -5.747  1.00 41.91  ? 69  GLU A OE1 1 
ATOM   368  O OE2 . GLU A 1 69  ? 9.638   17.118  -7.575  1.00 49.52  ? 69  GLU A OE2 1 
ATOM   369  N N   . ALA A 1 70  ? 11.449  13.982  -2.149  1.00 37.93  ? 70  ALA A N   1 
ATOM   370  C CA  . ALA A 1 70  ? 12.090  13.107  -1.202  1.00 34.76  ? 70  ALA A CA  1 
ATOM   371  C C   . ALA A 1 70  ? 11.216  12.967  0.038   1.00 31.30  ? 70  ALA A C   1 
ATOM   372  O O   . ALA A 1 70  ? 11.252  11.950  0.725   1.00 31.34  ? 70  ALA A O   1 
ATOM   373  C CB  . ALA A 1 70  ? 13.456  13.655  -0.870  1.00 37.79  ? 70  ALA A CB  1 
ATOM   374  N N   . VAL A 1 71  ? 10.462  14.034  0.329   1.00 32.22  ? 71  VAL A N   1 
ATOM   375  C CA  . VAL A 1 71  ? 9.472   14.047  1.407   1.00 32.27  ? 71  VAL A CA  1 
ATOM   376  C C   . VAL A 1 71  ? 8.394   12.992  1.092   1.00 30.15  ? 71  VAL A C   1 
ATOM   377  O O   . VAL A 1 71  ? 8.087   12.163  1.963   1.00 27.36  ? 71  VAL A O   1 
ATOM   378  C CB  . VAL A 1 71  ? 8.890   15.460  1.658   1.00 32.26  ? 71  VAL A CB  1 
ATOM   379  C CG1 . VAL A 1 71  ? 7.760   15.466  2.686   1.00 33.29  ? 71  VAL A CG1 1 
ATOM   380  C CG2 . VAL A 1 71  ? 9.970   16.437  2.102   1.00 31.47  ? 71  VAL A CG2 1 
ATOM   381  N N   . LEU A 1 72  ? 7.862   13.000  -0.136  1.00 31.14  ? 72  LEU A N   1 
ATOM   382  C CA  . LEU A 1 72  ? 6.829   12.001  -0.558  1.00 33.62  ? 72  LEU A CA  1 
ATOM   383  C C   . LEU A 1 72  ? 7.363   10.575  -0.390  1.00 36.63  ? 72  LEU A C   1 
ATOM   384  O O   . LEU A 1 72  ? 6.645   9.679   0.114   1.00 32.90  ? 72  LEU A O   1 
ATOM   385  C CB  . LEU A 1 72  ? 6.419   12.240  -2.012  1.00 37.94  ? 72  LEU A CB  1 
ATOM   386  C CG  . LEU A 1 72  ? 5.453   11.224  -2.642  1.00 39.18  ? 72  LEU A CG  1 
ATOM   387  C CD1 . LEU A 1 72  ? 4.165   11.095  -1.840  1.00 38.87  ? 72  LEU A CD1 1 
ATOM   388  C CD2 . LEU A 1 72  ? 5.108   11.643  -4.070  1.00 40.02  ? 72  LEU A CD2 1 
ATOM   389  N N   . LEU A 1 73  ? 8.620   10.366  -0.816  1.00 35.75  ? 73  LEU A N   1 
ATOM   390  C CA  . LEU A 1 73  ? 9.213   9.037   -0.862  1.00 32.67  ? 73  LEU A CA  1 
ATOM   391  C C   . LEU A 1 73  ? 9.263   8.500   0.561   1.00 31.21  ? 73  LEU A C   1 
ATOM   392  O O   . LEU A 1 73  ? 8.926   7.320   0.791   1.00 30.57  ? 73  LEU A O   1 
ATOM   393  C CB  . LEU A 1 73  ? 10.609  9.101   -1.504  1.00 36.21  ? 73  LEU A CB  1 
ATOM   394  C CG  . LEU A 1 73  ? 11.419  7.805   -1.497  1.00 37.83  ? 73  LEU A CG  1 
ATOM   395  C CD1 . LEU A 1 73  ? 10.797  6.766   -2.424  1.00 35.93  ? 73  LEU A CD1 1 
ATOM   396  C CD2 . LEU A 1 73  ? 12.872  8.072   -1.901  1.00 38.26  ? 73  LEU A CD2 1 
ATOM   397  N N   . THR A 1 74  ? 9.638   9.367   1.509   1.00 27.07  ? 74  THR A N   1 
ATOM   398  C CA  . THR A 1 74  ? 9.698   8.958   2.915   1.00 27.10  ? 74  THR A CA  1 
ATOM   399  C C   . THR A 1 74  ? 8.297   8.623   3.434   1.00 27.90  ? 74  THR A C   1 
ATOM   400  O O   . THR A 1 74  ? 8.110   7.647   4.154   1.00 29.28  ? 74  THR A O   1 
ATOM   401  C CB  . THR A 1 74  ? 10.335  10.028  3.814   1.00 27.84  ? 74  THR A CB  1 
ATOM   402  O OG1 . THR A 1 74  ? 11.601  10.344  3.250   1.00 31.73  ? 74  THR A OG1 1 
ATOM   403  C CG2 . THR A 1 74  ? 10.515  9.571   5.240   1.00 25.04  ? 74  THR A CG2 1 
ATOM   404  N N   . LEU A 1 75  ? 7.304   9.454   3.110   1.00 28.71  ? 75  LEU A N   1 
ATOM   405  C CA  . LEU A 1 75  ? 5.943   9.151   3.550   1.00 30.44  ? 75  LEU A CA  1 
ATOM   406  C C   . LEU A 1 75  ? 5.516   7.809   2.950   1.00 28.23  ? 75  LEU A C   1 
ATOM   407  O O   . LEU A 1 75  ? 4.994   6.958   3.668   1.00 30.51  ? 75  LEU A O   1 
ATOM   408  C CB  . LEU A 1 75  ? 4.969   10.240  3.108   1.00 30.24  ? 75  LEU A CB  1 
ATOM   409  C CG  . LEU A 1 75  ? 5.118   11.580  3.809   1.00 31.97  ? 75  LEU A CG  1 
ATOM   410  C CD1 . LEU A 1 75  ? 4.468   12.667  2.978   1.00 35.93  ? 75  LEU A CD1 1 
ATOM   411  C CD2 . LEU A 1 75  ? 4.523   11.515  5.193   1.00 33.45  ? 75  LEU A CD2 1 
ATOM   412  N N   . LEU A 1 76  ? 5.754   7.617   1.647   1.00 27.64  ? 76  LEU A N   1 
ATOM   413  C CA  . LEU A 1 76  ? 5.362   6.339   1.022   1.00 29.05  ? 76  LEU A CA  1 
ATOM   414  C C   . LEU A 1 76  ? 6.075   5.176   1.711   1.00 32.32  ? 76  LEU A C   1 
ATOM   415  O O   . LEU A 1 76  ? 5.480   4.129   1.965   1.00 32.23  ? 76  LEU A O   1 
ATOM   416  C CB  . LEU A 1 76  ? 5.700   6.332   -0.455  1.00 30.14  ? 76  LEU A CB  1 
ATOM   417  C CG  . LEU A 1 76  ? 5.203   5.096   -1.196  1.00 30.22  ? 76  LEU A CG  1 
ATOM   418  C CD1 . LEU A 1 76  ? 3.717   4.908   -0.925  1.00 28.75  ? 76  LEU A CD1 1 
ATOM   419  C CD2 . LEU A 1 76  ? 5.496   5.233   -2.678  1.00 32.23  ? 76  LEU A CD2 1 
ATOM   420  N N   . ASP A 1 77  ? 7.372   5.366   1.971   1.00 35.42  ? 77  ASP A N   1 
ATOM   421  C CA  . ASP A 1 77  ? 8.183   4.361   2.617   1.00 31.93  ? 77  ASP A CA  1 
ATOM   422  C C   . ASP A 1 77  ? 7.555   3.988   3.964   1.00 33.08  ? 77  ASP A C   1 
ATOM   423  O O   . ASP A 1 77  ? 7.516   2.817   4.308   1.00 27.49  ? 77  ASP A O   1 
ATOM   424  C CB  . ASP A 1 77  ? 9.636   4.829   2.753   1.00 36.36  ? 77  ASP A CB  1 
ATOM   425  C CG  . ASP A 1 77  ? 10.555  3.723   3.223   1.00 39.75  ? 77  ASP A CG  1 
ATOM   426  O OD1 . ASP A 1 77  ? 10.947  2.889   2.391   1.00 47.02  ? 77  ASP A OD1 1 
ATOM   427  O OD2 . ASP A 1 77  ? 10.778  3.643   4.426   1.00 43.09  ? 77  ASP A OD2 1 
ATOM   428  N N   . ARG A 1 78  ? 7.086   4.980   4.740   1.00 32.06  ? 78  ARG A N   1 
ATOM   429  C CA  . ARG A 1 78  ? 6.487   4.680   6.031   1.00 33.57  ? 78  ARG A CA  1 
ATOM   430  C C   . ARG A 1 78  ? 5.199   3.865   5.843   1.00 30.38  ? 78  ARG A C   1 
ATOM   431  O O   . ARG A 1 78  ? 4.950   2.905   6.581   1.00 29.45  ? 78  ARG A O   1 
ATOM   432  C CB  . ARG A 1 78  ? 6.168   5.967   6.795   1.00 39.00  ? 78  ARG A CB  1 
ATOM   433  C CG  . ARG A 1 78  ? 7.394   6.773   7.199   1.00 46.76  ? 78  ARG A CG  1 
ATOM   434  C CD  . ARG A 1 78  ? 7.056   8.217   7.565   1.00 50.92  ? 78  ARG A CD  1 
ATOM   435  N NE  . ARG A 1 78  ? 6.660   8.339   8.963   1.00 56.17  ? 78  ARG A NE  1 
ATOM   436  C CZ  . ARG A 1 78  ? 7.508   8.217   9.978   1.00 57.79  ? 78  ARG A CZ  1 
ATOM   437  N NH1 . ARG A 1 78  ? 8.802   8.129   9.726   1.00 51.73  ? 78  ARG A NH1 1 
ATOM   438  N NH2 . ARG A 1 78  ? 7.066   8.161   11.222  1.00 62.21  ? 78  ARG A NH2 1 
ATOM   439  N N   . VAL A 1 79  ? 4.340   4.281   4.906   1.00 29.96  ? 79  VAL A N   1 
ATOM   440  C CA  . VAL A 1 79  ? 3.012   3.593   4.703   1.00 32.55  ? 79  VAL A CA  1 
ATOM   441  C C   . VAL A 1 79  ? 3.265   2.129   4.297   1.00 32.42  ? 79  VAL A C   1 
ATOM   442  O O   . VAL A 1 79  ? 2.736   1.158   4.908   1.00 27.35  ? 79  VAL A O   1 
ATOM   443  C CB  . VAL A 1 79  ? 2.099   4.325   3.692   1.00 33.25  ? 79  VAL A CB  1 
ATOM   444  C CG1 . VAL A 1 79  ? 0.822   3.545   3.432   1.00 35.04  ? 79  VAL A CG1 1 
ATOM   445  C CG2 . VAL A 1 79  ? 1.742   5.743   4.156   1.00 32.75  ? 79  VAL A CG2 1 
ATOM   446  N N   . VAL A 1 80  ? 4.147   1.959   3.313   1.00 29.49  ? 80  VAL A N   1 
ATOM   447  C CA  . VAL A 1 80  ? 4.426   0.648   2.769   1.00 30.33  ? 80  VAL A CA  1 
ATOM   448  C C   . VAL A 1 80  ? 4.976   -0.279  3.865   1.00 28.97  ? 80  VAL A C   1 
ATOM   449  O O   . VAL A 1 80  ? 4.554   -1.420  3.993   1.00 23.91  ? 80  VAL A O   1 
ATOM   450  C CB  . VAL A 1 80  ? 5.363   0.813   1.574   1.00 34.93  ? 80  VAL A CB  1 
ATOM   451  C CG1 . VAL A 1 80  ? 6.125   -0.455  1.276   1.00 39.92  ? 80  VAL A CG1 1 
ATOM   452  C CG2 . VAL A 1 80  ? 4.601   1.317   0.352   1.00 32.58  ? 80  VAL A CG2 1 
ATOM   453  N N   . ASN A 1 81  ? 5.942   0.217   4.644   1.00 27.60  ? 81  ASN A N   1 
ATOM   454  C CA  . ASN A 1 81  ? 6.563   -0.558  5.732   1.00 30.20  ? 81  ASN A CA  1 
ATOM   455  C C   . ASN A 1 81  ? 5.536   -0.874  6.847   1.00 27.92  ? 81  ASN A C   1 
ATOM   456  O O   . ASN A 1 81  ? 5.571   -1.944  7.417   1.00 29.18  ? 81  ASN A O   1 
ATOM   457  C CB  . ASN A 1 81  ? 7.821   0.165   6.249   1.00 31.79  ? 81  ASN A CB  1 
ATOM   458  C CG  . ASN A 1 81  ? 9.045   -0.152  5.407   1.00 34.22  ? 81  ASN A CG  1 
ATOM   459  O OD1 . ASN A 1 81  ? 9.591   -1.237  5.522   1.00 39.06  ? 81  ASN A OD1 1 
ATOM   460  N ND2 . ASN A 1 81  ? 9.457   0.748   4.525   1.00 34.51  ? 81  ASN A ND2 1 
ATOM   461  N N   . GLN A 1 82  ? 4.610   0.055   7.135   1.00 28.76  ? 82  GLN A N   1 
ATOM   462  C CA  . GLN A 1 82  ? 3.531   -0.140  8.098   1.00 29.36  ? 82  GLN A CA  1 
ATOM   463  C C   . GLN A 1 82  ? 2.621   -1.300  7.651   1.00 27.74  ? 82  GLN A C   1 
ATOM   464  O O   . GLN A 1 82  ? 2.292   -2.200  8.447   1.00 24.25  ? 82  GLN A O   1 
ATOM   465  C CB  . GLN A 1 82  ? 2.794   1.193   8.263   1.00 36.14  ? 82  GLN A CB  1 
ATOM   466  C CG  . GLN A 1 82  ? 1.632   1.199   9.252   1.00 38.73  ? 82  GLN A CG  1 
ATOM   467  C CD  . GLN A 1 82  ? 0.979   2.571   9.283   1.00 48.03  ? 82  GLN A CD  1 
ATOM   468  O OE1 . GLN A 1 82  ? 1.645   3.611   9.249   1.00 47.35  ? 82  GLN A OE1 1 
ATOM   469  N NE2 . GLN A 1 82  ? -0.344  2.593   9.299   1.00 45.97  ? 82  GLN A NE2 1 
ATOM   470  N N   . ALA A 1 83  ? 2.262   -1.340  6.365   1.00 24.48  ? 83  ALA A N   1 
ATOM   471  C CA  . ALA A 1 83  ? 1.484   -2.462  5.825   1.00 23.71  ? 83  ALA A CA  1 
ATOM   472  C C   . ALA A 1 83  ? 2.315   -3.733  5.964   1.00 26.56  ? 83  ALA A C   1 
ATOM   473  O O   . ALA A 1 83  ? 1.805   -4.797  6.370   1.00 25.87  ? 83  ALA A O   1 
ATOM   474  C CB  . ALA A 1 83  ? 1.121   -2.235  4.374   1.00 24.37  ? 83  ALA A CB  1 
ATOM   475  N N   . ASP A 1 84  ? 3.614   -3.626  5.630   1.00 25.79  ? 84  ASP A N   1 
ATOM   476  C CA  . ASP A 1 84  ? 4.427   -4.833  5.638   1.00 27.06  ? 84  ASP A CA  1 
ATOM   477  C C   . ASP A 1 84  ? 4.519   -5.431  7.063   1.00 27.36  ? 84  ASP A C   1 
ATOM   478  O O   . ASP A 1 84  ? 4.372   -6.672  7.266   1.00 23.39  ? 84  ASP A O   1 
ATOM   479  C CB  . ASP A 1 84  ? 5.805   -4.570  5.043   1.00 29.03  ? 84  ASP A CB  1 
ATOM   480  C CG  . ASP A 1 84  ? 6.509   -5.873  4.713   1.00 30.02  ? 84  ASP A CG  1 
ATOM   481  O OD1 . ASP A 1 84  ? 5.935   -6.700  3.965   1.00 28.01  ? 84  ASP A OD1 1 
ATOM   482  O OD2 . ASP A 1 84  ? 7.596   -6.039  5.209   1.00 27.35  ? 84  ASP A OD2 1 
ATOM   483  N N   . MET A 1 85  ? 4.781   -4.565  8.037   1.00 25.43  ? 85  MET A N   1 
ATOM   484  C CA  . MET A 1 85  ? 4.937   -4.968  9.441   1.00 31.77  ? 85  MET A CA  1 
ATOM   485  C C   . MET A 1 85  ? 3.635   -5.569  9.998   1.00 29.75  ? 85  MET A C   1 
ATOM   486  O O   . MET A 1 85  ? 3.666   -6.568  10.734  1.00 30.92  ? 85  MET A O   1 
ATOM   487  C CB  . MET A 1 85  ? 5.361   -3.765  10.290  1.00 35.44  ? 85  MET A CB  1 
ATOM   488  C CG  . MET A 1 85  ? 6.758   -3.293  9.956   1.00 41.53  ? 85  MET A CG  1 
ATOM   489  S SD  . MET A 1 85  ? 7.373   -1.980  11.079  1.00 57.32  ? 85  MET A SD  1 
ATOM   490  C CE  . MET A 1 85  ? 6.399   -0.565  10.548  1.00 53.15  ? 85  MET A CE  1 
ATOM   491  N N   . ALA A 1 86  ? 2.476   -4.990  9.647   1.00 27.92  ? 86  ALA A N   1 
ATOM   492  C CA  . ALA A 1 86  ? 1.216   -5.550  10.078  1.00 27.64  ? 86  ALA A CA  1 
ATOM   493  C C   . ALA A 1 86  ? 1.026   -6.923  9.436   1.00 27.77  ? 86  ALA A C   1 
ATOM   494  O O   . ALA A 1 86  ? 0.587   -7.859  10.086  1.00 27.01  ? 86  ALA A O   1 
ATOM   495  C CB  . ALA A 1 86  ? 0.072   -4.620  9.776   1.00 31.85  ? 86  ALA A CB  1 
ATOM   496  N N   . LEU A 1 87  ? 1.400   -7.060  8.165   1.00 30.29  ? 87  LEU A N   1 
ATOM   497  C CA  . LEU A 1 87  ? 1.279   -8.380  7.512   1.00 32.17  ? 87  LEU A CA  1 
ATOM   498  C C   . LEU A 1 87  ? 2.176   -9.409  8.236   1.00 31.52  ? 87  LEU A C   1 
ATOM   499  O O   . LEU A 1 87  ? 1.724   -10.526 8.533   1.00 29.05  ? 87  LEU A O   1 
ATOM   500  C CB  . LEU A 1 87  ? 1.633   -8.276  6.028   1.00 33.57  ? 87  LEU A CB  1 
ATOM   501  C CG  . LEU A 1 87  ? 1.574   -9.604  5.274   1.00 35.61  ? 87  LEU A CG  1 
ATOM   502  C CD1 . LEU A 1 87  ? 0.192   -10.241 5.382   1.00 36.90  ? 87  LEU A CD1 1 
ATOM   503  C CD2 . LEU A 1 87  ? 1.951   -9.403  3.820   1.00 34.67  ? 87  LEU A CD2 1 
ATOM   504  N N   . GLN A 1 88  ? 3.417   -9.026  8.542   1.00 30.63  ? 88  GLN A N   1 
ATOM   505  C CA  . GLN A 1 88  ? 4.350   -9.915  9.299   1.00 36.95  ? 88  GLN A CA  1 
ATOM   506  C C   . GLN A 1 88  ? 3.718   -10.313 10.628  1.00 37.47  ? 88  GLN A C   1 
ATOM   507  O O   . GLN A 1 88  ? 3.773   -11.485 10.999  1.00 34.52  ? 88  GLN A O   1 
ATOM   508  C CB  . GLN A 1 88  ? 5.698   -9.260  9.585   1.00 38.95  ? 88  GLN A CB  1 
ATOM   509  C CG  . GLN A 1 88  ? 6.535   -9.105  8.330   1.00 45.70  ? 88  GLN A CG  1 
ATOM   510  C CD  . GLN A 1 88  ? 7.785   -8.312  8.590   1.00 51.51  ? 88  GLN A CD  1 
ATOM   511  O OE1 . GLN A 1 88  ? 8.560   -8.644  9.489   1.00 50.29  ? 88  GLN A OE1 1 
ATOM   512  N NE2 . GLN A 1 88  ? 7.954   -7.238  7.830   1.00 48.70  ? 88  GLN A NE2 1 
ATOM   513  N N   . THR A 1 89  ? 3.091   -9.339  11.309  1.00 38.18  ? 89  THR A N   1 
ATOM   514  C CA  . THR A 1 89  ? 2.449   -9.589  12.607  1.00 39.25  ? 89  THR A CA  1 
ATOM   515  C C   . THR A 1 89  ? 1.322   -10.610 12.474  1.00 39.98  ? 89  THR A C   1 
ATOM   516  O O   . THR A 1 89  ? 1.187   -11.503 13.295  1.00 40.72  ? 89  THR A O   1 
ATOM   517  C CB  . THR A 1 89  ? 1.899   -8.303  13.221  1.00 39.58  ? 89  THR A CB  1 
ATOM   518  O OG1 . THR A 1 89  ? 3.038   -7.472  13.417  1.00 39.10  ? 89  THR A OG1 1 
ATOM   519  C CG2 . THR A 1 89  ? 1.190   -8.540  14.530  1.00 39.57  ? 89  THR A CG2 1 
ATOM   520  N N   . LEU A 1 90  ? 0.518   -10.464 11.421  1.00 41.61  ? 90  LEU A N   1 
ATOM   521  C CA  . LEU A 1 90  ? -0.553  -11.415 11.124  1.00 40.35  ? 90  LEU A CA  1 
ATOM   522  C C   . LEU A 1 90  ? 0.020   -12.809 10.838  1.00 43.01  ? 90  LEU A C   1 
ATOM   523  O O   . LEU A 1 90  ? -0.514  -13.818 11.324  1.00 40.28  ? 90  LEU A O   1 
ATOM   524  C CB  . LEU A 1 90  ? -1.332  -10.889 9.917   1.00 41.73  ? 90  LEU A CB  1 
ATOM   525  C CG  . LEU A 1 90  ? -2.715  -11.488 9.700   1.00 44.95  ? 90  LEU A CG  1 
ATOM   526  C CD1 . LEU A 1 90  ? -3.530  -11.472 10.989  1.00 45.72  ? 90  LEU A CD1 1 
ATOM   527  C CD2 . LEU A 1 90  ? -3.436  -10.745 8.577   1.00 45.21  ? 90  LEU A CD2 1 
ATOM   528  N N   . ALA A 1 91  ? 1.087   -12.864 10.020  1.00 41.33  ? 91  ALA A N   1 
ATOM   529  C CA  . ALA A 1 91  ? 1.704   -14.128 9.611   1.00 44.99  ? 91  ALA A CA  1 
ATOM   530  C C   . ALA A 1 91  ? 2.194   -14.916 10.835  1.00 45.34  ? 91  ALA A C   1 
ATOM   531  O O   . ALA A 1 91  ? 2.193   -16.128 10.818  1.00 45.56  ? 91  ALA A O   1 
ATOM   532  C CB  . ALA A 1 91  ? 2.844   -13.871 8.657   1.00 41.38  ? 91  ALA A CB  1 
ATOM   533  N N   . GLU A 1 92  ? 2.668   -14.209 11.859  1.00 46.41  ? 92  GLU A N   1 
ATOM   534  C CA  . GLU A 1 92  ? 3.202   -14.816 13.068  1.00 51.78  ? 92  GLU A CA  1 
ATOM   535  C C   . GLU A 1 92  ? 2.092   -15.154 14.070  1.00 55.35  ? 92  GLU A C   1 
ATOM   536  O O   . GLU A 1 92  ? 2.329   -15.904 14.987  1.00 56.50  ? 92  GLU A O   1 
ATOM   537  C CB  . GLU A 1 92  ? 4.192   -13.866 13.737  1.00 54.50  ? 92  GLU A CB  1 
ATOM   538  C CG  . GLU A 1 92  ? 5.453   -13.626 12.919  1.00 55.17  ? 92  GLU A CG  1 
ATOM   539  C CD  . GLU A 1 92  ? 6.303   -12.489 13.461  1.00 54.63  ? 92  GLU A CD  1 
ATOM   540  O OE1 . GLU A 1 92  ? 5.873   -11.870 14.440  1.00 50.51  ? 92  GLU A OE1 1 
ATOM   541  O OE2 . GLU A 1 92  ? 7.385   -12.230 12.904  1.00 56.97  ? 92  GLU A OE2 1 
ATOM   542  N N   . ASN A 1 93  ? 0.903   -14.558 13.915  1.00 58.77  ? 93  ASN A N   1 
ATOM   543  C CA  . ASN A 1 93  ? -0.197  -14.720 14.864  1.00 55.58  ? 93  ASN A CA  1 
ATOM   544  C C   . ASN A 1 93  ? -1.477  -15.047 14.115  1.00 59.90  ? 93  ASN A C   1 
ATOM   545  O O   . ASN A 1 93  ? -2.430  -14.265 14.155  1.00 60.61  ? 93  ASN A O   1 
ATOM   546  C CB  . ASN A 1 93  ? -0.375  -13.458 15.697  1.00 58.09  ? 93  ASN A CB  1 
ATOM   547  C CG  . ASN A 1 93  ? 0.909   -13.126 16.408  1.00 58.12  ? 93  ASN A CG  1 
ATOM   548  O OD1 . ASN A 1 93  ? 1.560   -12.140 16.087  1.00 59.34  ? 93  ASN A OD1 1 
ATOM   549  N ND2 . ASN A 1 93  ? 1.319   -14.013 17.299  1.00 63.44  ? 93  ASN A ND2 1 
ATOM   550  N N   . PRO A 1 94  ? -1.546  -16.226 13.456  1.00 60.49  ? 94  PRO A N   1 
ATOM   551  C CA  . PRO A 1 94  ? -2.705  -16.579 12.626  1.00 59.96  ? 94  PRO A CA  1 
ATOM   552  C C   . PRO A 1 94  ? -4.052  -16.538 13.379  1.00 57.40  ? 94  PRO A C   1 
ATOM   553  O O   . PRO A 1 94  ? -4.223  -17.205 14.419  1.00 50.76  ? 94  PRO A O   1 
ATOM   554  C CB  . PRO A 1 94  ? -2.375  -18.019 12.188  1.00 59.05  ? 94  PRO A CB  1 
ATOM   555  C CG  . PRO A 1 94  ? -1.439  -18.518 13.276  1.00 58.85  ? 94  PRO A CG  1 
ATOM   556  C CD  . PRO A 1 94  ? -0.561  -17.320 13.555  1.00 56.03  ? 94  PRO A CD  1 
ATOM   557  N N   . ALA A 1 95  ? -5.010  -15.774 12.834  1.00 54.79  ? 95  ALA A N   1 
ATOM   558  C CA  . ALA A 1 95  ? -6.363  -15.721 13.368  1.00 53.97  ? 95  ALA A CA  1 
ATOM   559  C C   . ALA A 1 95  ? -6.982  -17.114 13.229  1.00 57.32  ? 95  ALA A C   1 
ATOM   560  O O   . ALA A 1 95  ? -6.643  -17.842 12.291  1.00 53.20  ? 95  ALA A O   1 
ATOM   561  C CB  . ALA A 1 95  ? -7.169  -14.662 12.653  1.00 51.81  ? 95  ALA A CB  1 
ATOM   562  N N   . ASP A 1 96  ? -7.849  -17.486 14.184  1.00 59.47  ? 96  ASP A N   1 
ATOM   563  C CA  . ASP A 1 96  ? -8.410  -18.843 14.301  1.00 56.28  ? 96  ASP A CA  1 
ATOM   564  C C   . ASP A 1 96  ? -9.810  -18.853 13.675  1.00 57.42  ? 96  ASP A C   1 
ATOM   565  O O   . ASP A 1 96  ? -10.823 -18.614 14.357  1.00 51.51  ? 96  ASP A O   1 
ATOM   566  C CB  . ASP A 1 96  ? -8.398  -19.301 15.760  1.00 62.78  ? 96  ASP A CB  1 
ATOM   567  C CG  . ASP A 1 96  ? -9.036  -20.655 15.983  1.00 68.73  ? 96  ASP A CG  1 
ATOM   568  O OD1 . ASP A 1 96  ? -9.445  -21.292 14.987  1.00 69.37  ? 96  ASP A OD1 1 
ATOM   569  O OD2 . ASP A 1 96  ? -9.130  -21.049 17.155  1.00 83.23  ? 96  ASP A OD2 1 
ATOM   570  N N   . THR A 1 97  ? -9.833  -19.105 12.358  1.00 60.14  ? 97  THR A N   1 
ATOM   571  C CA  . THR A 1 97  ? -11.004 -18.933 11.503  1.00 57.05  ? 97  THR A CA  1 
ATOM   572  C C   . THR A 1 97  ? -10.902 -19.846 10.274  1.00 51.45  ? 97  THR A C   1 
ATOM   573  O O   . THR A 1 97  ? -9.913  -20.541 10.056  1.00 55.29  ? 97  THR A O   1 
ATOM   574  C CB  . THR A 1 97  ? -11.165 -17.480 11.024  1.00 59.35  ? 97  THR A CB  1 
ATOM   575  O OG1 . THR A 1 97  ? -9.903  -16.965 10.582  1.00 54.84  ? 97  THR A OG1 1 
ATOM   576  C CG2 . THR A 1 97  ? -11.744 -16.582 12.089  1.00 57.62  ? 97  THR A CG2 1 
ATOM   577  N N   . ASP A 1 98  ? -11.968 -19.803 9.473   1.00 49.19  ? 98  ASP A N   1 
ATOM   578  C CA  . ASP A 1 98  ? -12.045 -20.465 8.232   1.00 45.15  ? 98  ASP A CA  1 
ATOM   579  C C   . ASP A 1 98  ? -11.173 -19.711 7.234   1.00 44.87  ? 98  ASP A C   1 
ATOM   580  O O   . ASP A 1 98  ? -10.645 -18.626 7.528   1.00 42.36  ? 98  ASP A O   1 
ATOM   581  C CB  . ASP A 1 98  ? -13.495 -20.558 7.773   1.00 46.88  ? 98  ASP A CB  1 
ATOM   582  C CG  . ASP A 1 98  ? -14.196 -19.225 7.626   1.00 46.71  ? 98  ASP A CG  1 
ATOM   583  O OD1 . ASP A 1 98  ? -13.532 -18.231 7.327   1.00 43.16  ? 98  ASP A OD1 1 
ATOM   584  O OD2 . ASP A 1 98  ? -15.421 -19.218 7.783   1.00 54.84  ? 98  ASP A OD2 1 
ATOM   585  N N   . ARG A 1 99  ? -11.044 -20.306 6.052   1.00 45.25  ? 99  ARG A N   1 
ATOM   586  C CA  . ARG A 1 99  ? -10.080 -19.875 5.064   1.00 46.03  ? 99  ARG A CA  1 
ATOM   587  C C   . ARG A 1 99  ? -10.543 -18.555 4.436   1.00 38.50  ? 99  ARG A C   1 
ATOM   588  O O   . ARG A 1 99  ? -9.703  -17.715 4.161   1.00 41.38  ? 99  ARG A O   1 
ATOM   589  C CB  . ARG A 1 99  ? -9.849  -20.980 4.034   1.00 46.17  ? 99  ARG A CB  1 
ATOM   590  C CG  . ARG A 1 99  ? -11.064 -21.271 3.176   1.00 49.98  ? 99  ARG A CG  1 
ATOM   591  C CD  . ARG A 1 99  ? -11.050 -22.725 2.778   1.00 55.34  ? 99  ARG A CD  1 
ATOM   592  N NE  . ARG A 1 99  ? -11.919 -23.001 1.652   1.00 54.03  ? 99  ARG A NE  1 
ATOM   593  C CZ  . ARG A 1 99  ? -11.957 -24.176 1.044   1.00 53.20  ? 99  ARG A CZ  1 
ATOM   594  N NH1 . ARG A 1 99  ? -11.214 -25.180 1.490   1.00 49.41  ? 99  ARG A NH1 1 
ATOM   595  N NH2 . ARG A 1 99  ? -12.701 -24.322 -0.030  1.00 51.75  ? 99  ARG A NH2 1 
ATOM   596  N N   . GLU A 1 100 ? -11.862 -18.358 4.316   1.00 37.12  ? 100 GLU A N   1 
ATOM   597  C CA  . GLU A 1 100 ? -12.397 -17.115 3.802   1.00 36.62  ? 100 GLU A CA  1 
ATOM   598  C C   . GLU A 1 100 ? -11.946 -15.943 4.693   1.00 37.44  ? 100 GLU A C   1 
ATOM   599  O O   . GLU A 1 100 ? -11.395 -14.980 4.203   1.00 33.18  ? 100 GLU A O   1 
ATOM   600  C CB  . GLU A 1 100 ? -13.914 -17.172 3.678   1.00 37.27  ? 100 GLU A CB  1 
ATOM   601  C CG  . GLU A 1 100 ? -14.517 -15.830 3.309   1.00 43.42  ? 100 GLU A CG  1 
ATOM   602  C CD  . GLU A 1 100 ? -15.961 -15.860 2.843   1.00 49.62  ? 100 GLU A CD  1 
ATOM   603  O OE1 . GLU A 1 100 ? -16.395 -16.905 2.340   1.00 57.67  ? 100 GLU A OE1 1 
ATOM   604  O OE2 . GLU A 1 100 ? -16.642 -14.825 2.967   1.00 54.21  ? 100 GLU A OE2 1 
ATOM   605  N N   . ASN A 1 101 ? -12.148 -16.055 6.008   1.00 37.61  ? 101 ASN A N   1 
ATOM   606  C CA  . ASN A 1 101 ? -11.777 -14.984 6.967   1.00 40.26  ? 101 ASN A CA  1 
ATOM   607  C C   . ASN A 1 101 ? -10.260 -14.823 7.085   1.00 33.61  ? 101 ASN A C   1 
ATOM   608  O O   . ASN A 1 101 ? -9.766  -13.682 7.302   1.00 36.53  ? 101 ASN A O   1 
ATOM   609  C CB  . ASN A 1 101 ? -12.437 -15.190 8.330   1.00 44.84  ? 101 ASN A CB  1 
ATOM   610  C CG  . ASN A 1 101 ? -13.867 -14.688 8.318   1.00 54.61  ? 101 ASN A CG  1 
ATOM   611  O OD1 . ASN A 1 101 ? -14.099 -13.493 8.493   1.00 53.39  ? 101 ASN A OD1 1 
ATOM   612  N ND2 . ASN A 1 101 ? -14.823 -15.580 8.065   1.00 55.99  ? 101 ASN A ND2 1 
ATOM   613  N N   . MET A 1 102 ? -9.518  -15.926 6.928   1.00 32.30  ? 102 MET A N   1 
ATOM   614  C CA  . MET A 1 102 ? -8.049  -15.868 6.898   1.00 32.17  ? 102 MET A CA  1 
ATOM   615  C C   . MET A 1 102 ? -7.615  -14.892 5.793   1.00 31.37  ? 102 MET A C   1 
ATOM   616  O O   . MET A 1 102 ? -6.815  -13.976 6.026   1.00 28.72  ? 102 MET A O   1 
ATOM   617  C CB  . MET A 1 102 ? -7.436  -17.252 6.643   1.00 37.65  ? 102 MET A CB  1 
ATOM   618  C CG  . MET A 1 102 ? -5.909  -17.266 6.520   1.00 42.35  ? 102 MET A CG  1 
ATOM   619  S SD  . MET A 1 102 ? -5.220  -18.865 5.947   1.00 50.67  ? 102 MET A SD  1 
ATOM   620  C CE  . MET A 1 102 ? -5.529  -18.782 4.183   1.00 47.48  ? 102 MET A CE  1 
ATOM   621  N N   . TRP A 1 103 ? -8.133  -15.101 4.579   1.00 27.48  ? 103 TRP A N   1 
ATOM   622  C CA  . TRP A 1 103 ? -7.777  -14.230 3.464   1.00 27.41  ? 103 TRP A CA  1 
ATOM   623  C C   . TRP A 1 103 ? -8.334  -12.832 3.702   1.00 26.69  ? 103 TRP A C   1 
ATOM   624  O O   . TRP A 1 103 ? -7.632  -11.855 3.432   1.00 26.64  ? 103 TRP A O   1 
ATOM   625  C CB  . TRP A 1 103 ? -8.234  -14.795 2.114   1.00 28.08  ? 103 TRP A CB  1 
ATOM   626  C CG  . TRP A 1 103 ? -7.454  -16.001 1.684   1.00 28.01  ? 103 TRP A CG  1 
ATOM   627  C CD1 . TRP A 1 103 ? -7.906  -17.287 1.652   1.00 28.88  ? 103 TRP A CD1 1 
ATOM   628  C CD2 . TRP A 1 103 ? -6.091  -16.045 1.216   1.00 26.96  ? 103 TRP A CD2 1 
ATOM   629  N NE1 . TRP A 1 103 ? -6.907  -18.129 1.231   1.00 28.16  ? 103 TRP A NE1 1 
ATOM   630  C CE2 . TRP A 1 103 ? -5.782  -17.400 0.968   1.00 25.70  ? 103 TRP A CE2 1 
ATOM   631  C CE3 . TRP A 1 103 ? -5.093  -15.084 1.017   1.00 27.69  ? 103 TRP A CE3 1 
ATOM   632  C CZ2 . TRP A 1 103 ? -4.537  -17.812 0.491   1.00 27.04  ? 103 TRP A CZ2 1 
ATOM   633  C CZ3 . TRP A 1 103 ? -3.849  -15.493 0.590   1.00 26.19  ? 103 TRP A CZ3 1 
ATOM   634  C CH2 . TRP A 1 103 ? -3.581  -16.836 0.313   1.00 28.23  ? 103 TRP A CH2 1 
ATOM   635  N N   . ARG A 1 104 ? -9.581  -12.736 4.190   1.00 24.35  ? 104 ARG A N   1 
ATOM   636  C CA  . ARG A 1 104 ? -10.151 -11.416 4.433   1.00 27.24  ? 104 ARG A CA  1 
ATOM   637  C C   . ARG A 1 104 ? -9.238  -10.596 5.366   1.00 26.66  ? 104 ARG A C   1 
ATOM   638  O O   . ARG A 1 104 ? -8.926  -9.433  5.091   1.00 28.06  ? 104 ARG A O   1 
ATOM   639  C CB  . ARG A 1 104 ? -11.561 -11.516 5.028   1.00 29.75  ? 104 ARG A CB  1 
ATOM   640  C CG  . ARG A 1 104 ? -12.109 -10.158 5.447   1.00 31.59  ? 104 ARG A CG  1 
ATOM   641  C CD  . ARG A 1 104 ? -13.591 -10.109 5.772   1.00 34.64  ? 104 ARG A CD  1 
ATOM   642  N NE  . ARG A 1 104 ? -14.352 -11.142 5.106   1.00 36.51  ? 104 ARG A NE  1 
ATOM   643  C CZ  . ARG A 1 104 ? -15.072 -10.948 4.023   1.00 37.87  ? 104 ARG A CZ  1 
ATOM   644  N NH1 . ARG A 1 104 ? -15.225 -9.724  3.539   1.00 43.93  ? 104 ARG A NH1 1 
ATOM   645  N NH2 . ARG A 1 104 ? -15.645 -11.983 3.437   1.00 36.40  ? 104 ARG A NH2 1 
ATOM   646  N N   . THR A 1 105 ? -8.844  -11.203 6.491   1.00 27.40  ? 105 THR A N   1 
ATOM   647  C CA  . THR A 1 105 ? -7.991  -10.540 7.473   1.00 26.74  ? 105 THR A CA  1 
ATOM   648  C C   . THR A 1 105 ? -6.729  -10.012 6.780   1.00 24.26  ? 105 THR A C   1 
ATOM   649  O O   . THR A 1 105 ? -6.183  -8.965  7.173   1.00 26.03  ? 105 THR A O   1 
ATOM   650  C CB  . THR A 1 105 ? -7.707  -11.479 8.658   1.00 27.39  ? 105 THR A CB  1 
ATOM   651  O OG1 . THR A 1 105 ? -8.952  -11.947 9.165   1.00 29.78  ? 105 THR A OG1 1 
ATOM   652  C CG2 . THR A 1 105 ? -7.013  -10.785 9.804   1.00 32.91  ? 105 THR A CG2 1 
ATOM   653  N N   . GLY A 1 106 ? -6.181  -10.805 5.853   1.00 23.44  ? 106 GLY A N   1 
ATOM   654  C CA  . GLY A 1 106 ? -4.931  -10.485 5.218   1.00 24.19  ? 106 GLY A CA  1 
ATOM   655  C C   . GLY A 1 106 ? -5.069  -9.282  4.274   1.00 23.23  ? 106 GLY A C   1 
ATOM   656  O O   . GLY A 1 106 ? -4.350  -8.268  4.411   1.00 24.10  ? 106 GLY A O   1 
ATOM   657  N N   . ILE A 1 107 ? -6.051  -9.371  3.372   1.00 22.01  ? 107 ILE A N   1 
ATOM   658  C CA  . ILE A 1 107 ? -6.372  -8.266  2.483   1.00 23.10  ? 107 ILE A CA  1 
ATOM   659  C C   . ILE A 1 107 ? -6.655  -6.995  3.291   1.00 23.04  ? 107 ILE A C   1 
ATOM   660  O O   . ILE A 1 107 ? -6.294  -5.880  2.864   1.00 22.78  ? 107 ILE A O   1 
ATOM   661  C CB  . ILE A 1 107 ? -7.539  -8.618  1.540   1.00 21.57  ? 107 ILE A CB  1 
ATOM   662  C CG1 . ILE A 1 107 ? -7.165  -9.789  0.617   1.00 21.07  ? 107 ILE A CG1 1 
ATOM   663  C CG2 . ILE A 1 107 ? -7.947  -7.384  0.748   1.00 18.95  ? 107 ILE A CG2 1 
ATOM   664  C CD1 . ILE A 1 107 ? -8.314  -10.410 -0.134  1.00 23.12  ? 107 ILE A CD1 1 
ATOM   665  N N   . ASN A 1 108 ? -7.298  -7.154  4.452   1.00 23.95  ? 108 ASN A N   1 
ATOM   666  C CA  . ASN A 1 108 ? -7.730  -6.007  5.300   1.00 25.74  ? 108 ASN A CA  1 
ATOM   667  C C   . ASN A 1 108 ? -6.536  -5.167  5.793   1.00 24.08  ? 108 ASN A C   1 
ATOM   668  O O   . ASN A 1 108 ? -6.683  -3.972  6.047   1.00 23.22  ? 108 ASN A O   1 
ATOM   669  C CB  . ASN A 1 108 ? -8.546  -6.485  6.501   1.00 24.85  ? 108 ASN A CB  1 
ATOM   670  C CG  . ASN A 1 108 ? -9.194  -5.345  7.249   1.00 24.64  ? 108 ASN A CG  1 
ATOM   671  O OD1 . ASN A 1 108 ? -9.932  -4.559  6.656   1.00 23.37  ? 108 ASN A OD1 1 
ATOM   672  N ND2 . ASN A 1 108 ? -8.941  -5.260  8.552   1.00 25.04  ? 108 ASN A ND2 1 
ATOM   673  N N   . VAL A 1 109 ? -5.367  -5.799  5.957   1.00 23.27  ? 109 VAL A N   1 
ATOM   674  C CA  . VAL A 1 109 ? -4.145  -5.101  6.337   1.00 23.50  ? 109 VAL A CA  1 
ATOM   675  C C   . VAL A 1 109 ? -3.904  -3.977  5.314   1.00 22.65  ? 109 VAL A C   1 
ATOM   676  O O   . VAL A 1 109 ? -3.586  -2.821  5.672   1.00 19.92  ? 109 VAL A O   1 
ATOM   677  C CB  . VAL A 1 109 ? -2.968  -6.096  6.407   1.00 26.35  ? 109 VAL A CB  1 
ATOM   678  C CG1 . VAL A 1 109 ? -1.626  -5.414  6.509   1.00 30.63  ? 109 VAL A CG1 1 
ATOM   679  C CG2 . VAL A 1 109 ? -3.129  -7.066  7.572   1.00 29.96  ? 109 VAL A CG2 1 
ATOM   680  N N   . PHE A 1 110 ? -4.122  -4.299  4.029   1.00 23.82  ? 110 PHE A N   1 
ATOM   681  C CA  . PHE A 1 110 ? -3.863  -3.334  2.912   1.00 23.75  ? 110 PHE A CA  1 
ATOM   682  C C   . PHE A 1 110 ? -4.988  -2.303  2.808   1.00 24.50  ? 110 PHE A C   1 
ATOM   683  O O   . PHE A 1 110 ? -4.710  -1.071  2.637   1.00 26.11  ? 110 PHE A O   1 
ATOM   684  C CB  . PHE A 1 110 ? -3.627  -4.119  1.626   1.00 24.01  ? 110 PHE A CB  1 
ATOM   685  C CG  . PHE A 1 110 ? -2.332  -4.892  1.679   1.00 24.82  ? 110 PHE A CG  1 
ATOM   686  C CD1 . PHE A 1 110 ? -1.134  -4.274  1.383   1.00 25.49  ? 110 PHE A CD1 1 
ATOM   687  C CD2 . PHE A 1 110 ? -2.296  -6.212  2.110   1.00 25.14  ? 110 PHE A CD2 1 
ATOM   688  C CE1 . PHE A 1 110 ? 0.075   -4.960  1.487   1.00 26.44  ? 110 PHE A CE1 1 
ATOM   689  C CE2 . PHE A 1 110 ? -1.095  -6.904  2.205   1.00 27.38  ? 110 PHE A CE2 1 
ATOM   690  C CZ  . PHE A 1 110 ? 0.098   -6.269  1.935   1.00 26.13  ? 110 PHE A CZ  1 
ATOM   691  N N   . PHE A 1 111 ? -6.236  -2.796  2.927   1.00 24.28  ? 111 PHE A N   1 
ATOM   692  C CA  . PHE A 1 111 ? -7.426  -1.946  2.930   1.00 25.59  ? 111 PHE A CA  1 
ATOM   693  C C   . PHE A 1 111 ? -7.273  -0.865  4.009   1.00 25.07  ? 111 PHE A C   1 
ATOM   694  O O   . PHE A 1 111 ? -7.395  0.309   3.699   1.00 22.72  ? 111 PHE A O   1 
ATOM   695  C CB  . PHE A 1 111 ? -8.687  -2.786  3.142   1.00 27.75  ? 111 PHE A CB  1 
ATOM   696  C CG  . PHE A 1 111 ? -9.982  -2.013  3.200   1.00 29.89  ? 111 PHE A CG  1 
ATOM   697  C CD1 . PHE A 1 111 ? -10.474 -1.346  2.083   1.00 27.71  ? 111 PHE A CD1 1 
ATOM   698  C CD2 . PHE A 1 111 ? -10.736 -1.981  4.369   1.00 32.69  ? 111 PHE A CD2 1 
ATOM   699  C CE1 . PHE A 1 111 ? -11.691 -0.678  2.134   1.00 27.05  ? 111 PHE A CE1 1 
ATOM   700  C CE2 . PHE A 1 111 ? -11.941 -1.286  4.428   1.00 29.74  ? 111 PHE A CE2 1 
ATOM   701  C CZ  . PHE A 1 111 ? -12.416 -0.643  3.308   1.00 26.71  ? 111 PHE A CZ  1 
ATOM   702  N N   . GLU A 1 112 ? -6.987  -1.275  5.256   1.00 24.36  ? 112 GLU A N   1 
ATOM   703  C CA  . GLU A 1 112 ? -6.893  -0.330  6.375   1.00 25.90  ? 112 GLU A CA  1 
ATOM   704  C C   . GLU A 1 112 ? -5.649  0.561   6.318   1.00 25.97  ? 112 GLU A C   1 
ATOM   705  O O   . GLU A 1 112 ? -5.740  1.735   6.663   1.00 26.75  ? 112 GLU A O   1 
ATOM   706  C CB  . GLU A 1 112 ? -6.840  -1.080  7.699   1.00 27.87  ? 112 GLU A CB  1 
ATOM   707  C CG  . GLU A 1 112 ? -8.200  -1.587  8.124   1.00 30.62  ? 112 GLU A CG  1 
ATOM   708  C CD  . GLU A 1 112 ? -9.183  -0.453  8.367   1.00 32.98  ? 112 GLU A CD  1 
ATOM   709  O OE1 . GLU A 1 112 ? -8.723  0.621   8.814   1.00 36.14  ? 112 GLU A OE1 1 
ATOM   710  O OE2 . GLU A 1 112 ? -10.393 -0.630  8.076   1.00 32.51  ? 112 GLU A OE2 1 
ATOM   711  N N   . THR A 1 113 ? -4.492  0.002   5.946   1.00 23.10  ? 113 THR A N   1 
ATOM   712  C CA  . THR A 1 113 ? -3.255  0.736   6.037   1.00 26.48  ? 113 THR A CA  1 
ATOM   713  C C   . THR A 1 113 ? -3.215  1.823   4.968   1.00 26.50  ? 113 THR A C   1 
ATOM   714  O O   . THR A 1 113 ? -2.893  2.996   5.271   1.00 25.06  ? 113 THR A O   1 
ATOM   715  C CB  . THR A 1 113 ? -1.997  -0.124  5.835   1.00 27.49  ? 113 THR A CB  1 
ATOM   716  O OG1 . THR A 1 113 ? -2.029  -1.144  6.826   1.00 24.07  ? 113 THR A OG1 1 
ATOM   717  C CG2 . THR A 1 113 ? -0.717  0.670   6.005   1.00 28.41  ? 113 THR A CG2 1 
ATOM   718  N N   . PHE A 1 114 ? -3.515  1.431   3.728   1.00 25.20  ? 114 PHE A N   1 
ATOM   719  C CA  . PHE A 1 114 ? -3.477  2.398   2.598   1.00 25.26  ? 114 PHE A CA  1 
ATOM   720  C C   . PHE A 1 114 ? -4.707  3.321   2.685   1.00 25.75  ? 114 PHE A C   1 
ATOM   721  O O   . PHE A 1 114 ? -4.616  4.531   2.449   1.00 23.88  ? 114 PHE A O   1 
ATOM   722  C CB  . PHE A 1 114 ? -3.326  1.622   1.289   1.00 26.46  ? 114 PHE A CB  1 
ATOM   723  C CG  . PHE A 1 114 ? -1.922  1.112   1.067   1.00 27.03  ? 114 PHE A CG  1 
ATOM   724  C CD1 . PHE A 1 114 ? -0.932  1.963   0.594   1.00 27.76  ? 114 PHE A CD1 1 
ATOM   725  C CD2 . PHE A 1 114 ? -1.588  -0.202  1.346   1.00 26.79  ? 114 PHE A CD2 1 
ATOM   726  C CE1 . PHE A 1 114 ? 0.362   1.498   0.401   1.00 28.98  ? 114 PHE A CE1 1 
ATOM   727  C CE2 . PHE A 1 114 ? -0.287  -0.660  1.159   1.00 29.49  ? 114 PHE A CE2 1 
ATOM   728  C CZ  . PHE A 1 114 ? 0.674   0.184   0.652   1.00 29.08  ? 114 PHE A CZ  1 
ATOM   729  N N   . GLY A 1 115 ? -5.844  2.740   3.096   1.00 26.73  ? 115 GLY A N   1 
ATOM   730  C CA  . GLY A 1 115 ? -7.119  3.460   3.326   1.00 27.80  ? 115 GLY A CA  1 
ATOM   731  C C   . GLY A 1 115 ? -6.997  4.561   4.373   1.00 28.78  ? 115 GLY A C   1 
ATOM   732  O O   . GLY A 1 115 ? -7.706  5.554   4.306   1.00 28.26  ? 115 GLY A O   1 
ATOM   733  N N   . SER A 1 116 ? -6.072  4.392   5.324   1.00 29.22  ? 116 SER A N   1 
ATOM   734  C CA  . SER A 1 116 ? -5.804  5.381   6.367   1.00 29.44  ? 116 SER A CA  1 
ATOM   735  C C   . SER A 1 116 ? -4.853  6.465   5.876   1.00 28.21  ? 116 SER A C   1 
ATOM   736  O O   . SER A 1 116 ? -4.635  7.417   6.590   1.00 31.93  ? 116 SER A O   1 
ATOM   737  C CB  . SER A 1 116 ? -5.253  4.741   7.611   1.00 29.06  ? 116 SER A CB  1 
ATOM   738  O OG  . SER A 1 116 ? -6.262  3.955   8.198   1.00 32.94  ? 116 SER A OG  1 
ATOM   739  N N   . HIS A 1 117 ? -4.303  6.311   4.669   1.00 28.27  ? 117 HIS A N   1 
ATOM   740  C CA  . HIS A 1 117 ? -3.282  7.208   4.145   1.00 29.49  ? 117 HIS A CA  1 
ATOM   741  C C   . HIS A 1 117 ? -3.514  7.439   2.649   1.00 27.84  ? 117 HIS A C   1 
ATOM   742  O O   . HIS A 1 117 ? -2.697  7.094   1.841   1.00 28.09  ? 117 HIS A O   1 
ATOM   743  C CB  . HIS A 1 117 ? -1.891  6.635   4.444   1.00 28.48  ? 117 HIS A CB  1 
ATOM   744  C CG  . HIS A 1 117 ? -1.583  6.564   5.899   1.00 30.67  ? 117 HIS A CG  1 
ATOM   745  N ND1 . HIS A 1 117 ? -1.148  7.680   6.623   1.00 29.69  ? 117 HIS A ND1 1 
ATOM   746  C CD2 . HIS A 1 117 ? -1.647  5.532   6.780   1.00 32.15  ? 117 HIS A CD2 1 
ATOM   747  C CE1 . HIS A 1 117 ? -0.988  7.329   7.894   1.00 33.97  ? 117 HIS A CE1 1 
ATOM   748  N NE2 . HIS A 1 117 ? -1.294  6.021   8.024   1.00 34.28  ? 117 HIS A NE2 1 
ATOM   749  N N   . LYS A 1 118 ? -4.667  8.007   2.306   1.00 30.23  ? 118 LYS A N   1 
ATOM   750  C CA  . LYS A 1 118 ? -5.158  8.011   0.927   1.00 30.99  ? 118 LYS A CA  1 
ATOM   751  C C   . LYS A 1 118 ? -4.399  9.041   0.100   1.00 31.22  ? 118 LYS A C   1 
ATOM   752  O O   . LYS A 1 118 ? -4.163  8.808   -1.082  1.00 29.90  ? 118 LYS A O   1 
ATOM   753  C CB  . LYS A 1 118 ? -6.656  8.323   0.855   1.00 30.91  ? 118 LYS A CB  1 
ATOM   754  C CG  . LYS A 1 118 ? -7.614  7.151   1.043   1.00 33.63  ? 118 LYS A CG  1 
ATOM   755  C CD  . LYS A 1 118 ? -9.009  7.663   1.258   1.00 34.44  ? 118 LYS A CD  1 
ATOM   756  C CE  . LYS A 1 118 ? -10.068 6.606   1.248   1.00 36.50  ? 118 LYS A CE  1 
ATOM   757  N NZ  . LYS A 1 118 ? -10.112 5.915   2.547   1.00 39.20  ? 118 LYS A NZ  1 
ATOM   758  N N   . ALA A 1 119 ? -4.044  10.181  0.715   1.00 31.69  ? 119 ALA A N   1 
ATOM   759  C CA  . ALA A 1 119 ? -3.372  11.225  -0.023  1.00 31.21  ? 119 ALA A CA  1 
ATOM   760  C C   . ALA A 1 119 ? -1.975  10.721  -0.395  1.00 28.75  ? 119 ALA A C   1 
ATOM   761  O O   . ALA A 1 119 ? -1.550  10.884  -1.557  1.00 31.63  ? 119 ALA A O   1 
ATOM   762  C CB  . ALA A 1 119 ? -3.308  12.518  0.745   1.00 32.51  ? 119 ALA A CB  1 
ATOM   763  N N   . VAL A 1 120 ? -1.304  10.081  0.562   1.00 27.89  ? 120 VAL A N   1 
ATOM   764  C CA  . VAL A 1 120 ? 0.034   9.512   0.337   1.00 28.30  ? 120 VAL A CA  1 
ATOM   765  C C   . VAL A 1 120 ? -0.063  8.380   -0.697  1.00 30.86  ? 120 VAL A C   1 
ATOM   766  O O   . VAL A 1 120 ? 0.749   8.298   -1.621  1.00 31.80  ? 120 VAL A O   1 
ATOM   767  C CB  . VAL A 1 120 ? 0.695   9.040   1.646   1.00 28.51  ? 120 VAL A CB  1 
ATOM   768  C CG1 . VAL A 1 120 ? 2.012   8.308   1.407   1.00 29.89  ? 120 VAL A CG1 1 
ATOM   769  C CG2 . VAL A 1 120 ? 0.926   10.193  2.617   1.00 29.60  ? 120 VAL A CG2 1 
ATOM   770  N N   . THR A 1 121 ? -1.054  7.497   -0.523  1.00 31.03  ? 121 THR A N   1 
ATOM   771  C CA  . THR A 1 121 ? -1.306  6.447   -1.493  1.00 29.22  ? 121 THR A CA  1 
ATOM   772  C C   . THR A 1 121 ? -1.431  7.050   -2.892  1.00 30.61  ? 121 THR A C   1 
ATOM   773  O O   . THR A 1 121 ? -0.740  6.621   -3.789  1.00 31.51  ? 121 THR A O   1 
ATOM   774  C CB  . THR A 1 121 ? -2.546  5.640   -1.126  1.00 29.35  ? 121 THR A CB  1 
ATOM   775  O OG1 . THR A 1 121 ? -2.267  5.028   0.135   1.00 26.80  ? 121 THR A OG1 1 
ATOM   776  C CG2 . THR A 1 121 ? -2.887  4.609   -2.181  1.00 29.42  ? 121 THR A CG2 1 
ATOM   777  N N   . ARG A 1 122 ? -2.308  8.049   -3.045  1.00 33.98  ? 122 ARG A N   1 
ATOM   778  C CA  . ARG A 1 122 ? -2.600  8.655   -4.321  1.00 35.29  ? 122 ARG A CA  1 
ATOM   779  C C   . ARG A 1 122 ? -1.329  9.300   -4.912  1.00 34.34  ? 122 ARG A C   1 
ATOM   780  O O   . ARG A 1 122 ? -1.013  9.100   -6.072  1.00 34.83  ? 122 ARG A O   1 
ATOM   781  C CB  . ARG A 1 122 ? -3.730  9.681   -4.165  1.00 41.71  ? 122 ARG A CB  1 
ATOM   782  C CG  . ARG A 1 122 ? -4.030  10.473  -5.438  1.00 53.10  ? 122 ARG A CG  1 
ATOM   783  C CD  . ARG A 1 122 ? -4.760  11.815  -5.263  1.00 62.90  ? 122 ARG A CD  1 
ATOM   784  N NE  . ARG A 1 122 ? -4.149  12.811  -4.367  1.00 69.19  ? 122 ARG A NE  1 
ATOM   785  C CZ  . ARG A 1 122 ? -3.053  13.548  -4.622  1.00 75.75  ? 122 ARG A CZ  1 
ATOM   786  N NH1 . ARG A 1 122 ? -2.286  13.312  -5.681  1.00 66.29  ? 122 ARG A NH1 1 
ATOM   787  N NH2 . ARG A 1 122 ? -2.725  14.529  -3.793  1.00 68.41  ? 122 ARG A NH2 1 
ATOM   788  N N   . ALA A 1 123 ? -0.618  10.117  -4.128  1.00 33.89  ? 123 ALA A N   1 
ATOM   789  C CA  . ALA A 1 123 ? 0.526   10.875  -4.657  1.00 30.37  ? 123 ALA A CA  1 
ATOM   790  C C   . ALA A 1 123 ? 1.702   9.926   -4.908  1.00 31.70  ? 123 ALA A C   1 
ATOM   791  O O   . ALA A 1 123 ? 2.403   10.004  -5.944  1.00 32.17  ? 123 ALA A O   1 
ATOM   792  C CB  . ALA A 1 123 ? 0.873   11.976  -3.698  1.00 34.22  ? 123 ALA A CB  1 
ATOM   793  N N   . GLY A 1 124 ? 1.860   8.937   -4.016  1.00 32.07  ? 124 GLY A N   1 
ATOM   794  C CA  . GLY A 1 124 ? 2.842   7.847   -4.218  1.00 29.90  ? 124 GLY A CA  1 
ATOM   795  C C   . GLY A 1 124 ? 2.613   7.082   -5.510  1.00 32.19  ? 124 GLY A C   1 
ATOM   796  O O   . GLY A 1 124 ? 3.551   6.804   -6.242  1.00 32.77  ? 124 GLY A O   1 
ATOM   797  N N   . GLN A 1 125 ? 1.357   6.757   -5.828  1.00 31.64  ? 125 GLN A N   1 
ATOM   798  C CA  . GLN A 1 125 ? 1.083   6.008   -7.051  1.00 39.08  ? 125 GLN A CA  1 
ATOM   799  C C   . GLN A 1 125 ? 1.413   6.881   -8.261  1.00 37.07  ? 125 GLN A C   1 
ATOM   800  O O   . GLN A 1 125 ? 1.940   6.387   -9.231  1.00 37.53  ? 125 GLN A O   1 
ATOM   801  C CB  . GLN A 1 125 ? -0.371  5.551   -7.165  1.00 40.08  ? 125 GLN A CB  1 
ATOM   802  C CG  . GLN A 1 125 ? -0.657  4.273   -6.403  1.00 47.31  ? 125 GLN A CG  1 
ATOM   803  C CD  . GLN A 1 125 ? -0.051  3.061   -7.073  1.00 53.94  ? 125 GLN A CD  1 
ATOM   804  O OE1 . GLN A 1 125 ? -0.297  2.790   -8.247  1.00 62.63  ? 125 GLN A OE1 1 
ATOM   805  N NE2 . GLN A 1 125 ? 0.747   2.318   -6.325  1.00 47.47  ? 125 GLN A NE2 1 
ATOM   806  N N   . ALA A 1 126 ? 1.078   8.163   -8.190  1.00 35.99  ? 126 ALA A N   1 
ATOM   807  C CA  . ALA A 1 126 ? 1.334   9.051   -9.332  1.00 36.18  ? 126 ALA A CA  1 
ATOM   808  C C   . ALA A 1 126 ? 2.845   9.197   -9.569  1.00 38.44  ? 126 ALA A C   1 
ATOM   809  O O   . ALA A 1 126 ? 3.295   9.210   -10.723 1.00 40.30  ? 126 ALA A O   1 
ATOM   810  C CB  . ALA A 1 126 ? 0.671   10.382  -9.108  1.00 36.34  ? 126 ALA A CB  1 
ATOM   811  N N   . ALA A 1 127 ? 3.629   9.269   -8.477  1.00 36.91  ? 127 ALA A N   1 
ATOM   812  C CA  . ALA A 1 127 ? 5.079   9.487   -8.562  1.00 36.39  ? 127 ALA A CA  1 
ATOM   813  C C   . ALA A 1 127 ? 5.809   8.286   -9.168  1.00 38.20  ? 127 ALA A C   1 
ATOM   814  O O   . ALA A 1 127 ? 6.957   8.403   -9.545  1.00 38.80  ? 127 ALA A O   1 
ATOM   815  C CB  . ALA A 1 127 ? 5.652   9.818   -7.213  1.00 34.26  ? 127 ALA A CB  1 
ATOM   816  N N   . ARG A 1 128 ? 5.155   7.128   -9.277  1.00 40.69  ? 128 ARG A N   1 
ATOM   817  C CA  . ARG A 1 128 ? 5.777   5.988   -9.952  1.00 39.20  ? 128 ARG A CA  1 
ATOM   818  C C   . ARG A 1 128 ? 6.213   6.358   -11.363 1.00 39.27  ? 128 ARG A C   1 
ATOM   819  O O   . ARG A 1 128 ? 7.274   5.917   -11.820 1.00 44.81  ? 128 ARG A O   1 
ATOM   820  C CB  . ARG A 1 128 ? 4.817   4.820   -10.072 1.00 36.50  ? 128 ARG A CB  1 
ATOM   821  C CG  . ARG A 1 128 ? 4.689   4.054   -8.776  1.00 38.89  ? 128 ARG A CG  1 
ATOM   822  C CD  . ARG A 1 128 ? 3.501   3.132   -8.850  1.00 44.06  ? 128 ARG A CD  1 
ATOM   823  N NE  . ARG A 1 128 ? 3.870   1.838   -9.367  1.00 48.06  ? 128 ARG A NE  1 
ATOM   824  C CZ  . ARG A 1 128 ? 3.084   0.777   -9.308  1.00 50.71  ? 128 ARG A CZ  1 
ATOM   825  N NH1 . ARG A 1 128 ? 1.786   0.923   -9.129  1.00 47.22  ? 128 ARG A NH1 1 
ATOM   826  N NH2 . ARG A 1 128 ? 3.613   -0.426  -9.367  1.00 48.35  ? 128 ARG A NH2 1 
ATOM   827  N N   . ALA A 1 129 ? 5.398   7.155   -12.047 1.00 38.10  ? 129 ALA A N   1 
ATOM   828  C CA  . ALA A 1 129 ? 5.718   7.544   -13.431 1.00 43.41  ? 129 ALA A CA  1 
ATOM   829  C C   . ALA A 1 129 ? 7.031   8.348   -13.503 1.00 46.19  ? 129 ALA A C   1 
ATOM   830  O O   . ALA A 1 129 ? 7.709   8.280   -14.491 1.00 47.47  ? 129 ALA A O   1 
ATOM   831  C CB  . ALA A 1 129 ? 4.567   8.308   -14.047 1.00 39.78  ? 129 ALA A CB  1 
ATOM   832  N N   . THR A 1 130 ? 7.382   9.111   -12.463 1.00 47.06  ? 130 THR A N   1 
ATOM   833  C CA  . THR A 1 130 ? 8.434   10.123  -12.597 1.00 46.04  ? 130 THR A CA  1 
ATOM   834  C C   . THR A 1 130 ? 9.594   9.904   -11.608 1.00 48.24  ? 130 THR A C   1 
ATOM   835  O O   . THR A 1 130 ? 10.607  10.612  -11.670 1.00 52.51  ? 130 THR A O   1 
ATOM   836  C CB  . THR A 1 130 ? 7.817   11.518  -12.454 1.00 45.75  ? 130 THR A CB  1 
ATOM   837  O OG1 . THR A 1 130 ? 7.250   11.624  -11.152 1.00 42.68  ? 130 THR A OG1 1 
ATOM   838  C CG2 . THR A 1 130 ? 6.735   11.783  -13.472 1.00 46.30  ? 130 THR A CG2 1 
ATOM   839  N N   . SER A 1 131 ? 9.486   8.910   -10.725 1.00 41.29  ? 131 SER A N   1 
ATOM   840  C CA  . SER A 1 131 ? 10.487  8.669   -9.724  1.00 41.65  ? 131 SER A CA  1 
ATOM   841  C C   . SER A 1 131 ? 10.889  7.200   -9.733  1.00 47.00  ? 131 SER A C   1 
ATOM   842  O O   . SER A 1 131 ? 10.089  6.329   -9.326  1.00 38.44  ? 131 SER A O   1 
ATOM   843  C CB  . SER A 1 131 ? 10.030  9.048   -8.354  1.00 42.53  ? 131 SER A CB  1 
ATOM   844  O OG  . SER A 1 131 ? 10.932  8.510   -7.399  1.00 38.33  ? 131 SER A OG  1 
ATOM   845  N N   . VAL A 1 132 ? 12.140  6.960   -10.159 1.00 45.01  ? 132 VAL A N   1 
ATOM   846  C CA  . VAL A 1 132 ? 12.744  5.652   -10.164 1.00 43.97  ? 132 VAL A CA  1 
ATOM   847  C C   . VAL A 1 132 ? 12.791  5.117   -8.733  1.00 41.43  ? 132 VAL A C   1 
ATOM   848  O O   . VAL A 1 132 ? 12.666  3.934   -8.511  1.00 43.70  ? 132 VAL A O   1 
ATOM   849  C CB  . VAL A 1 132 ? 14.155  5.687   -10.782 1.00 49.10  ? 132 VAL A CB  1 
ATOM   850  C CG1 . VAL A 1 132 ? 14.919  4.388   -10.550 1.00 49.15  ? 132 VAL A CG1 1 
ATOM   851  C CG2 . VAL A 1 132 ? 14.095  6.012   -12.261 1.00 53.07  ? 132 VAL A CG2 1 
ATOM   852  N N   . GLU A 1 133 ? 13.025  5.985   -7.755  1.00 38.49  ? 133 GLU A N   1 
ATOM   853  C CA  . GLU A 1 133 ? 13.057  5.501   -6.378  1.00 38.87  ? 133 GLU A CA  1 
ATOM   854  C C   . GLU A 1 133 ? 11.640  5.078   -5.939  1.00 34.67  ? 133 GLU A C   1 
ATOM   855  O O   . GLU A 1 133 ? 11.487  4.109   -5.207  1.00 32.73  ? 133 GLU A O   1 
ATOM   856  C CB  . GLU A 1 133 ? 13.637  6.559   -5.440  1.00 41.84  ? 133 GLU A CB  1 
ATOM   857  C CG  . GLU A 1 133 ? 15.077  6.283   -5.076  1.00 48.37  ? 133 GLU A CG  1 
ATOM   858  C CD  . GLU A 1 133 ? 15.681  7.366   -4.208  1.00 56.95  ? 133 GLU A CD  1 
ATOM   859  O OE1 . GLU A 1 133 ? 15.847  8.489   -4.727  1.00 59.74  ? 133 GLU A OE1 1 
ATOM   860  O OE2 . GLU A 1 133 ? 15.944  7.094   -3.008  1.00 63.98  ? 133 GLU A OE2 1 
ATOM   861  N N   . VAL A 1 134 ? 10.611  5.838   -6.338  1.00 33.97  ? 134 VAL A N   1 
ATOM   862  C CA  . VAL A 1 134 ? 9.274   5.499   -5.912  1.00 32.64  ? 134 VAL A CA  1 
ATOM   863  C C   . VAL A 1 134 ? 8.880   4.183   -6.599  1.00 36.55  ? 134 VAL A C   1 
ATOM   864  O O   . VAL A 1 134 ? 8.371   3.293   -5.915  1.00 29.35  ? 134 VAL A O   1 
ATOM   865  C CB  . VAL A 1 134 ? 8.251   6.626   -6.132  1.00 33.82  ? 134 VAL A CB  1 
ATOM   866  C CG1 . VAL A 1 134 ? 6.814   6.112   -6.044  1.00 30.46  ? 134 VAL A CG1 1 
ATOM   867  C CG2 . VAL A 1 134 ? 8.451   7.795   -5.163  1.00 32.75  ? 134 VAL A CG2 1 
ATOM   868  N N   . ALA A 1 135 ? 9.139   4.062   -7.919  1.00 36.76  ? 135 ALA A N   1 
ATOM   869  C CA  . ALA A 1 135 ? 8.824   2.841   -8.674  1.00 33.59  ? 135 ALA A CA  1 
ATOM   870  C C   . ALA A 1 135 ? 9.553   1.643   -8.065  1.00 33.69  ? 135 ALA A C   1 
ATOM   871  O O   . ALA A 1 135 ? 8.962   0.584   -7.919  1.00 31.61  ? 135 ALA A O   1 
ATOM   872  C CB  . ALA A 1 135 ? 9.143   2.980   -10.144 1.00 35.00  ? 135 ALA A CB  1 
ATOM   873  N N   . GLU A 1 136 ? 10.835  1.778   -7.696  1.00 34.31  ? 136 GLU A N   1 
ATOM   874  C CA  . GLU A 1 136 ? 11.568  0.615   -7.150  1.00 34.17  ? 136 GLU A CA  1 
ATOM   875  C C   . GLU A 1 136 ? 11.022  0.263   -5.762  1.00 30.75  ? 136 GLU A C   1 
ATOM   876  O O   . GLU A 1 136 ? 11.009  -0.891  -5.378  1.00 30.75  ? 136 GLU A O   1 
ATOM   877  C CB  . GLU A 1 136 ? 13.088  0.848   -7.101  1.00 38.50  ? 136 GLU A CB  1 
ATOM   878  C CG  . GLU A 1 136 ? 13.689  0.972   -8.500  1.00 43.77  ? 136 GLU A CG  1 
ATOM   879  C CD  . GLU A 1 136 ? 15.209  1.125   -8.571  1.00 54.79  ? 136 GLU A CD  1 
ATOM   880  O OE1 . GLU A 1 136 ? 15.835  1.602   -7.564  1.00 45.89  ? 136 GLU A OE1 1 
ATOM   881  O OE2 . GLU A 1 136 ? 15.781  0.763   -9.643  1.00 57.48  ? 136 GLU A OE2 1 
ATOM   882  N N   . LEU A 1 137 ? 10.587  1.270   -4.998  1.00 28.89  ? 137 LEU A N   1 
ATOM   883  C CA  . LEU A 1 137 ? 10.057  1.002   -3.670  1.00 29.28  ? 137 LEU A CA  1 
ATOM   884  C C   . LEU A 1 137 ? 8.776   0.149   -3.794  1.00 27.86  ? 137 LEU A C   1 
ATOM   885  O O   . LEU A 1 137 ? 8.610   -0.892  -3.103  1.00 27.13  ? 137 LEU A O   1 
ATOM   886  C CB  . LEU A 1 137 ? 9.824   2.340   -2.957  1.00 30.12  ? 137 LEU A CB  1 
ATOM   887  C CG  . LEU A 1 137 ? 9.049   2.272   -1.649  1.00 29.61  ? 137 LEU A CG  1 
ATOM   888  C CD1 . LEU A 1 137 ? 9.696   1.319   -0.664  1.00 32.42  ? 137 LEU A CD1 1 
ATOM   889  C CD2 . LEU A 1 137 ? 8.907   3.652   -1.029  1.00 33.51  ? 137 LEU A CD2 1 
ATOM   890  N N   A TRP A 1 138 ? 7.871   0.582   -4.675  0.50 27.42  ? 138 TRP A N   1 
ATOM   891  N N   B TRP A 1 138 ? 7.866   0.565   -4.677  0.50 29.60  ? 138 TRP A N   1 
ATOM   892  C CA  A TRP A 1 138 ? 6.601   -0.125  -4.887  0.50 27.58  ? 138 TRP A CA  1 
ATOM   893  C CA  B TRP A 1 138 ? 6.597   -0.151  -4.876  0.50 31.20  ? 138 TRP A CA  1 
ATOM   894  C C   A TRP A 1 138 ? 6.894   -1.564  -5.322  0.50 25.93  ? 138 TRP A C   1 
ATOM   895  C C   B TRP A 1 138 ? 6.895   -1.592  -5.317  0.50 27.94  ? 138 TRP A C   1 
ATOM   896  O O   A TRP A 1 138 ? 6.345   -2.526  -4.773  0.50 24.97  ? 138 TRP A O   1 
ATOM   897  O O   B TRP A 1 138 ? 6.401   -2.595  -4.731  0.50 26.68  ? 138 TRP A O   1 
ATOM   898  C CB  A TRP A 1 138 ? 5.748   0.578   -5.948  0.50 27.22  ? 138 TRP A CB  1 
ATOM   899  C CB  B TRP A 1 138 ? 5.726   0.605   -5.892  0.50 33.84  ? 138 TRP A CB  1 
ATOM   900  C CG  A TRP A 1 138 ? 4.862   1.696   -5.505  0.50 27.62  ? 138 TRP A CG  1 
ATOM   901  C CG  B TRP A 1 138 ? 4.450   -0.098  -6.209  0.50 37.79  ? 138 TRP A CG  1 
ATOM   902  C CD1 A TRP A 1 138 ? 4.940   2.989   -5.924  0.50 27.33  ? 138 TRP A CD1 1 
ATOM   903  C CD1 B TRP A 1 138 ? 4.162   -0.871  -7.296  0.50 39.71  ? 138 TRP A CD1 1 
ATOM   904  C CD2 A TRP A 1 138 ? 3.702   1.627   -4.656  0.50 26.77  ? 138 TRP A CD2 1 
ATOM   905  C CD2 B TRP A 1 138 ? 3.289   -0.125  -5.377  0.50 40.28  ? 138 TRP A CD2 1 
ATOM   906  N NE1 A TRP A 1 138 ? 3.942   3.735   -5.369  0.50 27.24  ? 138 TRP A NE1 1 
ATOM   907  N NE1 B TRP A 1 138 ? 2.885   -1.350  -7.211  0.50 41.42  ? 138 TRP A NE1 1 
ATOM   908  C CE2 A TRP A 1 138 ? 3.152   2.928   -4.601  0.50 28.71  ? 138 TRP A CE2 1 
ATOM   909  C CE2 B TRP A 1 138 ? 2.328   -0.908  -6.046  0.50 38.51  ? 138 TRP A CE2 1 
ATOM   910  C CE3 A TRP A 1 138 ? 3.094   0.615   -3.915  0.50 27.68  ? 138 TRP A CE3 1 
ATOM   911  C CE3 B TRP A 1 138 ? 2.975   0.457   -4.143  0.50 42.47  ? 138 TRP A CE3 1 
ATOM   912  C CZ2 A TRP A 1 138 ? 2.012   3.229   -3.852  0.50 29.84  ? 138 TRP A CZ2 1 
ATOM   913  C CZ2 B TRP A 1 138 ? 1.077   -1.146  -5.506  0.50 41.59  ? 138 TRP A CZ2 1 
ATOM   914  C CZ3 A TRP A 1 138 ? 1.964   0.910   -3.179  0.50 27.93  ? 138 TRP A CZ3 1 
ATOM   915  C CZ3 B TRP A 1 138 ? 1.727   0.220   -3.613  0.50 43.79  ? 138 TRP A CZ3 1 
ATOM   916  C CH2 A TRP A 1 138 ? 1.435   2.198   -3.147  0.50 27.99  ? 138 TRP A CH2 1 
ATOM   917  C CH2 B TRP A 1 138 ? 0.805   -0.581  -4.292  0.50 41.90  ? 138 TRP A CH2 1 
ATOM   918  N N   . SER A 1 139 ? 7.754   -1.682  -6.338  1.00 27.69  ? 139 SER A N   1 
ATOM   919  C CA  . SER A 1 139 ? 8.157   -2.967  -6.964  1.00 27.54  ? 139 SER A CA  1 
ATOM   920  C C   . SER A 1 139 ? 8.744   -3.938  -5.933  1.00 26.79  ? 139 SER A C   1 
ATOM   921  O O   . SER A 1 139 ? 8.417   -5.121  -5.906  1.00 25.12  ? 139 SER A O   1 
ATOM   922  C CB  . SER A 1 139 ? 9.119   -2.687  -8.096  1.00 29.80  ? 139 SER A CB  1 
ATOM   923  O OG  . SER A 1 139 ? 9.707   -3.891  -8.540  1.00 33.56  ? 139 SER A OG  1 
ATOM   924  N N   . THR A 1 140 ? 9.647   -3.446  -5.083  1.00 26.31  ? 140 THR A N   1 
ATOM   925  C CA  . THR A 1 140 ? 10.254  -4.267  -4.059  1.00 25.28  ? 140 THR A CA  1 
ATOM   926  C C   . THR A 1 140 ? 9.187   -4.880  -3.146  1.00 25.32  ? 140 THR A C   1 
ATOM   927  O O   . THR A 1 140 ? 9.196   -6.078  -2.924  1.00 26.07  ? 140 THR A O   1 
ATOM   928  C CB  . THR A 1 140 ? 11.187  -3.473  -3.143  1.00 30.32  ? 140 THR A CB  1 
ATOM   929  O OG1 . THR A 1 140 ? 12.257  -3.098  -3.993  1.00 32.41  ? 140 THR A OG1 1 
ATOM   930  C CG2 . THR A 1 140 ? 11.701  -4.254  -1.958  1.00 29.39  ? 140 THR A CG2 1 
ATOM   931  N N   . PHE A 1 141 ? 8.264   -4.054  -2.633  1.00 23.96  ? 141 PHE A N   1 
ATOM   932  C CA  . PHE A 1 141 ? 7.284   -4.549  -1.701  1.00 23.35  ? 141 PHE A CA  1 
ATOM   933  C C   . PHE A 1 141 ? 6.239   -5.385  -2.413  1.00 20.87  ? 141 PHE A C   1 
ATOM   934  O O   . PHE A 1 141 ? 5.856   -6.409  -1.868  1.00 21.67  ? 141 PHE A O   1 
ATOM   935  C CB  . PHE A 1 141 ? 6.674   -3.435  -0.855  1.00 25.44  ? 141 PHE A CB  1 
ATOM   936  C CG  . PHE A 1 141 ? 7.579   -3.103  0.300   1.00 26.62  ? 141 PHE A CG  1 
ATOM   937  C CD1 . PHE A 1 141 ? 7.459   -3.775  1.506   1.00 26.55  ? 141 PHE A CD1 1 
ATOM   938  C CD2 . PHE A 1 141 ? 8.611   -2.189  0.137   1.00 26.56  ? 141 PHE A CD2 1 
ATOM   939  C CE1 . PHE A 1 141 ? 8.297   -3.465  2.564   1.00 28.73  ? 141 PHE A CE1 1 
ATOM   940  C CE2 . PHE A 1 141 ? 9.472   -1.901  1.193   1.00 30.02  ? 141 PHE A CE2 1 
ATOM   941  C CZ  . PHE A 1 141 ? 9.315   -2.544  2.397   1.00 29.86  ? 141 PHE A CZ  1 
ATOM   942  N N   . MET A 1 142 ? 5.855   -5.011  -3.637  1.00 23.22  ? 142 MET A N   1 
ATOM   943  C CA  . MET A 1 142 ? 4.882   -5.852  -4.367  1.00 23.76  ? 142 MET A CA  1 
ATOM   944  C C   . MET A 1 142 ? 5.472   -7.263  -4.556  1.00 24.65  ? 142 MET A C   1 
ATOM   945  O O   . MET A 1 142 ? 4.767   -8.302  -4.420  1.00 23.95  ? 142 MET A O   1 
ATOM   946  C CB  . MET A 1 142 ? 4.515   -5.227  -5.717  1.00 26.31  ? 142 MET A CB  1 
ATOM   947  C CG  . MET A 1 142 ? 3.623   -3.998  -5.612  1.00 33.88  ? 142 MET A CG  1 
ATOM   948  S SD  . MET A 1 142 ? 1.938   -4.414  -5.054  1.00 38.88  ? 142 MET A SD  1 
ATOM   949  C CE  . MET A 1 142 ? 1.296   -5.337  -6.455  1.00 33.77  ? 142 MET A CE  1 
ATOM   950  N N   . GLN A 1 143 ? 6.766   -7.331  -4.911  1.00 23.75  ? 143 GLN A N   1 
ATOM   951  C CA  . GLN A 1 143 ? 7.396   -8.627  -5.130  1.00 25.06  ? 143 GLN A CA  1 
ATOM   952  C C   . GLN A 1 143 ? 7.337   -9.432  -3.828  1.00 23.17  ? 143 GLN A C   1 
ATOM   953  O O   . GLN A 1 143 ? 6.979   -10.596 -3.841  1.00 19.66  ? 143 GLN A O   1 
ATOM   954  C CB  . GLN A 1 143 ? 8.838   -8.487  -5.613  1.00 28.68  ? 143 GLN A CB  1 
ATOM   955  C CG  . GLN A 1 143 ? 8.993   -7.951  -7.037  1.00 30.50  ? 143 GLN A CG  1 
ATOM   956  C CD  . GLN A 1 143 ? 10.469  -7.683  -7.294  1.00 36.85  ? 143 GLN A CD  1 
ATOM   957  O OE1 . GLN A 1 143 ? 11.317  -8.542  -7.096  1.00 38.10  ? 143 GLN A OE1 1 
ATOM   958  N NE2 . GLN A 1 143 ? 10.825  -6.457  -7.634  1.00 40.48  ? 143 GLN A NE2 1 
ATOM   959  N N   . LYS A 1 144 ? 7.626   -8.778  -2.695  1.00 22.57  ? 144 LYS A N   1 
ATOM   960  C CA  . LYS A 1 144 ? 7.607   -9.457  -1.392  1.00 25.20  ? 144 LYS A CA  1 
ATOM   961  C C   . LYS A 1 144 ? 6.206   -9.978  -1.050  1.00 22.36  ? 144 LYS A C   1 
ATOM   962  O O   . LYS A 1 144 ? 6.065   -11.087 -0.551  1.00 24.67  ? 144 LYS A O   1 
ATOM   963  C CB  . LYS A 1 144 ? 8.100   -8.500  -0.302  1.00 29.05  ? 144 LYS A CB  1 
ATOM   964  C CG  . LYS A 1 144 ? 8.234   -9.118  1.069   1.00 33.68  ? 144 LYS A CG  1 
ATOM   965  C CD  . LYS A 1 144 ? 8.898   -8.177  2.071   1.00 38.54  ? 144 LYS A CD  1 
ATOM   966  C CE  . LYS A 1 144 ? 8.920   -8.800  3.454   1.00 38.49  ? 144 LYS A CE  1 
ATOM   967  N NZ  . LYS A 1 144 ? 9.410   -7.832  4.465   1.00 43.20  ? 144 LYS A NZ  1 
ATOM   968  N N   . TRP A 1 145 ? 5.174   -9.181  -1.338  1.00 23.10  ? 145 TRP A N   1 
ATOM   969  C CA  . TRP A 1 145 ? 3.815   -9.539  -0.970  1.00 25.00  ? 145 TRP A CA  1 
ATOM   970  C C   . TRP A 1 145 ? 3.275   -10.654 -1.871  1.00 23.30  ? 145 TRP A C   1 
ATOM   971  O O   . TRP A 1 145 ? 2.525   -11.510 -1.391  1.00 20.62  ? 145 TRP A O   1 
ATOM   972  C CB  . TRP A 1 145 ? 2.918   -8.295  -0.996  1.00 24.61  ? 145 TRP A CB  1 
ATOM   973  C CG  . TRP A 1 145 ? 3.321   -7.268  0.013   1.00 25.27  ? 145 TRP A CG  1 
ATOM   974  C CD1 . TRP A 1 145 ? 3.884   -7.513  1.234   1.00 25.19  ? 145 TRP A CD1 1 
ATOM   975  C CD2 . TRP A 1 145 ? 3.179   -5.837  -0.085  1.00 24.93  ? 145 TRP A CD2 1 
ATOM   976  N NE1 . TRP A 1 145 ? 4.108   -6.335  1.888   1.00 26.34  ? 145 TRP A NE1 1 
ATOM   977  C CE2 . TRP A 1 145 ? 3.710   -5.289  1.104   1.00 24.57  ? 145 TRP A CE2 1 
ATOM   978  C CE3 . TRP A 1 145 ? 2.745   -4.955  -1.081  1.00 25.65  ? 145 TRP A CE3 1 
ATOM   979  C CZ2 . TRP A 1 145 ? 3.719   -3.913  1.360   1.00 24.33  ? 145 TRP A CZ2 1 
ATOM   980  C CZ3 . TRP A 1 145 ? 2.747   -3.598  -0.833  1.00 24.04  ? 145 TRP A CZ3 1 
ATOM   981  C CH2 . TRP A 1 145 ? 3.251   -3.084  0.364   1.00 24.53  ? 145 TRP A CH2 1 
ATOM   982  N N   . ILE A 1 146 ? 3.615   -10.593 -3.165  1.00 21.05  ? 146 ILE A N   1 
ATOM   983  C CA  . ILE A 1 146 ? 3.279   -11.699 -4.099  1.00 22.31  ? 146 ILE A CA  1 
ATOM   984  C C   . ILE A 1 146 ? 3.977   -12.999 -3.641  1.00 22.30  ? 146 ILE A C   1 
ATOM   985  O O   . ILE A 1 146 ? 3.380   -14.032 -3.643  1.00 22.43  ? 146 ILE A O   1 
ATOM   986  C CB  . ILE A 1 146 ? 3.677   -11.308 -5.536  1.00 22.50  ? 146 ILE A CB  1 
ATOM   987  C CG1 . ILE A 1 146 ? 2.701   -10.283 -6.101  1.00 21.93  ? 146 ILE A CG1 1 
ATOM   988  C CG2 . ILE A 1 146 ? 3.816   -12.517 -6.445  1.00 23.43  ? 146 ILE A CG2 1 
ATOM   989  C CD1 . ILE A 1 146 ? 3.207   -9.502  -7.276  1.00 23.41  ? 146 ILE A CD1 1 
ATOM   990  N N   . ALA A 1 147 ? 5.269   -12.927 -3.291  1.00 23.57  ? 147 ALA A N   1 
ATOM   991  C CA  . ALA A 1 147 ? 6.005   -14.131 -2.862  1.00 24.80  ? 147 ALA A CA  1 
ATOM   992  C C   . ALA A 1 147 ? 5.332   -14.708 -1.614  1.00 24.68  ? 147 ALA A C   1 
ATOM   993  O O   . ALA A 1 147 ? 5.111   -15.904 -1.555  1.00 24.26  ? 147 ALA A O   1 
ATOM   994  C CB  . ALA A 1 147 ? 7.475   -13.829 -2.624  1.00 24.74  ? 147 ALA A CB  1 
ATOM   995  N N   . TYR A 1 148 ? 4.934   -13.839 -0.669  1.00 24.95  ? 148 TYR A N   1 
ATOM   996  C CA  . TYR A 1 148 ? 4.194   -14.338 0.532   1.00 27.30  ? 148 TYR A CA  1 
ATOM   997  C C   . TYR A 1 148 ? 2.850   -14.980 0.125   1.00 24.67  ? 148 TYR A C   1 
ATOM   998  O O   . TYR A 1 148 ? 2.493   -16.058 0.599   1.00 20.63  ? 148 TYR A O   1 
ATOM   999  C CB  . TYR A 1 148 ? 4.001   -13.252 1.591   1.00 27.15  ? 148 TYR A CB  1 
ATOM   1000 C CG  . TYR A 1 148 ? 3.289   -13.760 2.812   1.00 28.84  ? 148 TYR A CG  1 
ATOM   1001 C CD1 . TYR A 1 148 ? 3.887   -14.655 3.677   1.00 32.24  ? 148 TYR A CD1 1 
ATOM   1002 C CD2 . TYR A 1 148 ? 1.978   -13.406 3.076   1.00 34.55  ? 148 TYR A CD2 1 
ATOM   1003 C CE1 . TYR A 1 148 ? 3.218   -15.173 4.769   1.00 29.33  ? 148 TYR A CE1 1 
ATOM   1004 C CE2 . TYR A 1 148 ? 1.290   -13.914 4.169   1.00 34.46  ? 148 TYR A CE2 1 
ATOM   1005 C CZ  . TYR A 1 148 ? 1.911   -14.801 5.022   1.00 34.28  ? 148 TYR A CZ  1 
ATOM   1006 O OH  . TYR A 1 148 ? 1.213   -15.302 6.091   1.00 36.03  ? 148 TYR A OH  1 
ATOM   1007 N N   . THR A 1 149 ? 2.113   -14.336 -0.780  1.00 22.95  ? 149 THR A N   1 
ATOM   1008 C CA  . THR A 1 149 ? 0.820   -14.840 -1.235  1.00 22.67  ? 149 THR A CA  1 
ATOM   1009 C C   . THR A 1 149 ? 1.012   -16.236 -1.843  1.00 23.47  ? 149 THR A C   1 
ATOM   1010 O O   . THR A 1 149 ? 0.247   -17.159 -1.560  1.00 24.81  ? 149 THR A O   1 
ATOM   1011 C CB  . THR A 1 149 ? 0.174   -13.926 -2.287  1.00 22.35  ? 149 THR A CB  1 
ATOM   1012 O OG1 . THR A 1 149 ? -0.049  -12.632 -1.723  1.00 23.26  ? 149 THR A OG1 1 
ATOM   1013 C CG2 . THR A 1 149 ? -1.118  -14.488 -2.851  1.00 22.26  ? 149 THR A CG2 1 
ATOM   1014 N N   . ALA A 1 150 ? 2.035   -16.364 -2.694  1.00 23.86  ? 150 ALA A N   1 
ATOM   1015 C CA  . ALA A 1 150 ? 2.308   -17.644 -3.347  1.00 25.83  ? 150 ALA A CA  1 
ATOM   1016 C C   . ALA A 1 150 ? 2.610   -18.717 -2.289  1.00 23.33  ? 150 ALA A C   1 
ATOM   1017 O O   . ALA A 1 150 ? 2.168   -19.840 -2.475  1.00 24.50  ? 150 ALA A O   1 
ATOM   1018 C CB  . ALA A 1 150 ? 3.440   -17.497 -4.332  1.00 26.59  ? 150 ALA A CB  1 
ATOM   1019 N N   . ALA A 1 151 ? 3.421   -18.383 -1.266  1.00 24.02  ? 151 ALA A N   1 
ATOM   1020 C CA  . ALA A 1 151 ? 3.824   -19.359 -0.202  1.00 27.83  ? 151 ALA A CA  1 
ATOM   1021 C C   . ALA A 1 151 ? 2.590   -19.875 0.529   1.00 26.21  ? 151 ALA A C   1 
ATOM   1022 O O   . ALA A 1 151 ? 2.450   -21.071 0.802   1.00 31.28  ? 151 ALA A O   1 
ATOM   1023 C CB  . ALA A 1 151 ? 4.808   -18.757 0.781   1.00 30.76  ? 151 ALA A CB  1 
ATOM   1024 N N   . VAL A 1 152 ? 1.640   -18.968 0.810   1.00 25.95  ? 152 VAL A N   1 
ATOM   1025 C CA  . VAL A 1 152 ? 0.419   -19.381 1.465   1.00 23.73  ? 152 VAL A CA  1 
ATOM   1026 C C   . VAL A 1 152 ? -0.401  -20.285 0.529   1.00 26.36  ? 152 VAL A C   1 
ATOM   1027 O O   . VAL A 1 152 ? -0.915  -21.279 0.952   1.00 27.52  ? 152 VAL A O   1 
ATOM   1028 C CB  . VAL A 1 152 ? -0.386  -18.154 1.934   1.00 25.75  ? 152 VAL A CB  1 
ATOM   1029 C CG1 . VAL A 1 152 ? -1.715  -18.566 2.498   1.00 25.14  ? 152 VAL A CG1 1 
ATOM   1030 C CG2 . VAL A 1 152 ? 0.396   -17.288 2.929   1.00 25.89  ? 152 VAL A CG2 1 
ATOM   1031 N N   . ILE A 1 153 ? -0.588  -19.895 -0.737  1.00 26.52  ? 153 ILE A N   1 
ATOM   1032 C CA  . ILE A 1 153 ? -1.341  -20.752 -1.657  1.00 27.06  ? 153 ILE A CA  1 
ATOM   1033 C C   . ILE A 1 153 ? -0.694  -22.149 -1.741  1.00 29.23  ? 153 ILE A C   1 
ATOM   1034 O O   . ILE A 1 153 ? -1.410  -23.140 -1.777  1.00 28.20  ? 153 ILE A O   1 
ATOM   1035 C CB  . ILE A 1 153 ? -1.459  -20.093 -3.043  1.00 26.35  ? 153 ILE A CB  1 
ATOM   1036 C CG1 . ILE A 1 153 ? -2.323  -18.819 -3.013  1.00 26.36  ? 153 ILE A CG1 1 
ATOM   1037 C CG2 . ILE A 1 153 ? -1.990  -21.099 -4.060  1.00 26.01  ? 153 ILE A CG2 1 
ATOM   1038 C CD1 . ILE A 1 153 ? -2.201  -17.955 -4.268  1.00 26.49  ? 153 ILE A CD1 1 
ATOM   1039 N N   . ASP A 1 154 ? 0.645   -22.211 -1.856  1.00 28.23  ? 154 ASP A N   1 
ATOM   1040 C CA  . ASP A 1 154 ? 1.374   -23.501 -1.904  1.00 30.76  ? 154 ASP A CA  1 
ATOM   1041 C C   . ASP A 1 154 ? 1.116   -24.309 -0.620  1.00 31.82  ? 154 ASP A C   1 
ATOM   1042 O O   . ASP A 1 154 ? 0.842   -25.506 -0.699  1.00 31.37  ? 154 ASP A O   1 
ATOM   1043 C CB  . ASP A 1 154 ? 2.865   -23.294 -2.159  1.00 32.73  ? 154 ASP A CB  1 
ATOM   1044 C CG  . ASP A 1 154 ? 3.221   -23.036 -3.613  1.00 32.81  ? 154 ASP A CG  1 
ATOM   1045 O OD1 . ASP A 1 154 ? 2.519   -23.556 -4.501  1.00 34.04  ? 154 ASP A OD1 1 
ATOM   1046 O OD2 . ASP A 1 154 ? 4.204   -22.307 -3.842  1.00 37.74  ? 154 ASP A OD2 1 
ATOM   1047 N N   . ALA A 1 155 ? 1.199   -23.650 0.540   1.00 32.99  ? 155 ALA A N   1 
ATOM   1048 C CA  . ALA A 1 155 ? 0.876   -24.303 1.837   1.00 35.63  ? 155 ALA A CA  1 
ATOM   1049 C C   . ALA A 1 155 ? -0.518  -24.921 1.775   1.00 35.28  ? 155 ALA A C   1 
ATOM   1050 O O   . ALA A 1 155 ? -0.696  -26.041 2.151   1.00 39.41  ? 155 ALA A O   1 
ATOM   1051 C CB  . ALA A 1 155 ? 0.962   -23.331 2.984   1.00 34.56  ? 155 ALA A CB  1 
ATOM   1052 N N   . GLU A 1 156 ? -1.491  -24.173 1.261   1.00 36.25  ? 156 GLU A N   1 
ATOM   1053 C CA  . GLU A 1 156 ? -2.865  -24.641 1.180   1.00 34.26  ? 156 GLU A CA  1 
ATOM   1054 C C   . GLU A 1 156 ? -2.993  -25.836 0.230   1.00 36.24  ? 156 GLU A C   1 
ATOM   1055 O O   . GLU A 1 156 ? -3.846  -26.715 0.427   1.00 35.06  ? 156 GLU A O   1 
ATOM   1056 C CB  . GLU A 1 156 ? -3.803  -23.534 0.690   1.00 32.12  ? 156 GLU A CB  1 
ATOM   1057 C CG  . GLU A 1 156 ? -4.078  -22.448 1.692   1.00 32.14  ? 156 GLU A CG  1 
ATOM   1058 C CD  . GLU A 1 156 ? -4.825  -22.941 2.924   1.00 34.15  ? 156 GLU A CD  1 
ATOM   1059 O OE1 . GLU A 1 156 ? -6.045  -22.869 2.940   1.00 30.02  ? 156 GLU A OE1 1 
ATOM   1060 O OE2 . GLU A 1 156 ? -4.165  -23.399 3.859   1.00 37.12  ? 156 GLU A OE2 1 
ATOM   1061 N N   . ARG A 1 157 ? -2.219  -25.818 -0.855  1.00 36.21  ? 157 ARG A N   1 
ATOM   1062 C CA  . ARG A 1 157 ? -2.252  -26.916 -1.819  1.00 36.19  ? 157 ARG A CA  1 
ATOM   1063 C C   . ARG A 1 157 ? -1.602  -28.166 -1.187  1.00 34.46  ? 157 ARG A C   1 
ATOM   1064 O O   . ARG A 1 157 ? -2.138  -29.253 -1.317  1.00 33.11  ? 157 ARG A O   1 
ATOM   1065 C CB  . ARG A 1 157 ? -1.547  -26.521 -3.118  1.00 34.73  ? 157 ARG A CB  1 
ATOM   1066 C CG  . ARG A 1 157 ? -2.248  -25.423 -3.905  1.00 31.79  ? 157 ARG A CG  1 
ATOM   1067 C CD  . ARG A 1 157 ? -1.481  -25.026 -5.168  1.00 32.15  ? 157 ARG A CD  1 
ATOM   1068 N NE  . ARG A 1 157 ? -2.300  -24.154 -5.977  1.00 29.86  ? 157 ARG A NE  1 
ATOM   1069 C CZ  . ARG A 1 157 ? -1.982  -23.668 -7.172  1.00 31.15  ? 157 ARG A CZ  1 
ATOM   1070 N NH1 . ARG A 1 157 ? -0.813  -23.938 -7.723  1.00 29.36  ? 157 ARG A NH1 1 
ATOM   1071 N NH2 . ARG A 1 157 ? -2.838  -22.880 -7.804  1.00 26.08  ? 157 ARG A NH2 1 
ATOM   1072 N N   . ASP A 1 158 ? -0.465  -27.994 -0.509  1.00 35.55  ? 158 ASP A N   1 
ATOM   1073 C CA  . ASP A 1 158 ? 0.235   -29.110 0.207   1.00 42.96  ? 158 ASP A CA  1 
ATOM   1074 C C   . ASP A 1 158 ? -0.683  -29.745 1.258   1.00 40.73  ? 158 ASP A C   1 
ATOM   1075 O O   . ASP A 1 158 ? -0.650  -30.943 1.413   1.00 45.71  ? 158 ASP A O   1 
ATOM   1076 C CB  . ASP A 1 158 ? 1.558   -28.654 0.819   1.00 40.44  ? 158 ASP A CB  1 
ATOM   1077 C CG  . ASP A 1 158 ? 2.538   -28.245 -0.264  1.00 46.61  ? 158 ASP A CG  1 
ATOM   1078 O OD1 . ASP A 1 158 ? 2.265   -28.568 -1.456  1.00 47.22  ? 158 ASP A OD1 1 
ATOM   1079 O OD2 . ASP A 1 158 ? 3.531   -27.555 0.072   1.00 46.67  ? 158 ASP A OD2 1 
ATOM   1080 N N   . ARG A 1 159 ? -1.522  -28.946 1.921   1.00 41.63  ? 159 ARG A N   1 
ATOM   1081 C CA  . ARG A 1 159 ? -2.507  -29.428 2.918   1.00 42.76  ? 159 ARG A CA  1 
ATOM   1082 C C   . ARG A 1 159 ? -3.638  -30.186 2.220   1.00 40.06  ? 159 ARG A C   1 
ATOM   1083 O O   . ARG A 1 159 ? -4.362  -30.911 2.842   1.00 39.23  ? 159 ARG A O   1 
ATOM   1084 C CB  . ARG A 1 159 ? -3.142  -28.265 3.689   1.00 50.77  ? 159 ARG A CB  1 
ATOM   1085 C CG  . ARG A 1 159 ? -2.314  -27.698 4.835   1.00 57.47  ? 159 ARG A CG  1 
ATOM   1086 C CD  . ARG A 1 159 ? -2.911  -26.391 5.357   1.00 60.90  ? 159 ARG A CD  1 
ATOM   1087 N NE  . ARG A 1 159 ? -4.365  -26.430 5.593   1.00 64.53  ? 159 ARG A NE  1 
ATOM   1088 C CZ  . ARG A 1 159 ? -5.297  -25.804 4.859   1.00 63.14  ? 159 ARG A CZ  1 
ATOM   1089 N NH1 . ARG A 1 159 ? -4.955  -25.202 3.735   1.00 64.92  ? 159 ARG A NH1 1 
ATOM   1090 N NH2 . ARG A 1 159 ? -6.567  -25.789 5.234   1.00 54.00  ? 159 ARG A NH2 1 
ATOM   1091 N N   . GLY A 1 160 ? -3.820  -29.976 0.918   1.00 33.43  ? 160 GLY A N   1 
ATOM   1092 C CA  . GLY A 1 160 ? -4.905  -30.593 0.208   1.00 32.61  ? 160 GLY A CA  1 
ATOM   1093 C C   . GLY A 1 160 ? -6.189  -29.797 0.309   1.00 33.06  ? 160 GLY A C   1 
ATOM   1094 O O   . GLY A 1 160 ? -7.207  -30.258 -0.142  1.00 36.88  ? 160 GLY A O   1 
ATOM   1095 N N   . ALA A 1 161 ? -6.114  -28.567 0.838   1.00 35.53  ? 161 ALA A N   1 
ATOM   1096 C CA  . ALA A 1 161 ? -7.250  -27.642 0.899   1.00 38.44  ? 161 ALA A CA  1 
ATOM   1097 C C   . ALA A 1 161 ? -7.467  -26.895 -0.434  1.00 39.51  ? 161 ALA A C   1 
ATOM   1098 O O   . ALA A 1 161 ? -8.579  -26.547 -0.730  1.00 39.24  ? 161 ALA A O   1 
ATOM   1099 C CB  . ALA A 1 161 ? -7.042  -26.670 2.027   1.00 40.74  ? 161 ALA A CB  1 
ATOM   1100 N N   . ALA A 1 162 ? -6.418  -26.650 -1.231  1.00 34.22  ? 162 ALA A N   1 
ATOM   1101 C CA  . ALA A 1 162 ? -6.585  -25.959 -2.533  1.00 34.99  ? 162 ALA A CA  1 
ATOM   1102 C C   . ALA A 1 162 ? -6.055  -26.832 -3.658  1.00 31.76  ? 162 ALA A C   1 
ATOM   1103 O O   . ALA A 1 162 ? -5.025  -27.462 -3.503  1.00 31.44  ? 162 ALA A O   1 
ATOM   1104 C CB  . ALA A 1 162 ? -5.890  -24.630 -2.551  1.00 29.80  ? 162 ALA A CB  1 
ATOM   1105 N N   . PRO A 1 163 ? -6.744  -26.875 -4.811  1.00 30.64  ? 163 PRO A N   1 
ATOM   1106 C CA  . PRO A 1 163 ? -6.357  -27.748 -5.904  1.00 33.69  ? 163 PRO A CA  1 
ATOM   1107 C C   . PRO A 1 163 ? -5.225  -27.082 -6.673  1.00 34.48  ? 163 PRO A C   1 
ATOM   1108 O O   . PRO A 1 163 ? -5.063  -25.859 -6.638  1.00 36.90  ? 163 PRO A O   1 
ATOM   1109 C CB  . PRO A 1 163 ? -7.604  -27.827 -6.791  1.00 31.75  ? 163 PRO A CB  1 
ATOM   1110 C CG  . PRO A 1 163 ? -8.217  -26.442 -6.593  1.00 35.26  ? 163 PRO A CG  1 
ATOM   1111 C CD  . PRO A 1 163 ? -7.952  -26.106 -5.127  1.00 31.20  ? 163 PRO A CD  1 
ATOM   1112 N N   . ARG A 1 164 ? -4.480  -27.899 -7.399  1.00 33.29  ? 164 ARG A N   1 
ATOM   1113 C CA  . ARG A 1 164 ? -3.372  -27.404 -8.090  1.00 40.41  ? 164 ARG A CA  1 
ATOM   1114 C C   . ARG A 1 164 ? -3.775  -26.975 -9.512  1.00 39.98  ? 164 ARG A C   1 
ATOM   1115 O O   . ARG A 1 164 ? -3.850  -27.787 -10.408 1.00 33.05  ? 164 ARG A O   1 
ATOM   1116 C CB  . ARG A 1 164 ? -2.305  -28.485 -8.027  1.00 47.64  ? 164 ARG A CB  1 
ATOM   1117 C CG  . ARG A 1 164 ? -0.985  -27.928 -8.506  1.00 62.31  ? 164 ARG A CG  1 
ATOM   1118 C CD  . ARG A 1 164 ? 0.029   -29.007 -8.744  1.00 72.60  ? 164 ARG A CD  1 
ATOM   1119 N NE  . ARG A 1 164 ? 0.131   -29.343 -10.166 1.00 83.02  ? 164 ARG A NE  1 
ATOM   1120 C CZ  . ARG A 1 164 ? -0.222  -28.542 -11.209 1.00 431.46 ? 164 ARG A CZ  1 
ATOM   1121 N NH1 . ARG A 1 164 ? 0.628   -27.680 -11.787 1.00 102.03 ? 164 ARG A NH1 1 
ATOM   1122 N NH2 . ARG A 1 164 ? -1.474  -28.605 -11.650 1.00 76.17  ? 164 ARG A NH2 1 
ATOM   1123 N N   . THR A 1 165 ? -3.945  -25.669 -9.723  1.00 32.75  ? 165 THR A N   1 
ATOM   1124 C CA  . THR A 1 165 ? -4.507  -25.161 -10.936 1.00 29.24  ? 165 THR A CA  1 
ATOM   1125 C C   . THR A 1 165 ? -3.376  -24.374 -11.585 1.00 28.97  ? 165 THR A C   1 
ATOM   1126 O O   . THR A 1 165 ? -2.420  -24.938 -11.962 1.00 27.71  ? 165 THR A O   1 
ATOM   1127 C CB  . THR A 1 165 ? -5.789  -24.370 -10.644 1.00 27.85  ? 165 THR A CB  1 
ATOM   1128 O OG1 . THR A 1 165 ? -5.520  -23.435 -9.588  1.00 27.76  ? 165 THR A OG1 1 
ATOM   1129 C CG2 . THR A 1 165 ? -6.949  -25.258 -10.233 1.00 28.00  ? 165 THR A CG2 1 
ATOM   1130 N N   . LEU A 1 166 ? -3.439  -23.052 -11.528 1.00 29.47  ? 166 LEU A N   1 
ATOM   1131 C CA  . LEU A 1 166 ? -2.431  -22.210 -12.102 1.00 30.76  ? 166 LEU A CA  1 
ATOM   1132 C C   . LEU A 1 166 ? -1.163  -22.322 -11.276 1.00 27.26  ? 166 LEU A C   1 
ATOM   1133 O O   . LEU A 1 166 ? -1.231  -22.574 -10.092 1.00 29.78  ? 166 LEU A O   1 
ATOM   1134 C CB  . LEU A 1 166 ? -2.882  -20.748 -12.017 1.00 30.14  ? 166 LEU A CB  1 
ATOM   1135 C CG  . LEU A 1 166 ? -4.073  -20.304 -12.844 1.00 32.89  ? 166 LEU A CG  1 
ATOM   1136 C CD1 . LEU A 1 166 ? -4.204  -18.797 -12.716 1.00 29.47  ? 166 LEU A CD1 1 
ATOM   1137 C CD2 . LEU A 1 166 ? -3.928  -20.727 -14.307 1.00 33.33  ? 166 LEU A CD2 1 
ATOM   1138 N N   . PRO A 1 167 ? 0.009   -22.022 -11.849 1.00 28.30  ? 167 PRO A N   1 
ATOM   1139 C CA  . PRO A 1 167 ? 1.182   -21.708 -11.045 1.00 29.40  ? 167 PRO A CA  1 
ATOM   1140 C C   . PRO A 1 167 ? 0.816   -20.670 -9.981  1.00 28.39  ? 167 PRO A C   1 
ATOM   1141 O O   . PRO A 1 167 ? 0.205   -19.649 -10.297 1.00 28.57  ? 167 PRO A O   1 
ATOM   1142 C CB  . PRO A 1 167 ? 2.178   -21.136 -12.056 1.00 27.53  ? 167 PRO A CB  1 
ATOM   1143 C CG  . PRO A 1 167 ? 1.809   -21.866 -13.356 1.00 30.06  ? 167 PRO A CG  1 
ATOM   1144 C CD  . PRO A 1 167 ? 0.301   -22.034 -13.285 1.00 28.85  ? 167 PRO A CD  1 
ATOM   1145 N N   . ALA A 1 168 ? 1.216   -20.966 -8.753  1.00 26.31  ? 168 ALA A N   1 
ATOM   1146 C CA  . ALA A 1 168 ? 0.837   -20.233 -7.607  1.00 26.36  ? 168 ALA A CA  1 
ATOM   1147 C C   . ALA A 1 168 ? 1.364   -18.806 -7.709  1.00 24.52  ? 168 ALA A C   1 
ATOM   1148 O O   . ALA A 1 168 ? 0.672   -17.873 -7.326  1.00 24.12  ? 168 ALA A O   1 
ATOM   1149 C CB  . ALA A 1 168 ? 1.358   -20.910 -6.364  1.00 25.71  ? 168 ALA A CB  1 
ATOM   1150 N N   . HIS A 1 169 ? 2.565   -18.635 -8.250  1.00 22.43  ? 169 HIS A N   1 
ATOM   1151 C CA  . HIS A 1 169 ? 3.187   -17.317 -8.251  1.00 23.85  ? 169 HIS A CA  1 
ATOM   1152 C C   . HIS A 1 169 ? 2.483   -16.415 -9.284  1.00 24.71  ? 169 HIS A C   1 
ATOM   1153 O O   . HIS A 1 169 ? 2.320   -15.199 -9.070  1.00 23.04  ? 169 HIS A O   1 
ATOM   1154 C CB  . HIS A 1 169 ? 4.714   -17.441 -8.425  1.00 23.23  ? 169 HIS A CB  1 
ATOM   1155 C CG  . HIS A 1 169 ? 5.453   -16.150 -8.326  1.00 20.67  ? 169 HIS A CG  1 
ATOM   1156 N ND1 . HIS A 1 169 ? 5.996   -15.711 -7.130  1.00 22.13  ? 169 HIS A ND1 1 
ATOM   1157 C CD2 . HIS A 1 169 ? 5.701   -15.187 -9.244  1.00 20.52  ? 169 HIS A CD2 1 
ATOM   1158 C CE1 . HIS A 1 169 ? 6.593   -14.558 -7.308  1.00 21.60  ? 169 HIS A CE1 1 
ATOM   1159 N NE2 . HIS A 1 169 ? 6.421   -14.199 -8.622  1.00 21.89  ? 169 HIS A NE2 1 
ATOM   1160 N N   . GLU A 1 170 ? 2.080   -17.008 -10.416 1.00 24.26  ? 170 GLU A N   1 
ATOM   1161 C CA  . GLU A 1 170 ? 1.345   -16.292 -11.453 1.00 24.08  ? 170 GLU A CA  1 
ATOM   1162 C C   . GLU A 1 170 ? -0.038  -15.863 -10.924 1.00 22.81  ? 170 GLU A C   1 
ATOM   1163 O O   . GLU A 1 170 ? -0.430  -14.735 -11.095 1.00 20.60  ? 170 GLU A O   1 
ATOM   1164 C CB  . GLU A 1 170 ? 1.216   -17.166 -12.706 1.00 25.37  ? 170 GLU A CB  1 
ATOM   1165 C CG  . GLU A 1 170 ? 2.566   -17.389 -13.383 1.00 28.77  ? 170 GLU A CG  1 
ATOM   1166 C CD  . GLU A 1 170 ? 2.658   -18.343 -14.568 1.00 29.28  ? 170 GLU A CD  1 
ATOM   1167 O OE1 . GLU A 1 170 ? 1.596   -18.812 -15.078 1.00 29.18  ? 170 GLU A OE1 1 
ATOM   1168 O OE2 . GLU A 1 170 ? 3.823   -18.655 -14.947 1.00 32.09  ? 170 GLU A OE2 1 
ATOM   1169 N N   . LEU A 1 171 ? -0.757  -16.789 -10.293 1.00 20.92  ? 171 LEU A N   1 
ATOM   1170 C CA  . LEU A 1 171 ? -2.039  -16.498 -9.661  1.00 21.71  ? 171 LEU A CA  1 
ATOM   1171 C C   . LEU A 1 171 ? -1.852  -15.361 -8.649  1.00 20.91  ? 171 LEU A C   1 
ATOM   1172 O O   . LEU A 1 171 ? -2.632  -14.428 -8.620  1.00 19.52  ? 171 LEU A O   1 
ATOM   1173 C CB  . LEU A 1 171 ? -2.573  -17.785 -8.999  1.00 21.64  ? 171 LEU A CB  1 
ATOM   1174 C CG  . LEU A 1 171 ? -3.841  -17.650 -8.141  1.00 22.15  ? 171 LEU A CG  1 
ATOM   1175 C CD1 . LEU A 1 171 ? -5.009  -17.012 -8.900  1.00 23.28  ? 171 LEU A CD1 1 
ATOM   1176 C CD2 . LEU A 1 171 ? -4.254  -18.997 -7.574  1.00 23.80  ? 171 LEU A CD2 1 
ATOM   1177 N N   . ALA A 1 172 ? -0.848  -15.490 -7.776  1.00 21.64  ? 172 ALA A N   1 
ATOM   1178 C CA  . ALA A 1 172 ? -0.570  -14.453 -6.745  1.00 22.97  ? 172 ALA A CA  1 
ATOM   1179 C C   . ALA A 1 172 ? -0.296  -13.085 -7.393  1.00 21.30  ? 172 ALA A C   1 
ATOM   1180 O O   . ALA A 1 172 ? -0.725  -12.027 -6.873  1.00 20.01  ? 172 ALA A O   1 
ATOM   1181 C CB  . ALA A 1 172 ? 0.578   -14.849 -5.863  1.00 22.39  ? 172 ALA A CB  1 
ATOM   1182 N N   . THR A 1 173 ? 0.476   -13.095 -8.482  1.00 20.73  ? 173 THR A N   1 
ATOM   1183 C CA  . THR A 1 173 ? 0.788   -11.858 -9.172  1.00 21.78  ? 173 THR A CA  1 
ATOM   1184 C C   . THR A 1 173 ? -0.512  -11.145 -9.570  1.00 20.55  ? 173 THR A C   1 
ATOM   1185 O O   . THR A 1 173 ? -0.665  -9.973  -9.234  1.00 18.81  ? 173 THR A O   1 
ATOM   1186 C CB  . THR A 1 173 ? 1.759   -12.068 -10.345 1.00 24.11  ? 173 THR A CB  1 
ATOM   1187 O OG1 . THR A 1 173 ? 2.953   -12.622 -9.776  1.00 24.15  ? 173 THR A OG1 1 
ATOM   1188 C CG2 . THR A 1 173 ? 2.057   -10.777 -11.085 1.00 22.83  ? 173 THR A CG2 1 
ATOM   1189 N N   . ALA A 1 174 ? -1.421  -11.851 -10.253 1.00 19.52  ? 174 ALA A N   1 
ATOM   1190 C CA  . ALA A 1 174 ? -2.625  -11.255 -10.771 1.00 19.73  ? 174 ALA A CA  1 
ATOM   1191 C C   . ALA A 1 174 ? -3.542  -10.755 -9.649  1.00 19.69  ? 174 ALA A C   1 
ATOM   1192 O O   . ALA A 1 174 ? -4.102  -9.666  -9.767  1.00 19.37  ? 174 ALA A O   1 
ATOM   1193 C CB  . ALA A 1 174 ? -3.348  -12.226 -11.664 1.00 19.29  ? 174 ALA A CB  1 
ATOM   1194 N N   . LEU A 1 175 ? -3.698  -11.555 -8.574  1.00 19.05  ? 175 LEU A N   1 
ATOM   1195 C CA  . LEU A 1 175 ? -4.513  -11.199 -7.449  1.00 19.43  ? 175 LEU A CA  1 
ATOM   1196 C C   . LEU A 1 175 ? -3.953  -9.945  -6.763  1.00 21.17  ? 175 LEU A C   1 
ATOM   1197 O O   . LEU A 1 175 ? -4.730  -9.091  -6.357  1.00 20.35  ? 175 LEU A O   1 
ATOM   1198 C CB  . LEU A 1 175 ? -4.618  -12.389 -6.468  1.00 19.18  ? 175 LEU A CB  1 
ATOM   1199 C CG  . LEU A 1 175 ? -5.442  -13.581 -7.002  1.00 19.56  ? 175 LEU A CG  1 
ATOM   1200 C CD1 . LEU A 1 175 ? -5.487  -14.719 -5.985  1.00 20.61  ? 175 LEU A CD1 1 
ATOM   1201 C CD2 . LEU A 1 175 ? -6.861  -13.176 -7.375  1.00 19.95  ? 175 LEU A CD2 1 
ATOM   1202 N N   . ASN A 1 176 ? -2.622  -9.844  -6.633  1.00 18.42  ? 176 ASN A N   1 
ATOM   1203 C CA  . ASN A 1 176 ? -2.014  -8.700  -5.995  1.00 19.02  ? 176 ASN A CA  1 
ATOM   1204 C C   . ASN A 1 176 ? -2.184  -7.461  -6.893  1.00 21.15  ? 176 ASN A C   1 
ATOM   1205 O O   . ASN A 1 176 ? -2.380  -6.369  -6.379  1.00 23.37  ? 176 ASN A O   1 
ATOM   1206 C CB  . ASN A 1 176 ? -0.540  -8.970  -5.591  1.00 18.41  ? 176 ASN A CB  1 
ATOM   1207 C CG  . ASN A 1 176 ? -0.384  -9.638  -4.228  1.00 18.23  ? 176 ASN A CG  1 
ATOM   1208 O OD1 . ASN A 1 176 ? -0.097  -8.980  -3.231  1.00 18.60  ? 176 ASN A OD1 1 
ATOM   1209 N ND2 . ASN A 1 176 ? -0.617  -10.930 -4.145  1.00 18.08  ? 176 ASN A ND2 1 
ATOM   1210 N N   . LEU A 1 177 ? -2.102  -7.621  -8.221  1.00 19.73  ? 177 LEU A N   1 
ATOM   1211 C CA  . LEU A 1 177 ? -2.242  -6.461  -9.128  1.00 20.78  ? 177 LEU A CA  1 
ATOM   1212 C C   . LEU A 1 177 ? -3.710  -5.982  -9.144  1.00 19.46  ? 177 LEU A C   1 
ATOM   1213 O O   . LEU A 1 177 ? -3.967  -4.786  -9.164  1.00 18.14  ? 177 LEU A O   1 
ATOM   1214 C CB  . LEU A 1 177 ? -1.723  -6.824  -10.524 1.00 19.84  ? 177 LEU A CB  1 
ATOM   1215 C CG  . LEU A 1 177 ? -0.202  -6.985  -10.660 1.00 21.44  ? 177 LEU A CG  1 
ATOM   1216 C CD1 . LEU A 1 177 ? 0.178   -7.348  -12.092 1.00 21.65  ? 177 LEU A CD1 1 
ATOM   1217 C CD2 . LEU A 1 177 ? 0.538   -5.727  -10.264 1.00 21.85  ? 177 LEU A CD2 1 
ATOM   1218 N N   . MET A 1 178 ? -4.655  -6.927  -9.104  1.00 19.55  ? 178 MET A N   1 
ATOM   1219 C CA  . MET A 1 178 ? -6.048  -6.642  -8.919  1.00 20.52  ? 178 MET A CA  1 
ATOM   1220 C C   . MET A 1 178 ? -6.243  -5.789  -7.677  1.00 22.03  ? 178 MET A C   1 
ATOM   1221 O O   . MET A 1 178 ? -6.942  -4.796  -7.761  1.00 22.75  ? 178 MET A O   1 
ATOM   1222 C CB  . MET A 1 178 ? -6.919  -7.883  -8.738  1.00 21.44  ? 178 MET A CB  1 
ATOM   1223 C CG  . MET A 1 178 ? -8.365  -7.535  -8.360  1.00 21.34  ? 178 MET A CG  1 
ATOM   1224 S SD  . MET A 1 178 ? -9.447  -8.994  -8.445  1.00 23.38  ? 178 MET A SD  1 
ATOM   1225 C CE  . MET A 1 178 ? -8.883  -9.903  -7.012  1.00 23.78  ? 178 MET A CE  1 
ATOM   1226 N N   . ASN A 1 179 ? -5.710  -6.237  -6.534  1.00 22.04  ? 179 ASN A N   1 
ATOM   1227 C CA  . ASN A 1 179 ? -5.923  -5.533  -5.291  1.00 22.84  ? 179 ASN A CA  1 
ATOM   1228 C C   . ASN A 1 179 ? -5.394  -4.095  -5.416  1.00 22.45  ? 179 ASN A C   1 
ATOM   1229 O O   . ASN A 1 179 ? -6.108  -3.153  -5.052  1.00 20.53  ? 179 ASN A O   1 
ATOM   1230 C CB  . ASN A 1 179 ? -5.347  -6.277  -4.096  1.00 21.55  ? 179 ASN A CB  1 
ATOM   1231 C CG  . ASN A 1 179 ? -6.221  -7.441  -3.695  1.00 23.08  ? 179 ASN A CG  1 
ATOM   1232 O OD1 . ASN A 1 179 ? -7.107  -7.848  -4.455  1.00 21.40  ? 179 ASN A OD1 1 
ATOM   1233 N ND2 . ASN A 1 179 ? -5.981  -7.972  -2.504  1.00 21.31  ? 179 ASN A ND2 1 
ATOM   1234 N N   . GLU A 1 180 ? -4.185  -3.930  -5.961  1.00 20.30  ? 180 GLU A N   1 
ATOM   1235 C CA  . GLU A 1 180 ? -3.592  -2.592  -6.122  1.00 23.00  ? 180 GLU A CA  1 
ATOM   1236 C C   . GLU A 1 180 ? -4.544  -1.654  -6.901  1.00 23.27  ? 180 GLU A C   1 
ATOM   1237 O O   . GLU A 1 180 ? -4.941  -0.579  -6.414  1.00 22.15  ? 180 GLU A O   1 
ATOM   1238 C CB  . GLU A 1 180 ? -2.248  -2.679  -6.844  1.00 25.01  ? 180 GLU A CB  1 
ATOM   1239 C CG  . GLU A 1 180 ? -1.611  -1.326  -7.093  1.00 26.23  ? 180 GLU A CG  1 
ATOM   1240 C CD  . GLU A 1 180 ? -0.449  -1.379  -8.063  1.00 29.60  ? 180 GLU A CD  1 
ATOM   1241 O OE1 . GLU A 1 180 ? 0.442   -2.170  -7.872  1.00 33.32  ? 180 GLU A OE1 1 
ATOM   1242 O OE2 . GLU A 1 180 ? -0.520  -0.713  -9.068  1.00 38.16  ? 180 GLU A OE2 1 
ATOM   1243 N N   . ARG A 1 181 ? -4.935  -2.064  -8.105  1.00 23.13  ? 181 ARG A N   1 
ATOM   1244 C CA  . ARG A 1 181 ? -5.696  -1.209  -8.985  1.00 22.59  ? 181 ARG A CA  1 
ATOM   1245 C C   . ARG A 1 181 ? -7.103  -0.954  -8.425  1.00 22.79  ? 181 ARG A C   1 
ATOM   1246 O O   . ARG A 1 181 ? -7.627  0.149   -8.542  1.00 23.66  ? 181 ARG A O   1 
ATOM   1247 C CB  . ARG A 1 181 ? -5.834  -1.835  -10.363 1.00 24.14  ? 181 ARG A CB  1 
ATOM   1248 C CG  . ARG A 1 181 ? -6.433  -0.894  -11.390 1.00 29.24  ? 181 ARG A CG  1 
ATOM   1249 C CD  . ARG A 1 181 ? -5.570  0.299   -11.734 1.00 27.14  ? 181 ARG A CD  1 
ATOM   1250 N NE  . ARG A 1 181 ? -6.291  1.071   -12.719 1.00 34.56  ? 181 ARG A NE  1 
ATOM   1251 C CZ  . ARG A 1 181 ? -7.112  2.106   -12.462 1.00 32.59  ? 181 ARG A CZ  1 
ATOM   1252 N NH1 . ARG A 1 181 ? -7.127  2.670   -11.274 1.00 29.37  ? 181 ARG A NH1 1 
ATOM   1253 N NH2 . ARG A 1 181 ? -7.889  2.572   -13.423 1.00 31.04  ? 181 ARG A NH2 1 
ATOM   1254 N N   . THR A 1 182 ? -7.732  -1.995  -7.883  1.00 20.47  ? 182 THR A N   1 
ATOM   1255 C CA  . THR A 1 182 ? -9.100  -1.935  -7.393  1.00 22.39  ? 182 THR A CA  1 
ATOM   1256 C C   . THR A 1 182 ? -9.168  -1.102  -6.084  1.00 23.14  ? 182 THR A C   1 
ATOM   1257 O O   . THR A 1 182 ? -9.997  -0.214  -5.973  1.00 22.20  ? 182 THR A O   1 
ATOM   1258 C CB  . THR A 1 182 ? -9.655  -3.352  -7.188  1.00 24.23  ? 182 THR A CB  1 
ATOM   1259 O OG1 . THR A 1 182 ? -9.545  -4.097  -8.405  1.00 23.68  ? 182 THR A OG1 1 
ATOM   1260 C CG2 . THR A 1 182 ? -11.095 -3.305  -6.714  1.00 26.95  ? 182 THR A CG2 1 
ATOM   1261 N N   . LEU A 1 183 ? -8.305  -1.397  -5.089  1.00 21.91  ? 183 LEU A N   1 
ATOM   1262 C CA  . LEU A 1 183 ? -8.267  -0.626  -3.873  1.00 24.67  ? 183 LEU A CA  1 
ATOM   1263 C C   . LEU A 1 183 ? -7.986  0.840   -4.198  1.00 24.77  ? 183 LEU A C   1 
ATOM   1264 O O   . LEU A 1 183 ? -8.707  1.702   -3.732  1.00 24.73  ? 183 LEU A O   1 
ATOM   1265 C CB  . LEU A 1 183 ? -7.238  -1.166  -2.879  1.00 28.37  ? 183 LEU A CB  1 
ATOM   1266 C CG  . LEU A 1 183 ? -7.658  -2.415  -2.105  1.00 30.20  ? 183 LEU A CG  1 
ATOM   1267 C CD1 . LEU A 1 183 ? -6.501  -2.906  -1.260  1.00 30.69  ? 183 LEU A CD1 1 
ATOM   1268 C CD2 . LEU A 1 183 ? -8.886  -2.177  -1.242  1.00 31.14  ? 183 LEU A CD2 1 
ATOM   1269 N N   . PHE A 1 184 ? -6.984  1.116   -5.026  1.00 24.84  ? 184 PHE A N   1 
ATOM   1270 C CA  . PHE A 1 184 ? -6.580  2.525   -5.287  1.00 28.47  ? 184 PHE A CA  1 
ATOM   1271 C C   . PHE A 1 184 ? -7.691  3.264   -6.070  1.00 25.54  ? 184 PHE A C   1 
ATOM   1272 O O   . PHE A 1 184 ? -7.978  4.427   -5.814  1.00 24.83  ? 184 PHE A O   1 
ATOM   1273 C CB  . PHE A 1 184 ? -5.156  2.555   -5.868  1.00 29.85  ? 184 PHE A CB  1 
ATOM   1274 C CG  . PHE A 1 184 ? -4.091  2.050   -4.904  1.00 36.84  ? 184 PHE A CG  1 
ATOM   1275 C CD1 . PHE A 1 184 ? -4.368  1.783   -3.556  1.00 40.48  ? 184 PHE A CD1 1 
ATOM   1276 C CD2 . PHE A 1 184 ? -2.790  1.840   -5.335  1.00 39.50  ? 184 PHE A CD2 1 
ATOM   1277 C CE1 . PHE A 1 184 ? -3.390  1.291   -2.697  1.00 37.92  ? 184 PHE A CE1 1 
ATOM   1278 C CE2 . PHE A 1 184 ? -1.806  1.388   -4.466  1.00 34.54  ? 184 PHE A CE2 1 
ATOM   1279 C CZ  . PHE A 1 184 ? -2.108  1.105   -3.153  1.00 36.25  ? 184 PHE A CZ  1 
ATOM   1280 N N   . ALA A 1 185 ? -8.382  2.574   -6.976  1.00 25.33  ? 185 ALA A N   1 
ATOM   1281 C CA  . ALA A 1 185 ? -9.516  3.166   -7.692  1.00 27.40  ? 185 ALA A CA  1 
ATOM   1282 C C   . ALA A 1 185 ? -10.632 3.567   -6.707  1.00 25.41  ? 185 ALA A C   1 
ATOM   1283 O O   . ALA A 1 185 ? -11.167 4.676   -6.797  1.00 23.74  ? 185 ALA A O   1 
ATOM   1284 C CB  . ALA A 1 185 ? -10.029 2.189   -8.712  1.00 28.14  ? 185 ALA A CB  1 
ATOM   1285 N N   . SER A 1 186 ? -11.002 2.653   -5.800  1.00 22.89  ? 186 SER A N   1 
ATOM   1286 C CA  . SER A 1 186 ? -11.957 2.913   -4.741  1.00 24.85  ? 186 SER A CA  1 
ATOM   1287 C C   . SER A 1 186 ? -11.516 4.119   -3.912  1.00 26.88  ? 186 SER A C   1 
ATOM   1288 O O   . SER A 1 186 ? -12.326 5.036   -3.699  1.00 25.82  ? 186 SER A O   1 
ATOM   1289 C CB  . SER A 1 186 ? -12.171 1.712   -3.830  1.00 26.89  ? 186 SER A CB  1 
ATOM   1290 O OG  . SER A 1 186 ? -12.704 0.623   -4.576  1.00 31.74  ? 186 SER A OG  1 
ATOM   1291 N N   . PHE A 1 187 ? -10.267 4.116   -3.445  1.00 22.76  ? 187 PHE A N   1 
ATOM   1292 C CA  . PHE A 1 187 ? -9.865  5.108   -2.498  1.00 26.22  ? 187 PHE A CA  1 
ATOM   1293 C C   . PHE A 1 187 ? -9.934  6.464   -3.179  1.00 29.11  ? 187 PHE A C   1 
ATOM   1294 O O   . PHE A 1 187 ? -10.341 7.389   -2.543  1.00 32.12  ? 187 PHE A O   1 
ATOM   1295 C CB  . PHE A 1 187 ? -8.451  4.929   -1.947  1.00 25.05  ? 187 PHE A CB  1 
ATOM   1296 C CG  . PHE A 1 187 ? -8.246  3.738   -1.052  1.00 25.12  ? 187 PHE A CG  1 
ATOM   1297 C CD1 . PHE A 1 187 ? -9.282  3.237   -0.286  1.00 27.05  ? 187 PHE A CD1 1 
ATOM   1298 C CD2 . PHE A 1 187 ? -7.012  3.112   -1.002  1.00 25.24  ? 187 PHE A CD2 1 
ATOM   1299 C CE1 . PHE A 1 187 ? -9.080  2.139   0.540   1.00 28.56  ? 187 PHE A CE1 1 
ATOM   1300 C CE2 . PHE A 1 187 ? -6.811  2.018   -0.177  1.00 26.41  ? 187 PHE A CE2 1 
ATOM   1301 C CZ  . PHE A 1 187 ? -7.852  1.527   0.582   1.00 28.71  ? 187 PHE A CZ  1 
ATOM   1302 N N   . ALA A 1 188 ? -9.563  6.549   -4.460  1.00 30.14  ? 188 ALA A N   1 
ATOM   1303 C CA  . ALA A 1 188 ? -9.570  7.835   -5.184  1.00 31.10  ? 188 ALA A CA  1 
ATOM   1304 C C   . ALA A 1 188 ? -10.972 8.204   -5.681  1.00 31.67  ? 188 ALA A C   1 
ATOM   1305 O O   . ALA A 1 188 ? -11.120 9.201   -6.326  1.00 32.46  ? 188 ALA A O   1 
ATOM   1306 C CB  . ALA A 1 188 ? -8.584  7.796   -6.343  1.00 32.97  ? 188 ALA A CB  1 
ATOM   1307 N N   . GLY A 1 189 ? -11.987 7.373   -5.429  1.00 29.73  ? 189 GLY A N   1 
ATOM   1308 C CA  . GLY A 1 189 ? -13.289 7.556   -6.026  1.00 30.38  ? 189 GLY A CA  1 
ATOM   1309 C C   . GLY A 1 189 ? -13.242 7.715   -7.547  1.00 34.02  ? 189 GLY A C   1 
ATOM   1310 O O   . GLY A 1 189 ? -14.001 8.515   -8.109  1.00 32.36  ? 189 GLY A O   1 
ATOM   1311 N N   . GLU A 1 190 ? -12.450 6.888   -8.236  1.00 29.13  ? 190 GLU A N   1 
ATOM   1312 C CA  . GLU A 1 190 ? -12.382 6.888   -9.700  1.00 29.80  ? 190 GLU A CA  1 
ATOM   1313 C C   . GLU A 1 190 ? -13.692 6.414   -10.313 1.00 29.28  ? 190 GLU A C   1 
ATOM   1314 O O   . GLU A 1 190 ? -14.439 5.663   -9.725  1.00 24.14  ? 190 GLU A O   1 
ATOM   1315 C CB  . GLU A 1 190 ? -11.332 5.919   -10.242 1.00 31.52  ? 190 GLU A CB  1 
ATOM   1316 C CG  . GLU A 1 190 ? -9.951  6.493   -10.190 1.00 35.57  ? 190 GLU A CG  1 
ATOM   1317 C CD  . GLU A 1 190 ? -8.877  5.525   -10.637 1.00 35.72  ? 190 GLU A CD  1 
ATOM   1318 O OE1 . GLU A 1 190 ? -9.188  4.634   -11.478 1.00 32.88  ? 190 GLU A OE1 1 
ATOM   1319 O OE2 . GLU A 1 190 ? -7.747  5.680   -10.124 1.00 42.95  ? 190 GLU A OE2 1 
ATOM   1320 N N   . GLN A 1 191 ? -13.870 6.765   -11.583 1.00 31.77  ? 191 GLN A N   1 
ATOM   1321 C CA  . GLN A 1 191 ? -14.983 6.260   -12.348 1.00 35.22  ? 191 GLN A CA  1 
ATOM   1322 C C   . GLN A 1 191 ? -14.382 5.498   -13.523 1.00 34.86  ? 191 GLN A C   1 
ATOM   1323 O O   . GLN A 1 191 ? -13.762 6.097   -14.411 1.00 33.83  ? 191 GLN A O   1 
ATOM   1324 C CB  . GLN A 1 191 ? -15.922 7.402   -12.743 1.00 43.27  ? 191 GLN A CB  1 
ATOM   1325 C CG  . GLN A 1 191 ? -17.147 6.918   -13.508 1.00 56.75  ? 191 GLN A CG  1 
ATOM   1326 C CD  . GLN A 1 191 ? -18.427 7.623   -13.140 1.00 64.08  ? 191 GLN A CD  1 
ATOM   1327 O OE1 . GLN A 1 191 ? -19.092 8.210   -13.991 1.00 75.34  ? 191 GLN A OE1 1 
ATOM   1328 N NE2 . GLN A 1 191 ? -18.797 7.533   -11.871 1.00 65.02  ? 191 GLN A NE2 1 
ATOM   1329 N N   . PRO A 1 192 ? -14.525 4.172   -13.517 1.00 31.57  ? 192 PRO A N   1 
ATOM   1330 C CA  . PRO A 1 192 ? -15.284 3.388   -12.552 1.00 27.78  ? 192 PRO A CA  1 
ATOM   1331 C C   . PRO A 1 192 ? -14.494 2.882   -11.327 1.00 23.26  ? 192 PRO A C   1 
ATOM   1332 O O   . PRO A 1 192 ? -13.264 2.752   -11.361 1.00 24.45  ? 192 PRO A O   1 
ATOM   1333 C CB  . PRO A 1 192 ? -15.621 2.163   -13.404 1.00 30.48  ? 192 PRO A CB  1 
ATOM   1334 C CG  . PRO A 1 192 ? -14.344 1.922   -14.196 1.00 32.84  ? 192 PRO A CG  1 
ATOM   1335 C CD  . PRO A 1 192 ? -13.782 3.304   -14.459 1.00 32.72  ? 192 PRO A CD  1 
ATOM   1336 N N   . SER A 1 193 ? -15.212 2.477   -10.282 1.00 21.50  ? 193 SER A N   1 
ATOM   1337 C CA  . SER A 1 193 ? -14.616 1.844   -9.128  1.00 21.70  ? 193 SER A CA  1 
ATOM   1338 C C   . SER A 1 193 ? -15.692 1.131   -8.317  1.00 24.13  ? 193 SER A C   1 
ATOM   1339 O O   . SER A 1 193 ? -16.839 1.430   -8.451  1.00 25.73  ? 193 SER A O   1 
ATOM   1340 C CB  . SER A 1 193 ? -13.876 2.856   -8.269  1.00 21.60  ? 193 SER A CB  1 
ATOM   1341 O OG  . SER A 1 193 ? -14.780 3.841   -7.842  1.00 20.43  ? 193 SER A OG  1 
ATOM   1342 N N   . VAL A 1 194 ? -15.278 0.159   -7.509  1.00 23.11  ? 194 VAL A N   1 
ATOM   1343 C CA  . VAL A 1 194 ? -16.131 -0.462  -6.532  1.00 24.25  ? 194 VAL A CA  1 
ATOM   1344 C C   . VAL A 1 194 ? -16.277 0.530   -5.385  1.00 26.54  ? 194 VAL A C   1 
ATOM   1345 O O   . VAL A 1 194 ? -15.292 1.095   -4.912  1.00 23.69  ? 194 VAL A O   1 
ATOM   1346 C CB  . VAL A 1 194 ? -15.547 -1.808  -6.070  1.00 23.71  ? 194 VAL A CB  1 
ATOM   1347 C CG1 . VAL A 1 194 ? -16.321 -2.427  -4.935  1.00 23.88  ? 194 VAL A CG1 1 
ATOM   1348 C CG2 . VAL A 1 194 ? -15.432 -2.790  -7.218  1.00 28.35  ? 194 VAL A CG2 1 
ATOM   1349 N N   . PRO A 1 195 C -17.495 0.739   -4.842  1.00 25.30  ? 195 PRO A N   1 
ATOM   1350 C CA  . PRO A 1 195 C -17.635 1.565   -3.651  1.00 23.50  ? 195 PRO A CA  1 
ATOM   1351 C C   . PRO A 1 195 C -16.731 1.002   -2.546  1.00 23.82  ? 195 PRO A C   1 
ATOM   1352 O O   . PRO A 1 195 C -16.623 -0.209  -2.401  1.00 21.61  ? 195 PRO A O   1 
ATOM   1353 C CB  . PRO A 1 195 C -19.105 1.397   -3.268  1.00 25.81  ? 195 PRO A CB  1 
ATOM   1354 C CG  . PRO A 1 195 C -19.760 1.019   -4.571  1.00 26.63  ? 195 PRO A CG  1 
ATOM   1355 C CD  . PRO A 1 195 C -18.760 0.101   -5.238  1.00 25.50  ? 195 PRO A CD  1 
ATOM   1356 N N   . GLU A 1 196 ? -16.138 1.905   -1.761  1.00 23.15  ? 196 GLU A N   1 
ATOM   1357 C CA  . GLU A 1 196 ? -15.174 1.594   -0.793  1.00 21.83  ? 196 GLU A CA  1 
ATOM   1358 C C   . GLU A 1 196 ? -15.773 0.640   0.244   1.00 22.98  ? 196 GLU A C   1 
ATOM   1359 O O   . GLU A 1 196 ? -15.073 -0.219  0.779   1.00 22.99  ? 196 GLU A O   1 
ATOM   1360 C CB  . GLU A 1 196 ? -14.676 2.894   -0.160  1.00 23.61  ? 196 GLU A CB  1 
ATOM   1361 C CG  . GLU A 1 196 ? -13.617 2.656   0.877   1.00 30.82  ? 196 GLU A CG  1 
ATOM   1362 C CD  . GLU A 1 196 ? -12.857 3.883   1.363   1.00 35.56  ? 196 GLU A CD  1 
ATOM   1363 O OE1 . GLU A 1 196 ? -12.956 4.941   0.740   1.00 42.61  ? 196 GLU A OE1 1 
ATOM   1364 O OE2 . GLU A 1 196 ? -12.115 3.741   2.327   1.00 39.37  ? 196 GLU A OE2 1 
ATOM   1365 N N   . ALA A 1 197 ? -17.063 0.808   0.537   1.00 21.81  ? 197 ALA A N   1 
ATOM   1366 C CA  . ALA A 1 197 ? -17.768 -0.055  1.484   1.00 24.03  ? 197 ALA A CA  1 
ATOM   1367 C C   . ALA A 1 197 ? -18.022 -1.457  0.902   1.00 23.31  ? 197 ALA A C   1 
ATOM   1368 O O   . ALA A 1 197 ? -18.406 -2.311  1.658   1.00 24.46  ? 197 ALA A O   1 
ATOM   1369 C CB  . ALA A 1 197 ? -19.069 0.606   1.907   1.00 25.62  ? 197 ALA A CB  1 
ATOM   1370 N N   . ARG A 1 198 ? -17.794 -1.685  -0.400  1.00 19.97  ? 198 ARG A N   1 
ATOM   1371 C CA  . ARG A 1 198 ? -18.001 -3.051  -1.023  1.00 22.29  ? 198 ARG A CA  1 
ATOM   1372 C C   . ARG A 1 198 ? -16.680 -3.719  -1.469  1.00 22.84  ? 198 ARG A C   1 
ATOM   1373 O O   . ARG A 1 198 ? -16.672 -4.877  -1.824  1.00 23.35  ? 198 ARG A O   1 
ATOM   1374 C CB  . ARG A 1 198 ? -18.955 -2.947  -2.212  1.00 22.79  ? 198 ARG A CB  1 
ATOM   1375 C CG  . ARG A 1 198 ? -20.377 -2.562  -1.813  1.00 26.56  ? 198 ARG A CG  1 
ATOM   1376 C CD  . ARG A 1 198 ? -21.171 -3.662  -1.115  1.00 26.91  ? 198 ARG A CD  1 
ATOM   1377 N NE  . ARG A 1 198 ? -21.181 -4.944  -1.825  1.00 29.39  ? 198 ARG A NE  1 
ATOM   1378 C CZ  . ARG A 1 198 ? -20.890 -6.108  -1.229  1.00 31.95  ? 198 ARG A CZ  1 
ATOM   1379 N NH1 . ARG A 1 198 ? -20.942 -6.171  0.088   1.00 31.50  ? 198 ARG A NH1 1 
ATOM   1380 N NH2 . ARG A 1 198 ? -20.487 -7.173  -1.906  1.00 27.21  ? 198 ARG A NH2 1 
ATOM   1381 N N   . VAL A 1 199 ? -15.556 -3.016  -1.357  1.00 21.94  ? 199 VAL A N   1 
ATOM   1382 C CA  . VAL A 1 199 ? -14.361 -3.431  -2.062  1.00 23.32  ? 199 VAL A CA  1 
ATOM   1383 C C   . VAL A 1 199 ? -13.723 -4.647  -1.370  1.00 23.31  ? 199 VAL A C   1 
ATOM   1384 O O   . VAL A 1 199 ? -13.359 -5.627  -2.027  1.00 22.96  ? 199 VAL A O   1 
ATOM   1385 C CB  . VAL A 1 199 ? -13.414 -2.240  -2.294  1.00 25.49  ? 199 VAL A CB  1 
ATOM   1386 C CG1 . VAL A 1 199 ? -12.703 -1.789  -1.035  1.00 27.60  ? 199 VAL A CG1 1 
ATOM   1387 C CG2 . VAL A 1 199 ? -12.404 -2.579  -3.383  1.00 26.40  ? 199 VAL A CG2 1 
ATOM   1388 N N   . LEU A 1 200 ? -13.705 -4.652  -0.032  1.00 23.50  ? 200 LEU A N   1 
ATOM   1389 C CA  . LEU A 1 200 ? -13.160 -5.776  0.710   1.00 24.25  ? 200 LEU A CA  1 
ATOM   1390 C C   . LEU A 1 200 ? -13.849 -7.088  0.338   1.00 24.95  ? 200 LEU A C   1 
ATOM   1391 O O   . LEU A 1 200 ? -13.164 -8.024  -0.049  1.00 24.11  ? 200 LEU A O   1 
ATOM   1392 C CB  . LEU A 1 200 ? -13.241 -5.525  2.209   1.00 26.40  ? 200 LEU A CB  1 
ATOM   1393 C CG  . LEU A 1 200 ? -12.411 -6.468  3.057   1.00 27.35  ? 200 LEU A CG  1 
ATOM   1394 C CD1 . LEU A 1 200 ? -10.969 -6.536  2.555   1.00 27.75  ? 200 LEU A CD1 1 
ATOM   1395 C CD2 . LEU A 1 200 ? -12.461 -6.034  4.519   1.00 31.16  ? 200 LEU A CD2 1 
ATOM   1396 N N   . ASP A 1 201 ? -15.178 -7.160  0.455   1.00 23.01  ? 201 ASP A N   1 
ATOM   1397 C CA  . ASP A 1 201 ? -15.909 -8.388  0.130   1.00 25.78  ? 201 ASP A CA  1 
ATOM   1398 C C   . ASP A 1 201 ? -15.698 -8.758  -1.341  1.00 23.61  ? 201 ASP A C   1 
ATOM   1399 O O   . ASP A 1 201 ? -15.689 -9.939  -1.670  1.00 22.04  ? 201 ASP A O   1 
ATOM   1400 C CB  . ASP A 1 201 ? -17.424 -8.283  0.341   1.00 30.68  ? 201 ASP A CB  1 
ATOM   1401 C CG  . ASP A 1 201 ? -17.914 -8.207  1.783   1.00 33.36  ? 201 ASP A CG  1 
ATOM   1402 O OD1 . ASP A 1 201 ? -17.175 -8.628  2.674   1.00 28.46  ? 201 ASP A OD1 1 
ATOM   1403 O OD2 . ASP A 1 201 ? -19.067 -7.744  1.977   1.00 36.73  ? 201 ASP A OD2 1 
ATOM   1404 N N   . THR A 1 202 ? -15.566 -7.745  -2.217  1.00 23.11  ? 202 THR A N   1 
ATOM   1405 C CA  . THR A 1 202 ? -15.423 -7.984  -3.628  1.00 21.23  ? 202 THR A CA  1 
ATOM   1406 C C   . THR A 1 202 ? -14.117 -8.751  -3.854  1.00 21.38  ? 202 THR A C   1 
ATOM   1407 O O   . THR A 1 202 ? -14.124 -9.803  -4.478  1.00 21.08  ? 202 THR A O   1 
ATOM   1408 C CB  . THR A 1 202 ? -15.493 -6.663  -4.409  1.00 26.57  ? 202 THR A CB  1 
ATOM   1409 O OG1 . THR A 1 202 ? -16.806 -6.145  -4.186  1.00 25.99  ? 202 THR A OG1 1 
ATOM   1410 C CG2 . THR A 1 202 ? -15.212 -6.849  -5.889  1.00 27.75  ? 202 THR A CG2 1 
ATOM   1411 N N   . LEU A 1 203 ? -13.014 -8.259  -3.249  1.00 20.50  ? 203 LEU A N   1 
ATOM   1412 C CA  . LEU A 1 203 ? -11.694 -8.850  -3.415  1.00 20.75  ? 203 LEU A CA  1 
ATOM   1413 C C   . LEU A 1 203 ? -11.630 -10.229 -2.728  1.00 20.83  ? 203 LEU A C   1 
ATOM   1414 O O   . LEU A 1 203 ? -11.124 -11.176 -3.332  1.00 22.98  ? 203 LEU A O   1 
ATOM   1415 C CB  . LEU A 1 203 ? -10.619 -7.869  -2.949  1.00 20.65  ? 203 LEU A CB  1 
ATOM   1416 C CG  . LEU A 1 203 ? -10.582 -6.547  -3.725  1.00 20.73  ? 203 LEU A CG  1 
ATOM   1417 C CD1 . LEU A 1 203 ? -9.656  -5.560  -3.064  1.00 23.99  ? 203 LEU A CD1 1 
ATOM   1418 C CD2 . LEU A 1 203 ? -10.190 -6.737  -5.179  1.00 22.18  ? 203 LEU A CD2 1 
ATOM   1419 N N   . VAL A 1 204 ? -12.223 -10.396 -1.544  1.00 20.59  ? 204 VAL A N   1 
ATOM   1420 C CA  . VAL A 1 204 ? -12.136 -11.660 -0.858  1.00 19.39  ? 204 VAL A CA  1 
ATOM   1421 C C   . VAL A 1 204 ? -12.825 -12.768 -1.686  1.00 20.42  ? 204 VAL A C   1 
ATOM   1422 O O   . VAL A 1 204 ? -12.260 -13.857 -1.884  1.00 22.70  ? 204 VAL A O   1 
ATOM   1423 C CB  . VAL A 1 204 ? -12.684 -11.543 0.568   1.00 19.93  ? 204 VAL A CB  1 
ATOM   1424 C CG1 . VAL A 1 204 ? -12.922 -12.878 1.223   1.00 20.94  ? 204 VAL A CG1 1 
ATOM   1425 C CG2 . VAL A 1 204 ? -11.767 -10.691 1.433   1.00 19.70  ? 204 VAL A CG2 1 
ATOM   1426 N N   . HIS A 1 205 ? -14.005 -12.487 -2.226  1.00 20.51  ? 205 HIS A N   1 
ATOM   1427 C CA  . HIS A 1 205 ? -14.728 -13.462 -3.055  1.00 21.62  ? 205 HIS A CA  1 
ATOM   1428 C C   . HIS A 1 205 ? -13.854 -13.969 -4.216  1.00 23.31  ? 205 HIS A C   1 
ATOM   1429 O O   . HIS A 1 205 ? -13.825 -15.174 -4.481  1.00 24.53  ? 205 HIS A O   1 
ATOM   1430 C CB  . HIS A 1 205 ? -15.989 -12.851 -3.632  1.00 21.27  ? 205 HIS A CB  1 
ATOM   1431 C CG  . HIS A 1 205 ? -16.652 -13.721 -4.653  1.00 21.34  ? 205 HIS A CG  1 
ATOM   1432 N ND1 . HIS A 1 205 ? -16.445 -13.571 -6.021  1.00 22.86  ? 205 HIS A ND1 1 
ATOM   1433 C CD2 . HIS A 1 205 ? -17.470 -14.782 -4.510  1.00 21.35  ? 205 HIS A CD2 1 
ATOM   1434 C CE1 . HIS A 1 205 ? -17.162 -14.486 -6.673  1.00 19.37  ? 205 HIS A CE1 1 
ATOM   1435 N NE2 . HIS A 1 205 ? -17.822 -15.221 -5.758  1.00 24.02  ? 205 HIS A NE2 1 
ATOM   1436 N N   . ILE A 1 206 ? -13.215 -13.023 -4.929  1.00 22.14  ? 206 ILE A N   1 
ATOM   1437 C CA  . ILE A 1 206 ? -12.382 -13.325 -6.108  1.00 23.89  ? 206 ILE A CA  1 
ATOM   1438 C C   . ILE A 1 206 ? -11.106 -14.061 -5.665  1.00 22.97  ? 206 ILE A C   1 
ATOM   1439 O O   . ILE A 1 206 ? -10.737 -14.994 -6.311  1.00 23.85  ? 206 ILE A O   1 
ATOM   1440 C CB  . ILE A 1 206 ? -12.039 -12.076 -6.953  1.00 21.13  ? 206 ILE A CB  1 
ATOM   1441 C CG1 . ILE A 1 206 ? -13.274 -11.416 -7.539  1.00 20.68  ? 206 ILE A CG1 1 
ATOM   1442 C CG2 . ILE A 1 206 ? -11.083 -12.462 -8.067  1.00 21.84  ? 206 ILE A CG2 1 
ATOM   1443 C CD1 . ILE A 1 206 ? -12.973 -10.079 -8.215  1.00 22.49  ? 206 ILE A CD1 1 
ATOM   1444 N N   . TRP A 1 207 ? -10.471 -13.647 -4.556  1.00 22.48  ? 207 TRP A N   1 
ATOM   1445 C CA  . TRP A 1 207 ? -9.337  -14.426 -3.984  1.00 22.58  ? 207 TRP A CA  1 
ATOM   1446 C C   . TRP A 1 207 ? -9.737  -15.878 -3.681  1.00 22.76  ? 207 TRP A C   1 
ATOM   1447 O O   . TRP A 1 207 ? -9.106  -16.822 -4.200  1.00 19.62  ? 207 TRP A O   1 
ATOM   1448 C CB  . TRP A 1 207 ? -8.748  -13.738 -2.760  1.00 22.28  ? 207 TRP A CB  1 
ATOM   1449 C CG  . TRP A 1 207 ? -7.789  -12.647 -3.128  1.00 20.60  ? 207 TRP A CG  1 
ATOM   1450 C CD1 . TRP A 1 207 ? -8.036  -11.559 -3.912  1.00 21.98  ? 207 TRP A CD1 1 
ATOM   1451 C CD2 . TRP A 1 207 ? -6.414  -12.548 -2.727  1.00 22.43  ? 207 TRP A CD2 1 
ATOM   1452 N NE1 . TRP A 1 207 ? -6.929  -10.761 -3.979  1.00 23.15  ? 207 TRP A NE1 1 
ATOM   1453 C CE2 . TRP A 1 207 ? -5.905  -11.360 -3.292  1.00 22.35  ? 207 TRP A CE2 1 
ATOM   1454 C CE3 . TRP A 1 207 ? -5.577  -13.330 -1.924  1.00 22.07  ? 207 TRP A CE3 1 
ATOM   1455 C CZ2 . TRP A 1 207 ? -4.580  -10.956 -3.105  1.00 23.81  ? 207 TRP A CZ2 1 
ATOM   1456 C CZ3 . TRP A 1 207 ? -4.262  -12.942 -1.758  1.00 23.63  ? 207 TRP A CZ3 1 
ATOM   1457 C CH2 . TRP A 1 207 ? -3.772  -11.769 -2.337  1.00 23.42  ? 207 TRP A CH2 1 
ATOM   1458 N N   . VAL A 1 208 ? -10.792 -16.046 -2.886  1.00 21.35  ? 208 VAL A N   1 
ATOM   1459 C CA  . VAL A 1 208 ? -11.192 -17.335 -2.388  1.00 24.70  ? 208 VAL A CA  1 
ATOM   1460 C C   . VAL A 1 208 ? -11.649 -18.245 -3.551  1.00 24.36  ? 208 VAL A C   1 
ATOM   1461 O O   . VAL A 1 208 ? -11.252 -19.388 -3.632  1.00 22.19  ? 208 VAL A O   1 
ATOM   1462 C CB  . VAL A 1 208 ? -12.286 -17.208 -1.303  1.00 27.74  ? 208 VAL A CB  1 
ATOM   1463 C CG1 . VAL A 1 208 ? -12.935 -18.565 -1.009  1.00 32.94  ? 208 VAL A CG1 1 
ATOM   1464 C CG2 . VAL A 1 208 ? -11.727 -16.598 -0.027  1.00 28.71  ? 208 VAL A CG2 1 
ATOM   1465 N N   . THR A 1 209 ? -12.466 -17.739 -4.468  1.00 23.44  ? 209 THR A N   1 
ATOM   1466 C CA  . THR A 1 209 ? -12.923 -18.591 -5.548  1.00 25.74  ? 209 THR A CA  1 
ATOM   1467 C C   . THR A 1 209 ? -11.741 -18.973 -6.447  1.00 24.71  ? 209 THR A C   1 
ATOM   1468 O O   . THR A 1 209 ? -11.711 -20.074 -6.939  1.00 22.25  ? 209 THR A O   1 
ATOM   1469 C CB  . THR A 1 209 ? -14.031 -17.945 -6.387  1.00 27.88  ? 209 THR A CB  1 
ATOM   1470 O OG1 . THR A 1 209 ? -13.629 -16.634 -6.821  1.00 28.52  ? 209 THR A OG1 1 
ATOM   1471 C CG2 . THR A 1 209 ? -15.344 -17.911 -5.632  1.00 26.31  ? 209 THR A CG2 1 
ATOM   1472 N N   . SER A 1 210 ? -10.761 -18.066 -6.640  1.00 22.72  ? 210 SER A N   1 
ATOM   1473 C CA  . SER A 1 210 ? -9.720  -18.346 -7.639  1.00 22.71  ? 210 SER A CA  1 
ATOM   1474 C C   . SER A 1 210 ? -8.664  -19.284 -7.038  1.00 22.62  ? 210 SER A C   1 
ATOM   1475 O O   . SER A 1 210 ? -8.015  -20.087 -7.734  1.00 24.03  ? 210 SER A O   1 
ATOM   1476 C CB  . SER A 1 210 ? -9.141  -17.090 -8.248  1.00 20.90  ? 210 SER A CB  1 
ATOM   1477 O OG  . SER A 1 210 ? -8.406  -16.330 -7.308  1.00 22.29  ? 210 SER A OG  1 
ATOM   1478 N N   . ILE A 1 211 ? -8.555  -19.243 -5.719  1.00 22.41  ? 211 ILE A N   1 
ATOM   1479 C CA  . ILE A 1 211 ? -7.563  -19.987 -5.021  1.00 24.63  ? 211 ILE A CA  1 
ATOM   1480 C C   . ILE A 1 211 ? -8.100  -21.393 -4.744  1.00 26.14  ? 211 ILE A C   1 
ATOM   1481 O O   . ILE A 1 211 ? -7.294  -22.336 -4.791  1.00 28.24  ? 211 ILE A O   1 
ATOM   1482 C CB  . ILE A 1 211 ? -7.103  -19.273 -3.734  1.00 23.18  ? 211 ILE A CB  1 
ATOM   1483 C CG1 . ILE A 1 211 ? -6.238  -18.059 -4.069  1.00 23.72  ? 211 ILE A CG1 1 
ATOM   1484 C CG2 . ILE A 1 211 ? -6.376  -20.262 -2.832  1.00 23.42  ? 211 ILE A CG2 1 
ATOM   1485 C CD1 . ILE A 1 211 ? -5.915  -17.161 -2.884  1.00 26.29  ? 211 ILE A CD1 1 
ATOM   1486 N N   . TYR A 1 212 ? -9.405  -21.532 -4.459  1.00 26.67  ? 212 TYR A N   1 
ATOM   1487 C CA  . TYR A 1 212 ? -9.969  -22.867 -4.034  1.00 26.40  ? 212 TYR A CA  1 
ATOM   1488 C C   . TYR A 1 212 ? -10.761 -23.536 -5.157  1.00 27.84  ? 212 TYR A C   1 
ATOM   1489 O O   . TYR A 1 212 ? -11.029 -24.735 -5.077  1.00 30.45  ? 212 TYR A O   1 
ATOM   1490 C CB  . TYR A 1 212 ? -10.782 -22.751 -2.741  1.00 27.28  ? 212 TYR A CB  1 
ATOM   1491 C CG  . TYR A 1 212 ? -9.917  -22.338 -1.579  1.00 27.11  ? 212 TYR A CG  1 
ATOM   1492 C CD1 . TYR A 1 212 ? -9.114  -23.240 -0.899  1.00 27.46  ? 212 TYR A CD1 1 
ATOM   1493 C CD2 . TYR A 1 212 ? -9.862  -21.006 -1.188  1.00 28.42  ? 212 TYR A CD2 1 
ATOM   1494 C CE1 . TYR A 1 212 ? -8.245  -22.825 0.103   1.00 25.05  ? 212 TYR A CE1 1 
ATOM   1495 C CE2 . TYR A 1 212 ? -9.014  -20.575 -0.187  1.00 26.94  ? 212 TYR A CE2 1 
ATOM   1496 C CZ  . TYR A 1 212 ? -8.210  -21.488 0.470   1.00 27.03  ? 212 TYR A CZ  1 
ATOM   1497 O OH  . TYR A 1 212 ? -7.380  -21.005 1.439   1.00 25.83  ? 212 TYR A OH  1 
ATOM   1498 N N   . GLY A 1 213 ? -11.113 -22.792 -6.209  1.00 29.09  ? 213 GLY A N   1 
ATOM   1499 C CA  . GLY A 1 213 ? -11.985 -23.331 -7.271  1.00 33.65  ? 213 GLY A CA  1 
ATOM   1500 C C   . GLY A 1 213 ? -11.203 -24.216 -8.241  1.00 37.76  ? 213 GLY A C   1 
ATOM   1501 O O   . GLY A 1 213 ? -10.097 -23.841 -8.649  1.00 32.36  ? 213 GLY A O   1 
ATOM   1502 N N   . GLU A 1 214 ? -11.767 -25.385 -8.617  1.00 44.16  ? 214 GLU A N   1 
ATOM   1503 C CA  . GLU A 1 214 ? -11.002 -26.412 -9.400  1.00 49.33  ? 214 GLU A CA  1 
ATOM   1504 C C   . GLU A 1 214 ? -11.363 -26.308 -10.880 1.00 47.02  ? 214 GLU A C   1 
ATOM   1505 O O   . GLU A 1 214 ? -12.181 -25.469 -11.232 1.00 43.75  ? 214 GLU A O   1 
ATOM   1506 C CB  . GLU A 1 214 ? -11.223 -27.823 -8.853  1.00 55.06  ? 214 GLU A CB  1 
ATOM   1507 C CG  . GLU A 1 214 ? -12.612 -28.371 -9.036  1.00 64.49  ? 214 GLU A CG  1 
ATOM   1508 C CD  . GLU A 1 214 ? -12.738 -29.774 -8.470  1.00 73.04  ? 214 GLU A CD  1 
ATOM   1509 O OE1 . GLU A 1 214 ? -11.741 -30.265 -7.905  1.00 84.72  ? 214 GLU A OE1 1 
ATOM   1510 O OE2 . GLU A 1 214 ? -13.819 -30.372 -8.605  1.00 74.51  ? 214 GLU A OE2 1 
HETATM 1511 C C4  . U9Z B 2 .   ? -0.980  -5.272  -2.860  1.00 41.12  ? 301 U9Z A C4  1 
HETATM 1512 C C14 . U9Z B 2 .   ? -2.540  -3.038  -2.903  1.00 48.90  ? 301 U9Z A C14 1 
HETATM 1513 C C5  . U9Z B 2 .   ? -2.781  -6.438  -1.498  1.00 36.33  ? 301 U9Z A C5  1 
HETATM 1514 C C6  . U9Z B 2 .   ? -2.202  -8.688  -0.603  1.00 29.76  ? 301 U9Z A C6  1 
HETATM 1515 C C11 . U9Z B 2 .   ? -3.438  -10.090 0.893   1.00 30.30  ? 301 U9Z A C11 1 
HETATM 1516 C C7  . U9Z B 2 .   ? -1.085  -9.509  -0.401  1.00 31.58  ? 301 U9Z A C7  1 
HETATM 1517 C C8  . U9Z B 2 .   ? -1.129  -10.569 0.490   1.00 33.09  ? 301 U9Z A C8  1 
HETATM 1518 C C9  . U9Z B 2 .   ? -2.314  -10.854 1.142   1.00 34.84  ? 301 U9Z A C9  1 
HETATM 1519 C C10 . U9Z B 2 .   ? -2.371  -12.016 2.074   1.00 43.99  ? 301 U9Z A C10 1 
HETATM 1520 C C12 . U9Z B 2 .   ? -3.385  -8.996  0.036   1.00 29.02  ? 301 U9Z A C12 1 
HETATM 1521 C C13 . U9Z B 2 .   ? -2.894  -4.071  -1.857  1.00 43.40  ? 301 U9Z A C13 1 
HETATM 1522 N N1  . U9Z B 2 .   ? -2.211  -5.354  -2.071  1.00 41.89  ? 301 U9Z A N1  1 
HETATM 1523 N N2  . U9Z B 2 .   ? -2.067  -7.607  -1.511  1.00 30.48  ? 301 U9Z A N2  1 
HETATM 1524 C C3  . U9Z B 2 .   ? -0.259  -3.976  -2.557  1.00 50.61  ? 301 U9Z A C3  1 
HETATM 1525 C C1  . U9Z B 2 .   ? -0.706  -1.551  -2.049  1.00 60.05  ? 301 U9Z A C1  1 
HETATM 1526 C C2  . U9Z B 2 .   ? -1.053  -2.733  -2.948  1.00 50.43  ? 301 U9Z A C2  1 
HETATM 1527 O O1  . U9Z B 2 .   ? -3.915  -6.374  -1.026  1.00 42.10  ? 301 U9Z A O1  1 
HETATM 1528 F F1  . U9Z B 2 .   ? -3.604  -12.476 2.260   1.00 42.62  ? 301 U9Z A F1  1 
HETATM 1529 F F2  . U9Z B 2 .   ? -1.655  -13.061 1.643   1.00 50.15  ? 301 U9Z A F2  1 
HETATM 1530 F F3  . U9Z B 2 .   ? -1.901  -11.715 3.284   1.00 49.95  ? 301 U9Z A F3  1 
HETATM 1531 O O   . HOH C 3 .   ? -0.727  14.221  -6.622  1.00 45.34  ? 401 HOH A O   1 
HETATM 1532 O O   . HOH C 3 .   ? -0.645  -18.794 -14.647 1.00 30.26  ? 402 HOH A O   1 
HETATM 1533 O O   . HOH C 3 .   ? -10.877 3.421   -12.706 1.00 26.58  ? 403 HOH A O   1 
HETATM 1534 O O   . HOH C 3 .   ? -16.544 -11.567 0.113   1.00 27.24  ? 404 HOH A O   1 
HETATM 1535 O O   . HOH C 3 .   ? 11.312  -7.603  -2.726  1.00 30.20  ? 405 HOH A O   1 
HETATM 1536 O O   . HOH C 3 .   ? 17.174  29.583  8.994   1.00 24.80  ? 406 HOH A O   1 
HETATM 1537 O O   . HOH C 3 .   ? -7.655  -22.803 -8.143  1.00 24.61  ? 407 HOH A O   1 
HETATM 1538 O O   . HOH C 3 .   ? 1.703   16.658  -8.409  1.00 42.93  ? 408 HOH A O   1 
HETATM 1539 O O   . HOH C 3 .   ? 5.415   -20.683 -5.587  1.00 31.90  ? 409 HOH A O   1 
HETATM 1540 O O   . HOH C 3 .   ? -5.993  5.737   -4.589  1.00 33.47  ? 410 HOH A O   1 
HETATM 1541 O O   . HOH C 3 .   ? 1.626   -25.791 -13.425 1.00 51.74  ? 411 HOH A O   1 
HETATM 1542 O O   . HOH C 3 .   ? 0.984   -29.461 -3.652  1.00 38.00  ? 412 HOH A O   1 
HETATM 1543 O O   . HOH C 3 .   ? -4.973  -23.222 -5.852  1.00 24.14  ? 413 HOH A O   1 
HETATM 1544 O O   . HOH C 3 .   ? -15.139 -2.742  1.800   1.00 23.16  ? 414 HOH A O   1 
HETATM 1545 O O   . HOH C 3 .   ? 6.036   -17.702 -13.648 0.50 29.42  ? 415 HOH A O   1 
HETATM 1546 O O   . HOH C 3 .   ? 14.658  27.125  10.637  1.00 30.98  ? 416 HOH A O   1 
HETATM 1547 O O   . HOH C 3 .   ? -12.534 -0.083  -7.414  1.00 25.11  ? 417 HOH A O   1 
HETATM 1548 O O   . HOH C 3 .   ? 20.439  24.342  6.414   1.00 27.19  ? 418 HOH A O   1 
HETATM 1549 O O   . HOH C 3 .   ? -14.408 -25.697 -7.832  1.00 36.72  ? 419 HOH A O   1 
HETATM 1550 O O   . HOH C 3 .   ? -2.436  10.119  3.259   1.00 30.77  ? 420 HOH A O   1 
HETATM 1551 O O   . HOH C 3 .   ? 7.742   -12.319 -5.946  1.00 28.89  ? 421 HOH A O   1 
HETATM 1552 O O   . HOH C 3 .   ? -16.594 -4.944  1.612   1.00 30.23  ? 422 HOH A O   1 
HETATM 1553 O O   . HOH C 3 .   ? 7.672   7.830   14.060  1.00 45.91  ? 423 HOH A O   1 
HETATM 1554 O O   . HOH C 3 .   ? -12.256 8.859   -12.837 1.00 39.29  ? 424 HOH A O   1 
HETATM 1555 O O   . HOH C 3 .   ? 11.954  0.163   2.878   1.00 34.02  ? 425 HOH A O   1 
HETATM 1556 O O   . HOH C 3 .   ? 12.790  30.640  4.571   1.00 34.31  ? 426 HOH A O   1 
HETATM 1557 O O   . HOH C 3 .   ? -14.318 -20.077 4.526   1.00 40.38  ? 427 HOH A O   1 
HETATM 1558 O O   . HOH C 3 .   ? -18.355 3.531   0.293   1.00 24.37  ? 428 HOH A O   1 
HETATM 1559 O O   . HOH C 3 .   ? -5.164  -30.876 -7.405  1.00 39.23  ? 429 HOH A O   1 
HETATM 1560 O O   . HOH C 3 .   ? -6.840  8.787   4.369   1.00 33.10  ? 430 HOH A O   1 
HETATM 1561 O O   . HOH C 3 .   ? 2.739   -23.698 -8.690  1.00 30.78  ? 431 HOH A O   1 
HETATM 1562 O O   . HOH C 3 .   ? -1.339  6.127   11.179  1.00 53.34  ? 432 HOH A O   1 
HETATM 1563 O O   . HOH C 3 .   ? 9.258   25.445  -4.161  1.00 52.67  ? 433 HOH A O   1 
HETATM 1564 O O   . HOH C 3 .   ? -9.643  3.189   5.327   1.00 39.96  ? 434 HOH A O   1 
HETATM 1565 O O   . HOH C 3 .   ? 9.373   23.386  -5.045  1.00 44.06  ? 435 HOH A O   1 
HETATM 1566 O O   . HOH C 3 .   ? -12.862 -23.463 5.599   1.00 47.61  ? 436 HOH A O   1 
HETATM 1567 O O   . HOH C 3 .   ? 19.660  18.376  13.898  1.00 48.92  ? 437 HOH A O   1 
HETATM 1568 O O   . HOH C 3 .   ? 16.199  31.867  8.055   1.00 33.72  ? 438 HOH A O   1 
HETATM 1569 O O   . HOH C 3 .   ? 5.416   -15.305 -12.140 1.00 38.04  ? 439 HOH A O   1 
HETATM 1570 O O   . HOH C 3 .   ? -19.633 3.322   -10.552 1.00 47.17  ? 440 HOH A O   1 
HETATM 1571 O O   . HOH C 3 .   ? 11.110  -11.844 -3.843  1.00 45.98  ? 441 HOH A O   1 
HETATM 1572 O O   . HOH C 3 .   ? 3.590   -19.885 4.836   1.00 43.50  ? 442 HOH A O   1 
HETATM 1573 O O   . HOH C 3 .   ? 20.284  22.393  11.669  1.00 44.76  ? 443 HOH A O   1 
# 
